data_8XC4
#
_entry.id   8XC4
#
_cell.length_a   193.422
_cell.length_b   193.422
_cell.length_c   198.111
_cell.angle_alpha   90.00
_cell.angle_beta   90.00
_cell.angle_gamma   90.00
#
_symmetry.space_group_name_H-M   'P 41 21 2'
#
loop_
_entity.id
_entity.type
_entity.pdbx_description
1 polymer Glycoprotein
2 polymer 1E5-VH
3 polymer 1E5-VL
4 branched beta-D-mannopyranose-(1-4)-2-acetamido-2-deoxy-beta-D-glucopyranose-(1-4)-[alpha-L-fucopyranose-(1-6)]2-acetamido-2-deoxy-beta-D-glucopyranose
5 branched alpha-D-mannopyranose-(1-3)-beta-D-mannopyranose-(1-4)-2-acetamido-2-deoxy-beta-D-glucopyranose-(1-4)-[alpha-L-fucopyranose-(1-6)]2-acetamido-2-deoxy-beta-D-glucopyranose
6 branched beta-D-mannopyranose-(1-4)-2-acetamido-2-deoxy-beta-D-glucopyranose-(1-4)-2-acetamido-2-deoxy-beta-D-glucopyranose
7 branched beta-D-mannopyranose-(1-4)-2-acetamido-2-deoxy-beta-D-glucopyranose-(1-4)-[alpha-L-fucopyranose-(1-3)][alpha-L-fucopyranose-(1-6)]2-acetamido-2-deoxy-beta-D-glucopyranose
8 non-polymer 2-acetamido-2-deoxy-beta-D-glucopyranose
#
loop_
_entity_poly.entity_id
_entity_poly.type
_entity_poly.pdbx_seq_one_letter_code
_entity_poly.pdbx_strand_id
1 'polypeptide(L)'
;HHHHHHGSGGGSEGVSNLVGLPNNICLQKTSNQILKPKLISYTLPVVGQSGTCITDPLLAMDEGYFAYSHLEKIGSCSRG
VSKQRIIGVGEVLDRGDEVPSLFMTNVWTPSNPNTVYHCSAVYNNEFYYVLCAVSVVGDPILNSTYWSGSLMMTRLAVKP
KNNGESYNQHQFALRNIEKGKYDKVMPYGPSGIKQGDTLYFPAVGFLVRTEFKYNDSNCPIAECQYSKPENCRLSMGIRP
NSHYILRSGLLKYNLSDEENSKIVFIEISDQRLSIGSPSKIYDSLGQPVFYQASFSWDTMIKFGDVQTVNPLVVNWRDNT
VISRPGQSQCPRFNKCPEVCWEGVYNDAFLIDRINWISAGVFLDSNQTAENPVFTVFKDNEVLYRAQLASEDTNAQKTIT
NCFLLKNKIWCISLVEIYDTGDNVIRPKLFAVKIPEQCT
;
A,B
2 'polypeptide(L)'
;QVQLQESGPGVVKPSETLSLTCAVSGGSISDTYRWSWIRQPPGKGLEWIGYIYGSATSTYYNPSLSSRVTISKDMSKNQF
SLNLNSVTAADTAVYYCARDYQYYYSGSYPTPHNWFDVWGPGVLVTVSSASTKGPSVFPLAPSSKSTSGGTAALGCLVKD
YFPEPVTVSWNSGALTSGVHTFPAVLQSSGLYSLSSVVTVPSSGLGTQTYICNVNHKPSNTKVDKKVEPKSCDKTHHHHH
HH
;
C,E
3 'polypeptide(L)'
;DIQMTQSPSSLSASVGDRVTITCRASQGIIDYLSWYQQKPGKAPKLLISTASNLESGVPSRFSGSGSGTEFTLTISSLQP
EDFATYSCLQGYTTPYTFGQGTKVEIKRTVAAPSVFIFPPSDEQLKSGTASVVCLLNNFYPREAKVQWKVDNALQSGNSQ
ESVTEQDSKDSTYSLSSTLTLSKADYEKHKVYACEVTHQGLSSPVTKSFNRGEC
;
D,F
#
loop_
_chem_comp.id
_chem_comp.type
_chem_comp.name
_chem_comp.formula
BMA D-saccharide, beta linking beta-D-mannopyranose 'C6 H12 O6'
FUC L-saccharide, alpha linking alpha-L-fucopyranose 'C6 H12 O5'
MAN D-saccharide, alpha linking alpha-D-mannopyranose 'C6 H12 O6'
NAG D-saccharide, beta linking 2-acetamido-2-deoxy-beta-D-glucopyranose 'C8 H15 N O6'
#
# COMPACT_ATOMS: atom_id res chain seq x y z
N SER A 12 -6.99 0.25 34.10
CA SER A 12 -8.03 -0.21 33.18
C SER A 12 -7.40 -0.89 31.97
N GLU A 13 -7.61 -0.27 30.80
CA GLU A 13 -7.04 -0.77 29.54
C GLU A 13 -7.50 -2.19 29.24
N GLY A 14 -8.71 -2.53 29.65
CA GLY A 14 -9.24 -3.88 29.50
C GLY A 14 -10.50 -3.88 28.65
N VAL A 15 -10.57 -4.82 27.73
CA VAL A 15 -11.69 -4.96 26.80
C VAL A 15 -12.59 -6.10 27.25
N SER A 16 -13.89 -5.80 27.35
CA SER A 16 -14.87 -6.80 27.81
C SER A 16 -15.92 -7.03 26.73
N ASN A 17 -16.60 -8.17 26.79
CA ASN A 17 -17.64 -8.54 25.78
C ASN A 17 -18.87 -7.69 26.01
N LEU A 18 -19.75 -7.59 25.02
CA LEU A 18 -20.88 -6.68 25.22
C LEU A 18 -21.88 -7.43 26.07
N VAL A 19 -22.04 -7.00 27.32
CA VAL A 19 -22.99 -7.60 28.27
C VAL A 19 -23.46 -6.45 29.16
N GLY A 20 -24.62 -6.56 29.77
CA GLY A 20 -25.07 -5.50 30.70
C GLY A 20 -25.67 -4.31 30.00
N LEU A 21 -25.78 -3.20 30.71
CA LEU A 21 -26.33 -1.96 30.11
C LEU A 21 -25.16 -1.05 29.74
N PRO A 22 -24.64 -1.13 28.52
CA PRO A 22 -23.57 -0.22 28.09
C PRO A 22 -24.04 1.22 28.09
N ASN A 23 -23.07 2.14 28.06
CA ASN A 23 -23.40 3.55 28.00
C ASN A 23 -24.25 3.84 26.78
N ASN A 24 -25.18 4.78 26.91
CA ASN A 24 -26.14 5.08 25.86
C ASN A 24 -25.44 5.39 24.54
N ILE A 25 -26.00 4.86 23.46
CA ILE A 25 -25.57 5.23 22.13
C ILE A 25 -26.61 6.18 21.55
N CYS A 26 -26.26 6.79 20.41
CA CYS A 26 -27.24 7.58 19.66
C CYS A 26 -28.29 6.65 19.07
N LEU A 27 -29.55 6.84 19.48
CA LEU A 27 -30.69 6.08 19.02
C LEU A 27 -31.48 6.83 17.96
N GLN A 28 -30.93 7.90 17.43
CA GLN A 28 -31.64 8.85 16.59
C GLN A 28 -31.12 8.73 15.17
N LYS A 29 -32.02 8.64 14.20
CA LYS A 29 -31.57 8.59 12.81
C LYS A 29 -31.04 9.95 12.41
N THR A 30 -29.82 9.98 11.89
CA THR A 30 -29.19 11.25 11.59
C THR A 30 -28.24 11.13 10.41
N SER A 31 -27.94 12.28 9.82
CA SER A 31 -26.95 12.40 8.76
C SER A 31 -25.62 12.94 9.25
N ASN A 32 -25.59 13.54 10.45
CA ASN A 32 -24.36 14.14 10.96
C ASN A 32 -23.24 13.12 10.97
N GLN A 33 -22.02 13.60 10.76
CA GLN A 33 -20.87 12.71 10.66
C GLN A 33 -20.39 12.37 12.08
N ILE A 34 -21.26 11.69 12.82
CA ILE A 34 -20.97 11.41 14.24
C ILE A 34 -20.08 10.19 14.40
N LEU A 35 -20.07 9.28 13.43
CA LEU A 35 -19.14 8.17 13.45
C LEU A 35 -17.79 8.64 12.92
N LYS A 36 -16.72 8.39 13.68
CA LYS A 36 -15.37 8.83 13.33
C LYS A 36 -14.42 7.66 13.48
N PRO A 37 -14.24 6.86 12.42
CA PRO A 37 -13.40 5.66 12.52
C PRO A 37 -11.94 5.99 12.78
N LYS A 38 -11.25 5.02 13.35
CA LYS A 38 -9.82 5.02 13.59
C LYS A 38 -9.21 3.87 12.79
N LEU A 39 -8.17 4.13 12.03
CA LEU A 39 -7.38 3.04 11.47
C LEU A 39 -6.41 2.56 12.54
N ILE A 40 -6.46 1.26 12.88
CA ILE A 40 -5.73 0.77 14.04
C ILE A 40 -4.86 -0.42 13.68
N SER A 41 -4.60 -0.63 12.39
CA SER A 41 -3.93 -1.86 12.02
C SER A 41 -2.43 -1.84 12.27
N TYR A 42 -1.88 -0.77 12.87
CA TYR A 42 -0.43 -0.61 12.98
C TYR A 42 0.18 -1.35 14.18
N THR A 43 -0.61 -1.80 15.15
CA THR A 43 -0.05 -2.55 16.27
C THR A 43 0.01 -4.05 15.99
N LEU A 44 -0.84 -4.46 15.04
CA LEU A 44 -0.78 -5.84 14.52
C LEU A 44 -0.08 -5.60 13.19
N PRO A 45 1.24 -5.76 13.10
CA PRO A 45 1.97 -5.36 11.92
C PRO A 45 2.00 -6.50 10.93
N VAL A 46 1.32 -7.60 11.25
CA VAL A 46 1.43 -8.80 10.38
C VAL A 46 0.93 -8.38 9.01
N VAL A 47 -0.08 -7.54 8.96
CA VAL A 47 -0.69 -7.12 7.66
C VAL A 47 0.34 -6.40 6.79
N GLY A 48 1.26 -5.60 7.35
CA GLY A 48 2.06 -4.72 6.48
C GLY A 48 2.80 -5.49 5.40
N GLN A 49 2.73 -5.01 4.16
CA GLN A 49 3.29 -5.73 2.98
C GLN A 49 3.51 -4.74 1.83
N SER A 50 4.25 -5.12 0.78
CA SER A 50 4.39 -4.23 -0.39
C SER A 50 4.09 -4.95 -1.71
N GLY A 51 2.81 -5.13 -2.04
CA GLY A 51 2.41 -5.72 -3.34
C GLY A 51 2.22 -7.23 -3.40
N THR A 52 2.52 -7.99 -2.34
CA THR A 52 2.14 -9.43 -2.31
C THR A 52 0.64 -9.39 -2.03
N CYS A 53 -0.13 -10.42 -2.34
CA CYS A 53 -1.58 -10.28 -2.05
C CYS A 53 -1.92 -11.00 -0.76
N ILE A 54 -2.62 -10.31 0.14
CA ILE A 54 -3.04 -10.93 1.43
C ILE A 54 -4.53 -11.23 1.29
N THR A 55 -4.94 -12.48 1.53
CA THR A 55 -6.34 -12.90 1.25
C THR A 55 -6.86 -13.96 2.22
N ASP A 56 -8.17 -14.17 2.20
CA ASP A 56 -8.79 -15.24 3.03
C ASP A 56 -8.65 -14.80 4.47
N PRO A 57 -9.19 -13.64 4.85
CA PRO A 57 -8.97 -13.12 6.21
C PRO A 57 -9.89 -13.78 7.23
N LEU A 58 -9.42 -13.77 8.47
CA LEU A 58 -10.18 -14.28 9.60
C LEU A 58 -9.91 -13.39 10.80
N LEU A 59 -10.96 -12.78 11.36
CA LEU A 59 -10.85 -12.06 12.62
C LEU A 59 -11.96 -12.53 13.55
N ALA A 60 -11.57 -13.02 14.72
CA ALA A 60 -12.49 -13.44 15.77
C ALA A 60 -12.11 -12.75 17.05
N MET A 61 -13.11 -12.26 17.80
CA MET A 61 -12.83 -11.66 19.09
C MET A 61 -13.79 -12.19 20.16
N ASP A 62 -13.24 -12.37 21.35
CA ASP A 62 -13.96 -12.90 22.49
C ASP A 62 -13.17 -12.61 23.76
N GLU A 63 -13.81 -12.00 24.75
CA GLU A 63 -13.26 -11.89 26.11
C GLU A 63 -11.90 -11.20 26.13
N GLY A 64 -11.76 -10.13 25.34
CA GLY A 64 -10.50 -9.40 25.33
C GLY A 64 -9.36 -10.11 24.64
N TYR A 65 -9.66 -11.17 23.89
CA TYR A 65 -8.66 -11.87 23.09
C TYR A 65 -9.18 -11.95 21.66
N PHE A 66 -8.29 -12.34 20.76
CA PHE A 66 -8.67 -12.43 19.36
C PHE A 66 -7.86 -13.51 18.66
N ALA A 67 -8.43 -13.95 17.54
CA ALA A 67 -7.79 -14.83 16.58
C ALA A 67 -7.77 -14.11 15.23
N TYR A 68 -6.69 -14.32 14.48
CA TYR A 68 -6.48 -13.67 13.21
C TYR A 68 -5.91 -14.70 12.24
N SER A 69 -6.14 -14.47 10.95
CA SER A 69 -5.53 -15.34 9.96
C SER A 69 -5.56 -14.66 8.61
N HIS A 70 -4.53 -14.93 7.82
CA HIS A 70 -4.60 -14.63 6.40
C HIS A 70 -3.70 -15.59 5.63
N LEU A 71 -3.88 -15.54 4.31
CA LEU A 71 -3.05 -16.26 3.36
C LEU A 71 -2.35 -15.26 2.46
N GLU A 72 -1.03 -15.35 2.38
CA GLU A 72 -0.22 -14.50 1.53
C GLU A 72 0.13 -15.26 0.26
N LYS A 73 -0.23 -14.69 -0.88
CA LYS A 73 -0.01 -15.27 -2.20
C LYS A 73 0.94 -14.38 -3.00
N ILE A 74 1.91 -15.01 -3.65
CA ILE A 74 2.80 -14.33 -4.59
C ILE A 74 2.05 -14.11 -5.91
N GLY A 75 1.99 -12.85 -6.35
CA GLY A 75 1.39 -12.56 -7.64
C GLY A 75 0.01 -11.94 -7.54
N SER A 76 -0.81 -12.12 -8.57
CA SER A 76 -2.14 -11.55 -8.56
C SER A 76 -3.03 -12.26 -7.54
N CYS A 77 -4.01 -11.51 -7.02
CA CYS A 77 -4.84 -12.03 -5.94
C CYS A 77 -5.70 -13.21 -6.35
N SER A 78 -5.96 -13.36 -7.65
CA SER A 78 -6.86 -14.39 -8.15
C SER A 78 -6.14 -15.61 -8.73
N ARG A 79 -4.92 -15.44 -9.21
CA ARG A 79 -4.18 -16.55 -9.79
C ARG A 79 -2.80 -16.70 -9.17
N GLY A 80 -2.56 -16.04 -8.05
CA GLY A 80 -1.28 -16.13 -7.40
C GLY A 80 -1.06 -17.46 -6.71
N VAL A 81 0.17 -17.62 -6.20
CA VAL A 81 0.63 -18.86 -5.60
C VAL A 81 0.70 -18.66 -4.10
N SER A 82 0.11 -19.59 -3.35
CA SER A 82 0.12 -19.49 -1.89
C SER A 82 1.55 -19.54 -1.36
N LYS A 83 1.91 -18.51 -0.60
CA LYS A 83 3.24 -18.35 -0.03
C LYS A 83 3.27 -18.62 1.46
N GLN A 84 2.33 -18.04 2.22
CA GLN A 84 2.31 -18.24 3.66
C GLN A 84 0.89 -18.33 4.18
N ARG A 85 0.66 -19.18 5.17
CA ARG A 85 -0.56 -19.13 5.95
C ARG A 85 -0.21 -18.73 7.37
N ILE A 86 -0.88 -17.71 7.89
CA ILE A 86 -0.65 -17.25 9.26
C ILE A 86 -1.94 -17.34 10.06
N ILE A 87 -1.86 -18.06 11.19
CA ILE A 87 -2.94 -18.17 12.16
C ILE A 87 -2.39 -17.68 13.49
N GLY A 88 -2.94 -16.58 14.00
CA GLY A 88 -2.42 -15.97 15.21
C GLY A 88 -3.52 -15.69 16.22
N VAL A 89 -3.09 -15.40 17.44
CA VAL A 89 -3.98 -15.03 18.53
C VAL A 89 -3.29 -13.97 19.38
N GLY A 90 -4.09 -13.13 20.02
CA GLY A 90 -3.55 -12.06 20.84
C GLY A 90 -4.60 -11.46 21.73
N GLU A 91 -4.26 -10.29 22.30
CA GLU A 91 -5.14 -9.59 23.23
C GLU A 91 -5.68 -8.31 22.60
N VAL A 92 -6.86 -7.91 23.04
CA VAL A 92 -7.48 -6.65 22.66
C VAL A 92 -7.44 -5.72 23.87
N LEU A 93 -6.69 -4.63 23.76
CA LEU A 93 -6.54 -3.71 24.88
C LEU A 93 -6.65 -2.28 24.41
N ASP A 94 -6.95 -1.40 25.35
CA ASP A 94 -6.85 0.03 25.12
C ASP A 94 -5.38 0.39 24.93
N ARG A 95 -5.05 1.02 23.80
CA ARG A 95 -3.65 1.37 23.57
C ARG A 95 -3.17 2.49 24.47
N GLY A 96 -4.07 3.19 25.15
CA GLY A 96 -3.67 4.29 26.02
C GLY A 96 -4.53 5.52 25.87
N ASP A 97 -5.07 5.77 24.67
CA ASP A 97 -5.92 6.92 24.43
C ASP A 97 -7.41 6.53 24.41
N GLU A 98 -7.78 5.45 25.08
CA GLU A 98 -9.14 4.92 25.10
C GLU A 98 -9.62 4.53 23.70
N VAL A 99 -8.72 3.92 22.94
CA VAL A 99 -9.03 3.32 21.64
C VAL A 99 -8.54 1.89 21.70
N PRO A 100 -9.36 0.91 21.32
CA PRO A 100 -8.91 -0.48 21.34
C PRO A 100 -8.06 -0.82 20.12
N SER A 101 -7.13 -1.75 20.31
CA SER A 101 -6.27 -2.19 19.23
C SER A 101 -5.79 -3.60 19.52
N LEU A 102 -5.45 -4.33 18.46
CA LEU A 102 -5.05 -5.73 18.57
C LEU A 102 -3.54 -5.85 18.72
N PHE A 103 -3.11 -6.69 19.67
CA PHE A 103 -1.71 -6.99 19.92
C PHE A 103 -1.57 -8.51 19.89
N MET A 104 -0.68 -9.02 19.04
CA MET A 104 -0.62 -10.47 18.86
C MET A 104 0.36 -11.11 19.84
N THR A 105 0.03 -12.33 20.27
CA THR A 105 0.80 -13.07 21.27
C THR A 105 1.36 -14.39 20.77
N ASN A 106 0.59 -15.14 19.98
CA ASN A 106 0.99 -16.47 19.53
C ASN A 106 0.70 -16.60 18.04
N VAL A 107 1.70 -16.96 17.24
CA VAL A 107 1.52 -17.15 15.81
C VAL A 107 1.93 -18.57 15.43
N TRP A 108 1.19 -19.15 14.50
CA TRP A 108 1.52 -20.44 13.93
C TRP A 108 1.47 -20.32 12.41
N THR A 109 2.50 -20.86 11.76
CA THR A 109 2.58 -20.90 10.31
C THR A 109 2.44 -22.36 9.87
N PRO A 110 1.33 -22.75 9.24
CA PRO A 110 1.25 -24.09 8.67
C PRO A 110 2.46 -24.41 7.80
N SER A 111 2.88 -25.67 7.86
CA SER A 111 4.08 -26.09 7.14
C SER A 111 3.88 -25.96 5.63
N ASN A 112 2.75 -26.46 5.12
CA ASN A 112 2.39 -26.31 3.71
C ASN A 112 1.14 -25.46 3.58
N PRO A 113 1.25 -24.25 3.01
CA PRO A 113 0.06 -23.40 2.85
C PRO A 113 -1.02 -24.01 1.97
N ASN A 114 -0.63 -24.86 1.01
CA ASN A 114 -1.61 -25.35 0.04
C ASN A 114 -2.54 -26.41 0.60
N THR A 115 -2.44 -26.75 1.88
CA THR A 115 -3.35 -27.73 2.46
C THR A 115 -4.44 -27.11 3.33
N VAL A 116 -4.28 -25.87 3.79
CA VAL A 116 -5.17 -25.25 4.77
C VAL A 116 -6.18 -24.35 4.08
N TYR A 117 -7.47 -24.62 4.32
CA TYR A 117 -8.59 -23.91 3.70
C TYR A 117 -9.70 -23.68 4.71
N HIS A 118 -10.33 -22.51 4.62
CA HIS A 118 -11.60 -22.22 5.31
C HIS A 118 -11.49 -22.38 6.83
N CYS A 119 -10.44 -21.85 7.45
CA CYS A 119 -10.36 -21.87 8.90
C CYS A 119 -11.50 -21.09 9.55
N SER A 120 -11.66 -21.35 10.85
CA SER A 120 -12.68 -20.76 11.71
C SER A 120 -12.18 -20.85 13.14
N ALA A 121 -12.56 -19.88 13.97
CA ALA A 121 -11.98 -19.79 15.31
C ALA A 121 -13.06 -19.68 16.38
N VAL A 122 -12.78 -20.28 17.54
CA VAL A 122 -13.65 -20.22 18.72
C VAL A 122 -12.77 -20.15 19.96
N TYR A 123 -13.11 -19.25 20.87
CA TYR A 123 -12.35 -19.09 22.11
C TYR A 123 -12.95 -19.94 23.22
N ASN A 124 -12.07 -20.43 24.09
CA ASN A 124 -12.52 -21.09 25.32
C ASN A 124 -11.36 -21.16 26.30
N ASN A 125 -11.55 -20.53 27.46
CA ASN A 125 -10.73 -20.72 28.66
C ASN A 125 -9.23 -20.69 28.33
N GLU A 126 -8.81 -19.56 27.77
CA GLU A 126 -7.41 -19.19 27.53
C GLU A 126 -6.78 -19.91 26.36
N PHE A 127 -7.60 -20.49 25.49
CA PHE A 127 -7.12 -20.96 24.20
C PHE A 127 -8.09 -20.48 23.13
N TYR A 128 -7.56 -20.25 21.94
CA TYR A 128 -8.36 -20.33 20.74
C TYR A 128 -8.19 -21.70 20.10
N TYR A 129 -9.29 -22.22 19.58
CA TYR A 129 -9.28 -23.38 18.71
C TYR A 129 -9.63 -22.89 17.32
N VAL A 130 -8.81 -23.23 16.35
CA VAL A 130 -9.04 -22.89 14.96
C VAL A 130 -9.28 -24.20 14.24
N LEU A 131 -10.55 -24.47 13.94
CA LEU A 131 -10.94 -25.60 13.12
C LEU A 131 -10.73 -25.24 11.66
N CYS A 132 -10.26 -26.18 10.87
CA CYS A 132 -9.82 -25.79 9.56
C CYS A 132 -9.84 -27.01 8.65
N ALA A 133 -9.99 -26.76 7.34
CA ALA A 133 -10.17 -27.82 6.37
C ALA A 133 -8.85 -28.11 5.64
N VAL A 134 -8.55 -29.39 5.47
CA VAL A 134 -7.30 -29.86 4.86
C VAL A 134 -7.62 -30.53 3.54
N SER A 135 -6.98 -30.05 2.47
CA SER A 135 -7.30 -30.56 1.14
C SER A 135 -6.08 -30.57 0.23
N VAL A 136 -5.88 -31.70 -0.45
CA VAL A 136 -4.86 -31.84 -1.50
C VAL A 136 -5.45 -31.75 -2.90
N VAL A 137 -6.77 -31.55 -3.02
CA VAL A 137 -7.43 -31.48 -4.31
C VAL A 137 -7.75 -30.05 -4.71
N GLY A 138 -7.45 -29.09 -3.85
CA GLY A 138 -7.79 -27.69 -4.06
C GLY A 138 -8.80 -27.22 -3.05
N ASP A 139 -9.40 -26.06 -3.33
CA ASP A 139 -10.48 -25.53 -2.50
C ASP A 139 -11.63 -26.53 -2.45
N PRO A 140 -12.00 -27.04 -1.28
CA PRO A 140 -13.05 -28.07 -1.23
C PRO A 140 -14.33 -27.65 -1.91
N ILE A 141 -14.72 -26.38 -1.82
CA ILE A 141 -15.96 -25.92 -2.44
C ILE A 141 -15.89 -26.07 -3.96
N LEU A 142 -14.71 -25.82 -4.53
CA LEU A 142 -14.57 -25.79 -5.99
C LEU A 142 -14.35 -27.17 -6.60
N ASN A 143 -13.54 -28.02 -5.96
CA ASN A 143 -13.36 -29.41 -6.38
C ASN A 143 -13.96 -30.33 -5.31
N SER A 144 -15.29 -30.29 -5.21
CA SER A 144 -15.95 -30.78 -4.01
C SER A 144 -16.04 -32.30 -3.96
N THR A 145 -16.29 -32.95 -5.10
CA THR A 145 -16.52 -34.40 -5.03
C THR A 145 -15.25 -35.18 -4.71
N TYR A 146 -14.06 -34.59 -4.91
CA TYR A 146 -12.82 -35.28 -4.61
C TYR A 146 -12.22 -34.93 -3.25
N TRP A 147 -12.71 -33.89 -2.59
CA TRP A 147 -12.14 -33.49 -1.31
C TRP A 147 -12.22 -34.65 -0.32
N SER A 148 -11.07 -35.01 0.27
CA SER A 148 -11.03 -36.15 1.17
C SER A 148 -11.99 -35.97 2.34
N GLY A 149 -12.27 -34.73 2.74
CA GLY A 149 -13.14 -34.45 3.85
C GLY A 149 -12.45 -34.23 5.17
N SER A 150 -11.12 -34.26 5.19
CA SER A 150 -10.38 -34.23 6.44
C SER A 150 -10.37 -32.82 7.05
N LEU A 151 -10.32 -32.79 8.37
CA LEU A 151 -10.33 -31.55 9.15
C LEU A 151 -9.20 -31.58 10.18
N MET A 152 -8.66 -30.40 10.47
CA MET A 152 -7.61 -30.23 11.45
C MET A 152 -8.04 -29.21 12.49
N MET A 153 -7.67 -29.45 13.76
CA MET A 153 -8.02 -28.55 14.86
C MET A 153 -6.74 -28.04 15.50
N THR A 154 -6.39 -26.78 15.25
CA THR A 154 -5.26 -26.17 15.96
C THR A 154 -5.77 -25.54 17.25
N ARG A 155 -4.92 -25.52 18.27
CA ARG A 155 -5.23 -24.85 19.53
C ARG A 155 -4.03 -24.00 19.92
N LEU A 156 -4.26 -22.70 19.92
CA LEU A 156 -3.26 -21.66 20.19
C LEU A 156 -3.58 -21.05 21.55
N ALA A 157 -2.58 -20.94 22.40
CA ALA A 157 -2.78 -20.30 23.70
C ALA A 157 -2.66 -18.79 23.55
N VAL A 158 -3.61 -18.05 24.13
CA VAL A 158 -3.55 -16.60 24.08
C VAL A 158 -2.46 -16.05 25.00
N LYS A 159 -2.05 -16.82 26.01
CA LYS A 159 -1.01 -16.43 26.95
C LYS A 159 0.12 -17.44 26.85
N PRO A 160 0.99 -17.31 25.84
CA PRO A 160 2.05 -18.30 25.66
C PRO A 160 3.00 -18.27 26.84
N LYS A 161 3.60 -19.42 27.11
CA LYS A 161 4.58 -19.54 28.18
C LYS A 161 5.92 -19.94 27.58
N ASN A 162 6.98 -19.38 28.14
CA ASN A 162 8.31 -19.57 27.58
C ASN A 162 8.78 -21.00 27.75
N ASN A 163 9.45 -21.53 26.72
CA ASN A 163 9.94 -22.91 26.70
C ASN A 163 8.84 -23.90 27.05
N GLY A 164 7.61 -23.57 26.66
CA GLY A 164 6.48 -24.46 26.85
C GLY A 164 5.85 -24.85 25.54
N GLU A 165 5.84 -26.14 25.24
CA GLU A 165 5.23 -26.68 24.03
C GLU A 165 4.06 -27.57 24.43
N SER A 166 3.13 -27.72 23.49
CA SER A 166 1.86 -28.42 23.68
C SER A 166 0.93 -27.66 24.62
N TYR A 167 1.43 -26.60 25.26
CA TYR A 167 0.51 -25.62 25.84
C TYR A 167 0.28 -24.50 24.84
N ASN A 168 1.38 -23.99 24.27
CA ASN A 168 1.29 -22.88 23.33
C ASN A 168 0.61 -23.30 22.04
N GLN A 169 1.02 -24.42 21.46
CA GLN A 169 0.43 -24.91 20.22
C GLN A 169 0.13 -26.39 20.32
N HIS A 170 -1.06 -26.79 19.85
CA HIS A 170 -1.42 -28.21 19.84
C HIS A 170 -2.35 -28.51 18.68
N GLN A 171 -2.03 -29.55 17.91
CA GLN A 171 -2.83 -29.92 16.74
C GLN A 171 -3.54 -31.25 16.98
N PHE A 172 -4.85 -31.26 16.74
CA PHE A 172 -5.70 -32.45 16.82
C PHE A 172 -6.11 -32.86 15.42
N ALA A 173 -6.07 -34.17 15.15
CA ALA A 173 -6.64 -34.74 13.94
C ALA A 173 -8.00 -35.32 14.28
N LEU A 174 -9.03 -34.86 13.57
CA LEU A 174 -10.42 -35.21 13.90
C LEU A 174 -10.79 -36.48 13.16
N ARG A 175 -10.54 -37.62 13.82
CA ARG A 175 -10.78 -38.91 13.20
C ARG A 175 -12.26 -39.18 13.01
N ASN A 176 -13.09 -38.87 14.01
CA ASN A 176 -14.48 -39.26 14.04
C ASN A 176 -15.37 -38.04 13.80
N ILE A 177 -15.93 -37.96 12.60
CA ILE A 177 -16.82 -36.88 12.20
C ILE A 177 -18.23 -37.45 12.10
N GLU A 178 -19.15 -36.90 12.89
CA GLU A 178 -20.56 -37.21 12.78
C GLU A 178 -21.16 -36.28 11.73
N LYS A 179 -21.45 -36.84 10.56
CA LYS A 179 -21.92 -36.06 9.41
C LYS A 179 -23.35 -36.37 9.01
N GLY A 180 -23.98 -37.39 9.59
CA GLY A 180 -25.34 -37.72 9.22
C GLY A 180 -25.44 -38.12 7.77
N LYS A 181 -26.39 -37.52 7.06
CA LYS A 181 -26.65 -37.85 5.66
C LYS A 181 -25.62 -37.23 4.72
N TYR A 182 -24.91 -36.19 5.17
CA TYR A 182 -23.95 -35.48 4.34
C TYR A 182 -22.69 -36.31 4.10
N ASP A 183 -22.12 -36.16 2.89
CA ASP A 183 -20.83 -36.80 2.61
C ASP A 183 -19.69 -36.10 3.32
N LYS A 184 -19.70 -34.77 3.32
CA LYS A 184 -18.59 -33.98 3.83
C LYS A 184 -19.15 -32.82 4.63
N VAL A 185 -18.39 -32.39 5.63
CA VAL A 185 -18.70 -31.17 6.38
C VAL A 185 -17.43 -30.36 6.50
N MET A 186 -17.60 -29.06 6.74
CA MET A 186 -16.45 -28.18 6.60
C MET A 186 -16.66 -26.89 7.36
N PRO A 187 -15.64 -26.38 8.05
CA PRO A 187 -15.73 -25.02 8.61
C PRO A 187 -16.01 -24.05 7.50
N TYR A 188 -16.93 -23.11 7.72
CA TYR A 188 -17.20 -22.25 6.58
C TYR A 188 -17.77 -20.95 7.15
N GLY A 189 -16.87 -20.18 7.76
CA GLY A 189 -17.21 -18.97 8.47
C GLY A 189 -16.10 -18.56 9.42
N PRO A 190 -16.05 -17.28 9.79
CA PRO A 190 -14.95 -16.76 10.62
C PRO A 190 -14.97 -17.19 12.09
N SER A 191 -16.09 -16.93 12.76
CA SER A 191 -16.16 -16.90 14.21
C SER A 191 -17.23 -17.86 14.71
N GLY A 192 -17.01 -18.40 15.92
CA GLY A 192 -18.00 -19.25 16.57
C GLY A 192 -18.13 -18.92 18.03
N ILE A 193 -18.99 -19.68 18.71
CA ILE A 193 -19.25 -19.45 20.13
C ILE A 193 -18.81 -20.66 20.94
N LYS A 194 -18.65 -20.41 22.24
CA LYS A 194 -18.51 -21.45 23.25
C LYS A 194 -19.76 -21.44 24.11
N GLN A 195 -20.25 -22.63 24.45
CA GLN A 195 -21.28 -22.78 25.47
C GLN A 195 -20.75 -23.81 26.45
N GLY A 196 -20.39 -23.34 27.64
CA GLY A 196 -19.76 -24.18 28.64
C GLY A 196 -18.47 -24.81 28.14
N ASP A 197 -18.50 -26.12 27.94
CA ASP A 197 -17.34 -26.87 27.49
C ASP A 197 -17.35 -27.15 26.00
N THR A 198 -18.42 -26.78 25.30
CA THR A 198 -18.60 -27.17 23.90
C THR A 198 -18.42 -25.95 23.00
N LEU A 199 -17.69 -26.16 21.89
CA LEU A 199 -17.43 -25.14 20.90
C LEU A 199 -18.33 -25.35 19.70
N TYR A 200 -18.84 -24.27 19.13
CA TYR A 200 -19.66 -24.29 17.93
C TYR A 200 -19.02 -23.38 16.89
N PHE A 201 -18.57 -23.99 15.79
CA PHE A 201 -17.99 -23.36 14.62
C PHE A 201 -19.04 -23.22 13.52
N PRO A 202 -19.07 -22.09 12.81
CA PRO A 202 -19.91 -22.02 11.62
C PRO A 202 -19.41 -22.98 10.56
N ALA A 203 -20.31 -23.82 10.05
CA ALA A 203 -19.93 -24.90 9.17
C ALA A 203 -20.92 -25.03 8.02
N VAL A 204 -20.60 -25.92 7.09
CA VAL A 204 -21.47 -26.24 5.96
C VAL A 204 -21.33 -27.72 5.66
N GLY A 205 -22.42 -28.30 5.15
CA GLY A 205 -22.46 -29.70 4.76
C GLY A 205 -22.74 -29.86 3.29
N PHE A 206 -22.09 -30.86 2.70
CA PHE A 206 -22.24 -31.22 1.28
C PHE A 206 -23.20 -32.40 1.20
N LEU A 207 -24.37 -32.20 0.63
CA LEU A 207 -25.37 -33.25 0.51
C LEU A 207 -25.58 -33.57 -0.96
N VAL A 208 -25.55 -34.86 -1.31
CA VAL A 208 -25.79 -35.23 -2.70
C VAL A 208 -27.18 -34.76 -3.09
N ARG A 209 -27.24 -33.98 -4.17
CA ARG A 209 -28.47 -33.30 -4.56
C ARG A 209 -29.65 -34.26 -4.65
N THR A 210 -29.44 -35.46 -5.20
CA THR A 210 -30.55 -36.38 -5.36
C THR A 210 -31.03 -36.98 -4.04
N GLU A 211 -30.31 -36.73 -2.94
CA GLU A 211 -30.81 -37.06 -1.61
C GLU A 211 -31.40 -35.85 -0.91
N PHE A 212 -31.46 -34.71 -1.58
CA PHE A 212 -32.01 -33.48 -1.01
C PHE A 212 -33.51 -33.43 -1.25
N LYS A 213 -34.27 -33.77 -0.22
CA LYS A 213 -35.73 -33.75 -0.30
C LYS A 213 -36.23 -32.31 -0.23
N TYR A 214 -36.88 -31.86 -1.30
CA TYR A 214 -37.44 -30.52 -1.36
C TYR A 214 -38.66 -30.58 -2.27
N ASN A 215 -39.73 -29.90 -1.86
CA ASN A 215 -40.89 -29.67 -2.71
C ASN A 215 -40.80 -28.25 -3.25
N ASP A 216 -40.93 -28.11 -4.58
CA ASP A 216 -40.89 -26.79 -5.19
C ASP A 216 -42.11 -25.94 -4.83
N SER A 217 -43.20 -26.58 -4.40
CA SER A 217 -44.33 -25.82 -3.87
C SER A 217 -43.93 -24.98 -2.67
N ASN A 218 -42.80 -25.28 -2.05
CA ASN A 218 -42.29 -24.52 -0.91
C ASN A 218 -41.40 -23.36 -1.33
N CYS A 219 -41.19 -23.14 -2.62
CA CYS A 219 -40.39 -21.99 -3.01
C CYS A 219 -41.29 -20.75 -3.05
N PRO A 220 -40.93 -19.67 -2.37
CA PRO A 220 -41.79 -18.49 -2.35
C PRO A 220 -41.67 -17.65 -3.61
N ILE A 221 -42.53 -17.87 -4.60
CA ILE A 221 -42.52 -17.08 -5.81
C ILE A 221 -43.56 -15.95 -5.75
N ALA A 222 -44.03 -15.60 -4.55
CA ALA A 222 -44.99 -14.52 -4.42
C ALA A 222 -44.37 -13.20 -4.86
N GLU A 223 -45.13 -12.42 -5.63
CA GLU A 223 -44.69 -11.11 -6.11
C GLU A 223 -43.40 -11.22 -6.93
N CYS A 224 -43.19 -12.37 -7.59
CA CYS A 224 -42.02 -12.62 -8.42
C CYS A 224 -42.50 -13.27 -9.73
N GLN A 225 -43.10 -12.44 -10.60
CA GLN A 225 -43.61 -12.96 -11.87
C GLN A 225 -42.57 -13.80 -12.58
N TYR A 226 -41.36 -13.27 -12.70
CA TYR A 226 -40.31 -13.82 -13.53
C TYR A 226 -39.57 -14.97 -12.88
N SER A 227 -40.04 -15.45 -11.73
CA SER A 227 -39.39 -16.50 -10.97
C SER A 227 -40.15 -17.81 -11.12
N LYS A 228 -39.42 -18.91 -11.21
CA LYS A 228 -39.95 -20.26 -11.40
C LYS A 228 -39.84 -21.08 -10.12
N PRO A 229 -40.79 -21.98 -9.86
CA PRO A 229 -40.81 -22.65 -8.55
C PRO A 229 -39.59 -23.52 -8.26
N GLU A 230 -38.92 -24.09 -9.27
CA GLU A 230 -37.75 -24.88 -8.94
C GLU A 230 -36.58 -24.01 -8.47
N ASN A 231 -36.64 -22.70 -8.73
CA ASN A 231 -35.45 -21.84 -8.66
C ASN A 231 -34.64 -22.03 -7.38
N CYS A 232 -35.29 -22.08 -6.22
CA CYS A 232 -34.47 -22.13 -5.02
C CYS A 232 -33.97 -23.56 -4.77
N ARG A 233 -34.79 -24.56 -5.11
CA ARG A 233 -34.32 -25.93 -5.18
C ARG A 233 -33.05 -26.04 -6.03
N LEU A 234 -33.04 -25.38 -7.19
CA LEU A 234 -31.86 -25.41 -8.04
C LEU A 234 -30.71 -24.63 -7.44
N SER A 235 -30.96 -23.40 -7.01
CA SER A 235 -29.99 -22.45 -6.48
C SER A 235 -29.47 -22.83 -5.14
N MET A 236 -29.82 -24.04 -4.69
CA MET A 236 -29.28 -24.61 -3.47
C MET A 236 -27.86 -25.18 -3.63
N GLY A 237 -27.32 -25.22 -4.85
CA GLY A 237 -25.92 -25.57 -5.07
C GLY A 237 -25.25 -24.53 -5.94
N ILE A 238 -23.92 -24.64 -6.08
CA ILE A 238 -23.20 -23.59 -6.80
C ILE A 238 -23.60 -23.55 -8.26
N ARG A 239 -23.97 -24.68 -8.84
CA ARG A 239 -24.60 -24.76 -10.15
C ARG A 239 -25.90 -25.54 -10.02
N PRO A 240 -26.89 -25.31 -10.89
CA PRO A 240 -28.11 -26.11 -10.83
C PRO A 240 -27.83 -27.59 -10.95
N ASN A 241 -26.77 -27.94 -11.69
CA ASN A 241 -26.37 -29.33 -11.91
C ASN A 241 -25.75 -29.96 -10.68
N SER A 242 -25.25 -29.14 -9.75
CA SER A 242 -24.18 -29.52 -8.85
C SER A 242 -24.46 -30.86 -8.18
N HIS A 243 -23.45 -31.74 -8.20
CA HIS A 243 -23.56 -33.03 -7.55
C HIS A 243 -24.00 -32.87 -6.10
N TYR A 244 -23.47 -31.86 -5.43
CA TYR A 244 -23.83 -31.54 -4.06
C TYR A 244 -24.68 -30.27 -4.00
N ILE A 245 -25.36 -30.12 -2.89
CA ILE A 245 -25.88 -28.86 -2.40
C ILE A 245 -25.17 -28.57 -1.09
N LEU A 246 -25.15 -27.29 -0.72
CA LEU A 246 -24.48 -26.85 0.49
C LEU A 246 -25.51 -26.38 1.49
N ARG A 247 -25.30 -26.73 2.76
CA ARG A 247 -26.24 -26.36 3.82
C ARG A 247 -25.48 -25.93 5.05
N SER A 248 -25.67 -24.68 5.49
CA SER A 248 -24.91 -24.20 6.63
C SER A 248 -25.46 -24.78 7.93
N GLY A 249 -24.66 -24.65 8.97
CA GLY A 249 -24.96 -25.14 10.30
C GLY A 249 -23.78 -24.93 11.21
N LEU A 250 -23.58 -25.85 12.14
CA LEU A 250 -22.54 -25.73 13.14
C LEU A 250 -21.77 -27.04 13.23
N LEU A 251 -20.46 -26.92 13.45
CA LEU A 251 -19.65 -28.04 13.86
C LEU A 251 -19.39 -27.90 15.36
N LYS A 252 -19.86 -28.88 16.12
CA LYS A 252 -19.81 -28.90 17.56
C LYS A 252 -18.66 -29.78 18.02
N TYR A 253 -17.93 -29.29 19.02
CA TYR A 253 -16.72 -29.95 19.52
C TYR A 253 -16.74 -29.85 21.04
N ASN A 254 -16.95 -30.97 21.71
CA ASN A 254 -17.05 -31.01 23.16
C ASN A 254 -15.69 -31.31 23.78
N LEU A 255 -15.10 -30.32 24.44
CA LEU A 255 -13.78 -30.51 25.03
C LEU A 255 -13.81 -31.52 26.16
N SER A 256 -14.96 -31.67 26.84
CA SER A 256 -15.10 -32.64 27.92
C SER A 256 -15.15 -34.08 27.40
N ASP A 257 -15.18 -34.28 26.08
CA ASP A 257 -15.11 -35.62 25.54
C ASP A 257 -13.72 -36.21 25.78
N GLU A 258 -13.69 -37.52 26.07
CA GLU A 258 -12.44 -38.19 26.42
C GLU A 258 -11.39 -38.06 25.31
N GLU A 259 -11.78 -38.38 24.09
CA GLU A 259 -10.86 -38.35 22.96
C GLU A 259 -11.03 -37.05 22.19
N ASN A 260 -9.96 -36.67 21.49
CA ASN A 260 -9.96 -35.43 20.73
C ASN A 260 -10.54 -35.60 19.33
N SER A 261 -11.09 -36.78 19.03
CA SER A 261 -11.36 -37.13 17.64
C SER A 261 -12.70 -36.61 17.13
N LYS A 262 -13.73 -36.55 17.97
CA LYS A 262 -15.10 -36.45 17.45
C LYS A 262 -15.56 -35.01 17.31
N ILE A 263 -16.16 -34.72 16.16
CA ILE A 263 -16.82 -33.44 15.90
C ILE A 263 -18.14 -33.71 15.18
N VAL A 264 -19.20 -33.00 15.59
CA VAL A 264 -20.56 -33.32 15.18
C VAL A 264 -21.13 -32.19 14.33
N PHE A 265 -21.91 -32.52 13.31
CA PHE A 265 -22.53 -31.50 12.48
C PHE A 265 -23.98 -31.29 12.90
N ILE A 266 -24.42 -30.03 12.86
CA ILE A 266 -25.77 -29.60 13.24
C ILE A 266 -26.28 -28.74 12.10
N GLU A 267 -27.28 -29.22 11.38
CA GLU A 267 -27.76 -28.45 10.24
C GLU A 267 -28.64 -27.30 10.69
N ILE A 268 -28.85 -26.34 9.78
CA ILE A 268 -29.66 -25.17 10.04
C ILE A 268 -31.11 -25.50 9.70
N SER A 269 -32.03 -24.77 10.32
CA SER A 269 -33.45 -24.96 10.04
C SER A 269 -33.75 -24.60 8.59
N ASP A 270 -34.89 -25.09 8.14
CA ASP A 270 -35.33 -24.82 6.74
C ASP A 270 -36.01 -23.45 6.67
N GLN A 271 -36.01 -22.71 7.78
CA GLN A 271 -36.59 -21.35 7.65
C GLN A 271 -35.62 -20.50 6.84
N ARG A 272 -36.13 -19.76 5.86
CA ARG A 272 -35.27 -18.84 5.10
C ARG A 272 -34.07 -19.61 4.58
N LEU A 273 -34.28 -20.80 4.05
CA LEU A 273 -33.12 -21.61 3.61
C LEU A 273 -32.42 -20.87 2.49
N SER A 274 -31.09 -20.87 2.51
CA SER A 274 -30.30 -20.24 1.43
C SER A 274 -29.02 -21.05 1.30
N ILE A 275 -28.44 -21.06 0.12
CA ILE A 275 -27.28 -21.91 -0.13
C ILE A 275 -26.28 -21.75 1.00
N GLY A 276 -25.64 -22.85 1.39
CA GLY A 276 -24.64 -22.86 2.43
C GLY A 276 -23.58 -21.78 2.23
N SER A 277 -23.44 -20.90 3.21
CA SER A 277 -22.67 -19.69 3.07
C SER A 277 -21.71 -19.51 4.24
N PRO A 278 -20.56 -18.83 4.02
CA PRO A 278 -19.73 -18.40 5.14
C PRO A 278 -20.58 -17.70 6.18
N SER A 279 -20.54 -18.20 7.41
CA SER A 279 -21.49 -17.79 8.43
C SER A 279 -20.75 -17.48 9.72
N LYS A 280 -21.49 -17.07 10.74
CA LYS A 280 -20.88 -16.62 11.98
C LYS A 280 -21.89 -16.71 13.09
N ILE A 281 -21.53 -17.37 14.18
CA ILE A 281 -22.33 -17.36 15.40
C ILE A 281 -21.54 -16.59 16.45
N TYR A 282 -22.21 -15.67 17.14
CA TYR A 282 -21.50 -14.82 18.09
C TYR A 282 -22.41 -14.51 19.27
N ASP A 283 -21.78 -14.04 20.35
CA ASP A 283 -22.48 -13.71 21.58
C ASP A 283 -22.69 -12.20 21.63
N SER A 284 -23.93 -11.75 21.83
CA SER A 284 -24.16 -10.34 22.08
C SER A 284 -25.25 -10.17 23.13
N LEU A 285 -24.96 -9.30 24.10
CA LEU A 285 -25.90 -8.87 25.14
C LEU A 285 -26.71 -10.03 25.72
N GLY A 286 -26.11 -11.21 25.79
CA GLY A 286 -26.70 -12.32 26.51
C GLY A 286 -27.20 -13.47 25.66
N GLN A 287 -27.31 -13.33 24.33
CA GLN A 287 -27.69 -14.47 23.51
C GLN A 287 -26.77 -14.62 22.31
N PRO A 288 -26.75 -15.80 21.72
CA PRO A 288 -26.12 -15.95 20.41
C PRO A 288 -26.96 -15.35 19.30
N VAL A 289 -26.28 -14.71 18.36
CA VAL A 289 -26.83 -14.22 17.11
C VAL A 289 -26.09 -14.93 15.99
N PHE A 290 -26.82 -15.34 14.96
CA PHE A 290 -26.28 -16.07 13.83
C PHE A 290 -26.43 -15.23 12.57
N TYR A 291 -25.39 -15.18 11.77
CA TYR A 291 -25.38 -14.46 10.50
C TYR A 291 -24.98 -15.42 9.39
N GLN A 292 -25.62 -15.31 8.23
CA GLN A 292 -25.26 -16.15 7.08
C GLN A 292 -25.14 -15.25 5.85
N ALA A 293 -24.04 -15.38 5.13
CA ALA A 293 -23.79 -14.52 3.97
C ALA A 293 -24.82 -14.83 2.88
N SER A 294 -25.17 -13.83 2.08
CA SER A 294 -26.07 -14.13 0.97
C SER A 294 -25.27 -14.37 -0.30
N PHE A 295 -25.25 -15.61 -0.78
CA PHE A 295 -24.53 -16.00 -2.01
C PHE A 295 -25.57 -16.39 -3.07
N SER A 296 -26.82 -15.98 -2.88
CA SER A 296 -27.92 -16.47 -3.74
C SER A 296 -28.99 -15.39 -3.86
N TRP A 297 -30.20 -15.76 -4.26
CA TRP A 297 -31.27 -14.78 -4.56
C TRP A 297 -31.58 -13.91 -3.34
N ASP A 298 -31.52 -14.44 -2.13
CA ASP A 298 -31.97 -13.61 -0.98
C ASP A 298 -30.83 -12.68 -0.63
N THR A 299 -30.72 -11.59 -1.41
CA THR A 299 -29.65 -10.57 -1.22
C THR A 299 -29.78 -9.88 0.12
N MET A 300 -31.00 -9.62 0.58
CA MET A 300 -31.18 -8.83 1.81
C MET A 300 -30.56 -9.58 2.99
N ILE A 301 -30.01 -8.86 3.98
CA ILE A 301 -29.20 -9.49 5.06
C ILE A 301 -30.00 -10.49 5.87
N LYS A 302 -29.35 -11.59 6.22
CA LYS A 302 -30.03 -12.62 7.05
C LYS A 302 -29.17 -12.89 8.29
N PHE A 303 -29.69 -12.54 9.46
CA PHE A 303 -28.96 -12.82 10.69
C PHE A 303 -30.04 -12.62 11.75
N GLY A 304 -29.79 -13.09 12.95
CA GLY A 304 -30.79 -12.92 13.98
C GLY A 304 -30.49 -13.78 15.19
N ASP A 305 -31.35 -13.63 16.20
CA ASP A 305 -31.12 -14.33 17.46
C ASP A 305 -31.28 -15.83 17.27
N VAL A 306 -30.50 -16.61 18.01
CA VAL A 306 -30.55 -18.07 17.90
C VAL A 306 -31.55 -18.60 18.91
N GLN A 307 -32.71 -19.07 18.44
CA GLN A 307 -33.69 -19.64 19.36
C GLN A 307 -33.14 -20.88 20.04
N THR A 308 -32.66 -21.84 19.25
CA THR A 308 -31.92 -22.97 19.78
C THR A 308 -30.69 -23.21 18.93
N VAL A 309 -29.58 -23.51 19.60
CA VAL A 309 -28.33 -23.85 18.92
C VAL A 309 -28.39 -25.27 18.36
N ASN A 310 -28.98 -26.21 19.11
CA ASN A 310 -29.11 -27.59 18.67
C ASN A 310 -30.49 -28.14 19.05
N PRO A 311 -31.39 -28.37 18.07
CA PRO A 311 -31.32 -28.08 16.64
C PRO A 311 -31.17 -26.58 16.40
N LEU A 312 -30.58 -26.18 15.26
CA LEU A 312 -30.31 -24.78 15.00
C LEU A 312 -31.52 -24.12 14.34
N VAL A 313 -32.08 -23.11 15.00
CA VAL A 313 -33.14 -22.30 14.41
C VAL A 313 -32.86 -20.83 14.74
N VAL A 314 -32.95 -19.99 13.71
CA VAL A 314 -32.53 -18.60 13.77
C VAL A 314 -33.72 -17.71 13.46
N ASN A 315 -33.97 -16.72 14.31
CA ASN A 315 -35.05 -15.75 14.11
C ASN A 315 -34.53 -14.63 13.22
N TRP A 316 -34.55 -14.90 11.91
CA TRP A 316 -34.03 -13.95 10.92
C TRP A 316 -34.81 -12.64 10.96
N ARG A 317 -34.09 -11.53 11.11
CA ARG A 317 -34.73 -10.23 11.05
C ARG A 317 -35.29 -9.99 9.66
N ASP A 318 -36.48 -9.39 9.59
CA ASP A 318 -37.01 -8.90 8.31
C ASP A 318 -36.37 -7.54 8.01
N ASN A 319 -35.09 -7.58 7.69
CA ASN A 319 -34.37 -6.37 7.35
C ASN A 319 -34.68 -5.97 5.91
N THR A 320 -35.01 -4.70 5.71
CA THR A 320 -35.39 -4.21 4.40
C THR A 320 -34.46 -3.12 3.89
N VAL A 321 -33.27 -2.97 4.48
CA VAL A 321 -32.38 -1.87 4.12
C VAL A 321 -30.93 -2.29 3.88
N ILE A 322 -30.48 -3.45 4.34
CA ILE A 322 -29.08 -3.85 4.21
C ILE A 322 -28.98 -5.00 3.23
N SER A 323 -28.01 -4.91 2.32
CA SER A 323 -27.83 -5.94 1.31
C SER A 323 -26.39 -5.91 0.82
N ARG A 324 -26.11 -6.77 -0.16
CA ARG A 324 -24.80 -7.00 -0.73
C ARG A 324 -24.81 -6.83 -2.24
N PRO A 325 -23.68 -6.46 -2.83
CA PRO A 325 -23.61 -6.34 -4.29
C PRO A 325 -23.55 -7.70 -4.96
N GLY A 326 -23.90 -7.74 -6.26
CA GLY A 326 -23.88 -8.99 -7.04
C GLY A 326 -23.81 -8.72 -8.52
N GLN A 327 -22.77 -9.20 -9.19
CA GLN A 327 -22.57 -8.84 -10.62
C GLN A 327 -23.68 -9.33 -11.55
N SER A 328 -24.12 -10.57 -11.43
CA SER A 328 -25.10 -11.05 -12.44
C SER A 328 -26.28 -11.84 -11.88
N GLN A 329 -27.52 -11.48 -12.23
CA GLN A 329 -28.71 -12.33 -11.95
C GLN A 329 -29.09 -12.33 -10.48
N CYS A 330 -28.49 -11.47 -9.67
CA CYS A 330 -28.75 -11.48 -8.21
C CYS A 330 -28.09 -10.21 -7.69
N PRO A 331 -28.52 -9.05 -8.22
CA PRO A 331 -27.89 -7.80 -7.89
C PRO A 331 -28.31 -7.39 -6.48
N ARG A 332 -27.80 -6.27 -6.00
CA ARG A 332 -28.25 -5.84 -4.69
C ARG A 332 -29.77 -5.66 -4.69
N PHE A 333 -30.38 -5.81 -3.52
CA PHE A 333 -31.81 -5.61 -3.31
C PHE A 333 -32.66 -6.60 -4.11
N ASN A 334 -32.21 -7.84 -4.28
CA ASN A 334 -33.00 -8.85 -4.95
C ASN A 334 -33.66 -9.72 -3.90
N LYS A 335 -34.99 -9.78 -3.90
CA LYS A 335 -35.71 -10.61 -2.95
C LYS A 335 -36.40 -11.80 -3.61
N CYS A 336 -36.14 -12.05 -4.90
CA CYS A 336 -36.94 -13.05 -5.61
C CYS A 336 -36.09 -14.24 -6.03
N PRO A 337 -36.64 -15.46 -6.00
CA PRO A 337 -35.84 -16.64 -6.31
C PRO A 337 -35.27 -16.63 -7.72
N GLU A 338 -33.99 -16.97 -7.82
CA GLU A 338 -33.24 -17.00 -9.07
C GLU A 338 -32.08 -17.97 -8.85
N VAL A 339 -31.50 -18.44 -9.94
CA VAL A 339 -30.32 -19.31 -9.87
C VAL A 339 -29.08 -18.44 -9.99
N CYS A 340 -28.29 -18.41 -8.92
CA CYS A 340 -27.03 -17.65 -8.92
C CYS A 340 -26.18 -18.17 -7.78
N TRP A 341 -24.87 -17.83 -7.83
CA TRP A 341 -23.96 -18.05 -6.71
C TRP A 341 -23.00 -16.87 -6.67
N GLU A 342 -23.47 -15.75 -6.14
CA GLU A 342 -22.67 -14.53 -6.06
C GLU A 342 -23.02 -13.77 -4.79
N GLY A 343 -22.09 -12.97 -4.34
CA GLY A 343 -22.29 -12.17 -3.16
C GLY A 343 -20.95 -11.90 -2.50
N VAL A 344 -21.01 -11.68 -1.18
CA VAL A 344 -19.84 -11.27 -0.42
C VAL A 344 -20.18 -11.42 1.05
N TYR A 345 -19.16 -11.60 1.88
CA TYR A 345 -19.33 -11.72 3.33
C TYR A 345 -19.16 -10.34 3.94
N ASN A 346 -20.28 -9.70 4.26
CA ASN A 346 -20.35 -8.46 5.04
C ASN A 346 -21.26 -8.78 6.22
N ASP A 347 -20.70 -9.05 7.39
CA ASP A 347 -21.53 -9.43 8.52
C ASP A 347 -21.90 -8.22 9.37
N ALA A 348 -22.87 -8.43 10.26
CA ALA A 348 -23.31 -7.43 11.19
C ALA A 348 -23.21 -7.95 12.61
N PHE A 349 -23.11 -7.03 13.57
CA PHE A 349 -22.99 -7.41 15.00
C PHE A 349 -23.94 -6.55 15.83
N LEU A 350 -24.85 -7.18 16.58
CA LEU A 350 -25.87 -6.42 17.34
C LEU A 350 -25.21 -5.58 18.42
N ILE A 351 -25.61 -4.31 18.54
CA ILE A 351 -25.11 -3.46 19.65
C ILE A 351 -26.19 -3.29 20.74
N ASP A 352 -27.46 -3.13 20.36
CA ASP A 352 -28.58 -3.01 21.33
C ASP A 352 -29.69 -4.00 20.97
N ARG A 353 -30.17 -4.82 21.91
CA ARG A 353 -31.32 -5.69 21.59
C ARG A 353 -32.65 -5.06 22.00
N ILE A 354 -32.63 -4.05 22.86
CA ILE A 354 -33.94 -3.53 23.33
C ILE A 354 -34.58 -2.99 22.06
N ASN A 355 -33.80 -2.32 21.24
CA ASN A 355 -34.25 -1.90 19.89
C ASN A 355 -33.17 -2.58 19.07
N TRP A 356 -33.48 -3.28 18.00
CA TRP A 356 -32.37 -4.04 17.38
C TRP A 356 -31.58 -3.09 16.52
N ILE A 357 -30.41 -2.71 17.01
CA ILE A 357 -29.54 -1.81 16.25
C ILE A 357 -28.26 -2.61 16.08
N SER A 358 -27.77 -2.71 14.86
CA SER A 358 -26.60 -3.58 14.60
C SER A 358 -25.59 -2.82 13.74
N ALA A 359 -24.32 -3.21 13.80
CA ALA A 359 -23.29 -2.47 13.06
C ALA A 359 -22.53 -3.38 12.11
N GLY A 360 -22.19 -2.86 10.93
CA GLY A 360 -21.39 -3.62 10.00
C GLY A 360 -20.89 -2.75 8.87
N VAL A 361 -19.86 -3.23 8.17
CA VAL A 361 -19.34 -2.52 7.01
C VAL A 361 -19.88 -3.21 5.76
N PHE A 362 -20.63 -2.47 4.95
CA PHE A 362 -21.24 -3.02 3.76
C PHE A 362 -20.79 -2.23 2.54
N LEU A 363 -20.81 -2.90 1.39
CA LEU A 363 -20.40 -2.30 0.14
C LEU A 363 -21.60 -1.60 -0.47
N ASP A 364 -21.48 -0.30 -0.73
CA ASP A 364 -22.60 0.50 -1.20
C ASP A 364 -22.53 0.61 -2.72
N SER A 365 -22.87 -0.51 -3.36
CA SER A 365 -22.92 -0.63 -4.81
C SER A 365 -23.94 -1.71 -5.17
N ASN A 366 -24.51 -1.59 -6.37
CA ASN A 366 -25.44 -2.63 -6.82
C ASN A 366 -24.70 -3.86 -7.34
N GLN A 367 -23.66 -3.67 -8.14
CA GLN A 367 -23.02 -4.77 -8.84
C GLN A 367 -21.56 -4.94 -8.44
N THR A 368 -20.75 -3.88 -8.59
CA THR A 368 -19.34 -3.95 -8.23
C THR A 368 -19.19 -4.06 -6.71
N ALA A 369 -17.95 -4.29 -6.29
CA ALA A 369 -17.61 -4.36 -4.88
C ALA A 369 -16.82 -3.09 -4.51
N GLU A 370 -17.52 -1.96 -4.52
CA GLU A 370 -16.88 -0.70 -4.16
C GLU A 370 -17.65 -0.01 -3.04
N ASN A 371 -16.96 0.94 -2.41
CA ASN A 371 -17.50 1.88 -1.42
C ASN A 371 -17.87 1.19 -0.11
N PRO A 372 -16.90 0.77 0.69
CA PRO A 372 -17.21 0.21 2.01
C PRO A 372 -17.69 1.30 2.96
N VAL A 373 -18.79 1.03 3.66
CA VAL A 373 -19.43 2.01 4.53
C VAL A 373 -19.80 1.33 5.83
N PHE A 374 -19.33 1.89 6.94
CA PHE A 374 -19.70 1.46 8.27
C PHE A 374 -21.10 1.97 8.61
N THR A 375 -21.97 1.08 9.05
CA THR A 375 -23.40 1.37 9.08
C THR A 375 -24.01 0.82 10.36
N VAL A 376 -24.69 1.70 11.08
CA VAL A 376 -25.49 1.39 12.27
C VAL A 376 -26.96 1.52 11.88
N PHE A 377 -27.72 0.44 12.05
CA PHE A 377 -29.02 0.31 11.43
C PHE A 377 -29.95 -0.58 12.24
N LYS A 378 -31.25 -0.31 12.13
CA LYS A 378 -32.31 -1.21 12.57
C LYS A 378 -32.93 -1.92 11.36
N ASP A 379 -33.91 -2.75 11.63
CA ASP A 379 -34.45 -3.60 10.55
C ASP A 379 -34.81 -2.77 9.33
N ASN A 380 -35.77 -1.85 9.46
CA ASN A 380 -36.28 -1.08 8.29
C ASN A 380 -35.60 0.28 8.07
N GLU A 381 -34.65 0.69 8.88
CA GLU A 381 -34.05 2.04 8.72
C GLU A 381 -32.55 2.01 9.00
N VAL A 382 -31.76 2.91 8.40
CA VAL A 382 -30.31 2.98 8.74
C VAL A 382 -30.10 4.23 9.58
N LEU A 383 -29.77 4.05 10.86
CA LEU A 383 -29.63 5.20 11.77
C LEU A 383 -28.45 6.10 11.38
N TYR A 384 -27.31 5.53 11.02
CA TYR A 384 -26.13 6.39 10.75
C TYR A 384 -25.02 5.64 10.02
N ARG A 385 -24.26 6.34 9.18
CA ARG A 385 -23.22 5.82 8.32
C ARG A 385 -21.92 6.58 8.53
N ALA A 386 -20.83 5.94 8.09
CA ALA A 386 -19.54 6.57 7.95
C ALA A 386 -18.78 5.83 6.88
N GLN A 387 -18.35 6.55 5.86
CA GLN A 387 -17.67 5.95 4.72
C GLN A 387 -16.22 5.67 5.10
N LEU A 388 -15.76 4.43 4.88
CA LEU A 388 -14.41 4.04 5.31
C LEU A 388 -13.34 4.31 4.26
N ALA A 389 -13.73 4.64 3.04
CA ALA A 389 -12.76 4.96 2.00
C ALA A 389 -13.51 5.75 0.95
N SER A 390 -12.77 6.23 -0.04
CA SER A 390 -13.40 6.98 -1.11
C SER A 390 -14.51 6.16 -1.76
N GLU A 391 -15.52 6.85 -2.26
CA GLU A 391 -16.71 6.22 -2.83
C GLU A 391 -16.37 5.29 -3.99
N ASP A 392 -15.28 5.55 -4.69
CA ASP A 392 -14.80 4.76 -5.80
C ASP A 392 -13.95 3.57 -5.38
N THR A 393 -13.63 3.45 -4.09
CA THR A 393 -12.70 2.42 -3.61
C THR A 393 -13.30 1.03 -3.65
N ASN A 394 -12.54 0.08 -4.19
CA ASN A 394 -12.99 -1.31 -4.31
C ASN A 394 -12.52 -2.07 -3.06
N ALA A 395 -13.47 -2.73 -2.42
CA ALA A 395 -13.18 -3.56 -1.24
C ALA A 395 -14.08 -4.78 -1.27
N GLN A 396 -13.73 -5.86 -0.59
CA GLN A 396 -14.60 -7.05 -0.76
C GLN A 396 -15.25 -7.56 0.53
N LYS A 397 -14.48 -7.95 1.53
CA LYS A 397 -15.09 -8.66 2.69
C LYS A 397 -14.94 -7.91 4.00
N THR A 398 -16.01 -7.88 4.78
CA THR A 398 -15.99 -7.13 6.07
C THR A 398 -16.34 -8.06 7.23
N ILE A 399 -15.54 -8.02 8.31
CA ILE A 399 -15.80 -8.80 9.51
C ILE A 399 -15.82 -7.84 10.69
N THR A 400 -16.96 -7.75 11.38
CA THR A 400 -17.17 -6.77 12.43
C THR A 400 -17.46 -7.46 13.75
N ASN A 401 -16.80 -7.00 14.81
CA ASN A 401 -17.14 -7.46 16.15
C ASN A 401 -17.11 -6.27 17.09
N CYS A 402 -18.01 -6.25 18.07
CA CYS A 402 -18.10 -5.13 18.99
C CYS A 402 -17.99 -5.63 20.43
N PHE A 403 -17.62 -4.70 21.31
CA PHE A 403 -17.26 -5.03 22.68
C PHE A 403 -17.35 -3.75 23.50
N LEU A 404 -16.86 -3.84 24.73
CA LEU A 404 -16.90 -2.72 25.66
C LEU A 404 -15.49 -2.25 26.00
N LEU A 405 -15.38 -0.96 26.24
CA LEU A 405 -14.14 -0.33 26.72
C LEU A 405 -14.56 0.77 27.69
N LYS A 406 -14.32 0.55 28.97
CA LYS A 406 -14.84 1.41 30.04
C LYS A 406 -16.35 1.59 29.90
N ASN A 407 -17.03 0.51 29.53
CA ASN A 407 -18.47 0.46 29.30
C ASN A 407 -18.92 1.26 28.09
N LYS A 408 -18.01 1.58 27.18
CA LYS A 408 -18.37 2.28 25.95
C LYS A 408 -18.35 1.25 24.83
N ILE A 409 -19.37 1.27 23.98
CA ILE A 409 -19.47 0.29 22.90
C ILE A 409 -18.49 0.68 21.79
N TRP A 410 -17.64 -0.28 21.42
CA TRP A 410 -16.65 -0.09 20.36
C TRP A 410 -16.75 -1.26 19.39
N CYS A 411 -16.51 -1.00 18.11
CA CYS A 411 -16.40 -2.09 17.15
C CYS A 411 -15.03 -2.05 16.48
N ILE A 412 -14.57 -3.23 16.09
CA ILE A 412 -13.42 -3.39 15.23
C ILE A 412 -13.90 -4.12 13.98
N SER A 413 -13.61 -3.53 12.82
CA SER A 413 -13.97 -4.11 11.53
C SER A 413 -12.72 -4.31 10.69
N LEU A 414 -12.53 -5.54 10.23
CA LEU A 414 -11.57 -5.86 9.20
C LEU A 414 -12.24 -5.69 7.84
N VAL A 415 -11.59 -4.92 6.96
CA VAL A 415 -12.12 -4.60 5.64
C VAL A 415 -11.01 -4.86 4.63
N GLU A 416 -11.23 -5.84 3.76
CA GLU A 416 -10.33 -6.05 2.62
C GLU A 416 -10.47 -4.87 1.67
N ILE A 417 -9.38 -4.17 1.37
CA ILE A 417 -9.45 -2.98 0.54
C ILE A 417 -8.39 -3.06 -0.55
N TYR A 418 -8.75 -2.62 -1.75
CA TYR A 418 -7.86 -2.63 -2.90
C TYR A 418 -7.12 -1.30 -3.03
N ASP A 419 -5.82 -1.38 -3.27
CA ASP A 419 -5.03 -0.20 -3.58
C ASP A 419 -5.57 0.45 -4.86
N THR A 420 -5.63 1.79 -4.87
CA THR A 420 -6.23 2.49 -6.00
C THR A 420 -5.39 2.39 -7.26
N GLY A 421 -4.09 2.11 -7.12
CA GLY A 421 -3.24 2.01 -8.28
C GLY A 421 -2.74 0.61 -8.58
N ASP A 422 -2.74 -0.27 -7.59
CA ASP A 422 -2.04 -1.56 -7.68
C ASP A 422 -2.94 -2.73 -8.06
N ASN A 423 -4.18 -2.75 -7.59
CA ASN A 423 -5.09 -3.90 -7.65
C ASN A 423 -4.69 -5.01 -6.70
N VAL A 424 -3.72 -4.78 -5.84
CA VAL A 424 -3.43 -5.73 -4.78
C VAL A 424 -4.29 -5.32 -3.59
N ILE A 425 -4.73 -6.32 -2.83
CA ILE A 425 -5.68 -6.10 -1.75
C ILE A 425 -4.97 -6.35 -0.42
N ARG A 426 -5.33 -5.57 0.59
CA ARG A 426 -4.82 -5.83 1.92
C ARG A 426 -5.91 -5.61 2.95
N PRO A 427 -5.87 -6.37 4.05
CA PRO A 427 -6.83 -6.15 5.13
C PRO A 427 -6.52 -4.84 5.85
N LYS A 428 -7.58 -4.15 6.27
CA LYS A 428 -7.43 -2.96 7.09
C LYS A 428 -8.27 -3.11 8.35
N LEU A 429 -7.77 -2.57 9.44
CA LEU A 429 -8.40 -2.71 10.76
C LEU A 429 -8.87 -1.34 11.22
N PHE A 430 -10.19 -1.18 11.34
CA PHE A 430 -10.76 0.06 11.84
C PHE A 430 -11.39 -0.16 13.21
N ALA A 431 -11.18 0.81 14.10
CA ALA A 431 -11.91 0.91 15.35
C ALA A 431 -12.90 2.05 15.24
N VAL A 432 -14.15 1.79 15.57
CA VAL A 432 -15.22 2.78 15.46
C VAL A 432 -15.96 2.80 16.79
N LYS A 433 -15.96 3.95 17.45
CA LYS A 433 -16.76 4.10 18.65
C LYS A 433 -18.17 4.54 18.26
N ILE A 434 -19.16 3.85 18.81
CA ILE A 434 -20.55 4.24 18.65
C ILE A 434 -20.79 5.41 19.60
N PRO A 435 -21.05 6.62 19.09
CA PRO A 435 -21.16 7.78 19.97
C PRO A 435 -22.39 7.70 20.86
N GLU A 436 -22.43 8.60 21.85
CA GLU A 436 -23.65 8.81 22.61
C GLU A 436 -24.52 9.90 22.00
N GLN A 437 -23.90 10.95 21.49
CA GLN A 437 -24.63 12.14 21.07
C GLN A 437 -24.72 12.21 19.55
N CYS A 438 -25.85 12.71 19.08
CA CYS A 438 -26.16 12.75 17.66
C CYS A 438 -25.77 14.08 17.03
N THR A 439 -24.81 14.78 17.63
CA THR A 439 -24.32 16.06 17.14
C THR A 439 -22.81 15.99 16.91
N SER B 12 5.44 7.27 -33.88
CA SER B 12 4.35 6.36 -33.53
C SER B 12 4.07 6.41 -32.04
N GLU B 13 4.33 5.30 -31.34
CA GLU B 13 4.19 5.27 -29.89
C GLU B 13 5.49 5.57 -29.17
N GLY B 14 6.54 5.94 -29.90
CA GLY B 14 7.79 6.25 -29.28
C GLY B 14 7.86 7.66 -28.77
N VAL B 15 8.77 7.87 -27.81
CA VAL B 15 9.02 9.17 -27.21
C VAL B 15 10.45 9.58 -27.53
N SER B 16 10.65 10.88 -27.76
CA SER B 16 11.96 11.44 -28.08
C SER B 16 12.43 12.33 -26.95
N ASN B 17 13.68 12.77 -27.06
CA ASN B 17 14.26 13.69 -26.09
C ASN B 17 13.75 15.11 -26.35
N LEU B 18 13.86 15.97 -25.33
CA LEU B 18 13.65 17.40 -25.58
C LEU B 18 14.75 17.94 -26.48
N VAL B 19 14.38 18.13 -27.74
CA VAL B 19 15.26 18.68 -28.76
C VAL B 19 14.41 19.56 -29.67
N GLY B 20 15.04 20.61 -30.20
CA GLY B 20 14.34 21.46 -31.16
C GLY B 20 13.28 22.34 -30.51
N LEU B 21 12.27 22.70 -31.31
CA LEU B 21 11.20 23.58 -30.85
C LEU B 21 9.98 22.74 -30.52
N PRO B 22 9.70 22.47 -29.25
CA PRO B 22 8.53 21.68 -28.88
C PRO B 22 7.26 22.50 -29.02
N ASN B 23 6.14 21.90 -28.63
CA ASN B 23 4.89 22.64 -28.57
C ASN B 23 4.91 23.64 -27.44
N ASN B 24 4.13 24.71 -27.60
CA ASN B 24 4.08 25.78 -26.63
C ASN B 24 3.48 25.30 -25.31
N ILE B 25 3.99 25.86 -24.22
CA ILE B 25 3.53 25.54 -22.89
C ILE B 25 3.09 26.84 -22.23
N CYS B 26 2.28 26.71 -21.17
CA CYS B 26 1.77 27.88 -20.47
C CYS B 26 2.94 28.67 -19.87
N LEU B 27 3.10 29.92 -20.31
CA LEU B 27 4.21 30.77 -19.89
C LEU B 27 3.77 31.82 -18.87
N GLN B 28 2.60 31.65 -18.28
CA GLN B 28 2.04 32.61 -17.34
C GLN B 28 2.08 32.04 -15.93
N LYS B 29 2.17 32.93 -14.95
CA LYS B 29 2.07 32.50 -13.56
C LYS B 29 0.59 32.38 -13.23
N THR B 30 0.06 31.17 -13.35
CA THR B 30 -1.35 30.92 -13.11
C THR B 30 -1.55 30.13 -11.83
N SER B 31 -2.77 30.23 -11.31
CA SER B 31 -3.20 29.50 -10.13
C SER B 31 -4.27 28.49 -10.47
N ASN B 32 -4.67 28.39 -11.73
CA ASN B 32 -5.54 27.31 -12.17
C ASN B 32 -4.83 25.98 -12.08
N GLN B 33 -5.61 24.93 -11.84
CA GLN B 33 -5.09 23.57 -11.69
C GLN B 33 -5.01 22.92 -13.08
N ILE B 34 -4.03 23.39 -13.86
CA ILE B 34 -3.91 22.96 -15.26
C ILE B 34 -2.98 21.76 -15.43
N LEU B 35 -2.20 21.41 -14.41
CA LEU B 35 -1.40 20.19 -14.41
C LEU B 35 -2.24 19.05 -13.83
N LYS B 36 -2.45 17.99 -14.62
CA LYS B 36 -3.29 16.86 -14.23
C LYS B 36 -2.45 15.58 -14.25
N PRO B 37 -1.73 15.29 -13.17
CA PRO B 37 -0.80 14.15 -13.20
C PRO B 37 -1.50 12.80 -13.30
N LYS B 38 -0.92 11.92 -14.10
CA LYS B 38 -1.34 10.53 -14.22
C LYS B 38 -0.45 9.67 -13.35
N LEU B 39 -1.03 8.65 -12.71
CA LEU B 39 -0.24 7.64 -12.02
C LEU B 39 -0.05 6.47 -12.97
N ILE B 40 1.20 6.19 -13.34
CA ILE B 40 1.51 5.30 -14.45
C ILE B 40 2.29 4.07 -14.00
N SER B 41 2.43 3.83 -12.71
CA SER B 41 3.40 2.82 -12.30
C SER B 41 2.90 1.39 -12.48
N TYR B 42 1.72 1.22 -13.07
CA TYR B 42 1.14 -0.13 -13.28
C TYR B 42 1.85 -0.85 -14.42
N THR B 43 2.26 -0.10 -15.45
CA THR B 43 2.88 -0.71 -16.64
C THR B 43 4.17 -1.39 -16.20
N LEU B 44 4.89 -0.76 -15.30
CA LEU B 44 6.11 -1.40 -14.77
C LEU B 44 5.67 -2.07 -13.48
N PRO B 45 5.91 -3.38 -13.28
CA PRO B 45 5.40 -3.99 -12.09
C PRO B 45 6.54 -3.62 -11.15
N VAL B 46 6.29 -2.61 -10.33
CA VAL B 46 7.32 -2.12 -9.36
C VAL B 46 6.99 -2.77 -8.02
N VAL B 47 5.96 -3.62 -8.00
CA VAL B 47 5.54 -4.16 -6.69
C VAL B 47 6.70 -4.98 -6.13
N GLY B 48 6.99 -4.82 -4.84
CA GLY B 48 8.14 -5.49 -4.19
C GLY B 48 7.77 -6.83 -3.61
N GLN B 49 6.52 -7.23 -3.76
CA GLN B 49 6.07 -8.50 -3.16
C GLN B 49 6.22 -8.46 -1.65
N SER B 50 6.90 -9.45 -1.09
CA SER B 50 6.95 -9.60 0.38
C SER B 50 7.58 -8.41 1.07
N GLY B 51 8.65 -7.83 0.51
CA GLY B 51 9.38 -6.82 1.30
C GLY B 51 8.54 -5.62 1.68
N THR B 52 8.60 -5.27 2.96
CA THR B 52 7.85 -4.10 3.47
C THR B 52 8.39 -2.80 2.87
N CYS B 53 9.71 -2.67 2.77
CA CYS B 53 10.25 -1.34 2.35
C CYS B 53 11.05 -1.41 1.05
N ILE B 54 10.81 -0.45 0.17
CA ILE B 54 11.53 -0.34 -1.10
C ILE B 54 12.16 1.04 -1.17
N THR B 55 13.50 1.08 -1.21
CA THR B 55 14.26 2.32 -1.20
C THR B 55 15.31 2.43 -2.29
N ASP B 56 16.17 3.44 -2.09
CA ASP B 56 17.28 3.74 -2.97
C ASP B 56 16.87 3.69 -4.44
N PRO B 57 15.85 4.45 -4.84
CA PRO B 57 15.40 4.36 -6.22
C PRO B 57 16.38 5.06 -7.14
N LEU B 58 16.41 4.57 -8.37
CA LEU B 58 17.13 5.19 -9.47
C LEU B 58 16.20 5.14 -10.66
N LEU B 59 15.92 6.30 -11.24
CA LEU B 59 15.27 6.34 -12.54
C LEU B 59 16.10 7.24 -13.45
N ALA B 60 16.47 6.71 -14.60
CA ALA B 60 17.15 7.46 -15.62
C ALA B 60 16.41 7.25 -16.92
N MET B 61 16.34 8.29 -17.74
CA MET B 61 15.71 8.20 -19.04
C MET B 61 16.60 8.82 -20.09
N ASP B 62 16.57 8.23 -21.28
CA ASP B 62 17.34 8.71 -22.41
C ASP B 62 16.80 8.06 -23.67
N GLU B 63 16.50 8.86 -24.69
CA GLU B 63 16.22 8.36 -26.04
C GLU B 63 15.13 7.29 -26.07
N GLY B 64 14.10 7.48 -25.25
CA GLY B 64 12.98 6.54 -25.25
C GLY B 64 13.26 5.25 -24.51
N TYR B 65 14.32 5.19 -23.73
CA TYR B 65 14.71 4.04 -22.93
C TYR B 65 14.90 4.53 -21.50
N PHE B 66 14.86 3.59 -20.55
CA PHE B 66 14.98 3.96 -19.14
C PHE B 66 15.72 2.87 -18.37
N ALA B 67 16.39 3.32 -17.30
CA ALA B 67 17.11 2.47 -16.35
C ALA B 67 16.53 2.70 -14.97
N TYR B 68 16.13 1.61 -14.32
CA TYR B 68 15.46 1.66 -13.04
C TYR B 68 16.23 0.83 -12.04
N SER B 69 16.14 1.18 -10.77
CA SER B 69 16.80 0.35 -9.76
C SER B 69 16.21 0.64 -8.39
N HIS B 70 16.16 -0.40 -7.56
CA HIS B 70 15.80 -0.18 -6.16
C HIS B 70 16.34 -1.31 -5.29
N LEU B 71 16.28 -1.07 -3.98
CA LEU B 71 16.64 -2.06 -2.97
C LEU B 71 15.40 -2.39 -2.14
N GLU B 72 15.09 -3.67 -2.03
CA GLU B 72 14.01 -4.17 -1.21
C GLU B 72 14.58 -4.65 0.11
N LYS B 73 14.05 -4.10 1.21
CA LYS B 73 14.45 -4.41 2.57
C LYS B 73 13.27 -5.00 3.33
N ILE B 74 13.58 -6.07 4.08
CA ILE B 74 12.65 -6.68 5.03
C ILE B 74 12.64 -5.83 6.29
N GLY B 75 11.46 -5.33 6.66
CA GLY B 75 11.33 -4.49 7.82
C GLY B 75 11.31 -3.02 7.47
N SER B 76 11.63 -2.19 8.46
CA SER B 76 11.64 -0.76 8.24
C SER B 76 12.75 -0.38 7.28
N CYS B 77 12.66 0.84 6.75
CA CYS B 77 13.69 1.35 5.87
C CYS B 77 14.93 1.76 6.65
N SER B 78 14.73 2.22 7.88
CA SER B 78 15.84 2.70 8.71
C SER B 78 16.73 1.54 9.14
N ARG B 79 16.13 0.43 9.57
CA ARG B 79 16.85 -0.63 10.25
C ARG B 79 16.55 -2.00 9.67
N GLY B 80 16.13 -2.07 8.41
CA GLY B 80 15.81 -3.34 7.81
C GLY B 80 17.03 -4.06 7.27
N VAL B 81 16.82 -5.34 6.95
CA VAL B 81 17.84 -6.17 6.31
C VAL B 81 17.55 -6.17 4.82
N SER B 82 18.54 -5.77 4.02
CA SER B 82 18.39 -5.76 2.58
C SER B 82 18.09 -7.17 2.08
N LYS B 83 17.04 -7.30 1.28
CA LYS B 83 16.66 -8.60 0.72
C LYS B 83 16.96 -8.72 -0.76
N GLN B 84 16.71 -7.68 -1.57
CA GLN B 84 16.96 -7.84 -2.99
C GLN B 84 17.38 -6.52 -3.60
N ARG B 85 18.22 -6.56 -4.63
CA ARG B 85 18.49 -5.36 -5.42
C ARG B 85 18.10 -5.63 -6.87
N ILE B 86 17.39 -4.67 -7.46
CA ILE B 86 16.97 -4.74 -8.86
C ILE B 86 17.65 -3.62 -9.63
N ILE B 87 18.21 -3.97 -10.80
CA ILE B 87 18.68 -3.02 -11.80
C ILE B 87 18.07 -3.45 -13.14
N GLY B 88 17.14 -2.66 -13.67
CA GLY B 88 16.46 -3.01 -14.90
C GLY B 88 16.54 -1.89 -15.93
N VAL B 89 16.12 -2.23 -17.14
CA VAL B 89 16.06 -1.29 -18.26
C VAL B 89 14.88 -1.68 -19.16
N GLY B 90 14.35 -0.68 -19.85
CA GLY B 90 13.25 -0.92 -20.77
C GLY B 90 13.01 0.28 -21.67
N GLU B 91 11.85 0.28 -22.31
CA GLU B 91 11.45 1.35 -23.22
C GLU B 91 10.44 2.27 -22.56
N VAL B 92 10.42 3.52 -23.02
CA VAL B 92 9.36 4.47 -22.70
C VAL B 92 8.49 4.62 -23.93
N LEU B 93 7.22 4.25 -23.81
CA LEU B 93 6.31 4.26 -24.96
C LEU B 93 4.99 4.92 -24.61
N ASP B 94 4.37 5.47 -25.64
CA ASP B 94 2.94 5.75 -25.60
C ASP B 94 2.21 4.46 -25.29
N ARG B 95 1.48 4.44 -24.17
CA ARG B 95 0.76 3.24 -23.77
C ARG B 95 -0.50 3.01 -24.60
N GLY B 96 -0.82 3.90 -25.54
CA GLY B 96 -1.99 3.73 -26.38
C GLY B 96 -2.84 4.98 -26.48
N ASP B 97 -3.18 5.58 -25.34
CA ASP B 97 -3.99 6.79 -25.28
C ASP B 97 -3.15 8.05 -25.17
N GLU B 98 -1.94 8.04 -25.75
CA GLU B 98 -1.03 9.19 -25.72
C GLU B 98 -0.63 9.57 -24.29
N VAL B 99 -0.32 8.56 -23.48
CA VAL B 99 0.22 8.76 -22.13
C VAL B 99 1.43 7.85 -21.98
N PRO B 100 2.63 8.36 -21.73
CA PRO B 100 3.81 7.50 -21.69
C PRO B 100 3.86 6.67 -20.42
N SER B 101 4.24 5.41 -20.59
CA SER B 101 4.54 4.51 -19.48
C SER B 101 5.85 3.80 -19.73
N LEU B 102 6.36 3.16 -18.67
CA LEU B 102 7.60 2.41 -18.71
C LEU B 102 7.29 0.92 -18.88
N PHE B 103 8.03 0.28 -19.77
CA PHE B 103 7.91 -1.15 -20.00
C PHE B 103 9.29 -1.77 -19.91
N MET B 104 9.47 -2.68 -18.97
CA MET B 104 10.81 -3.21 -18.74
C MET B 104 11.10 -4.35 -19.69
N THR B 105 12.37 -4.45 -20.09
CA THR B 105 12.82 -5.43 -21.07
C THR B 105 14.02 -6.24 -20.61
N ASN B 106 14.69 -5.85 -19.52
CA ASN B 106 15.89 -6.56 -19.11
C ASN B 106 16.13 -6.25 -17.64
N VAL B 107 16.31 -7.28 -16.81
CA VAL B 107 16.50 -7.06 -15.39
C VAL B 107 17.70 -7.88 -14.92
N TRP B 108 18.40 -7.35 -13.92
CA TRP B 108 19.49 -8.04 -13.26
C TRP B 108 19.30 -7.91 -11.75
N THR B 109 19.60 -8.99 -11.04
CA THR B 109 19.55 -9.02 -9.58
C THR B 109 20.93 -9.36 -9.05
N PRO B 110 21.62 -8.44 -8.37
CA PRO B 110 22.93 -8.76 -7.82
C PRO B 110 22.90 -9.99 -6.93
N SER B 111 24.04 -10.66 -6.84
CA SER B 111 24.12 -11.89 -6.07
C SER B 111 23.93 -11.63 -4.58
N ASN B 112 24.53 -10.56 -4.07
CA ASN B 112 24.36 -10.14 -2.68
C ASN B 112 23.84 -8.70 -2.68
N PRO B 113 22.63 -8.46 -2.15
CA PRO B 113 22.15 -7.07 -2.06
C PRO B 113 23.06 -6.15 -1.26
N ASN B 114 23.79 -6.69 -0.28
CA ASN B 114 24.52 -5.84 0.66
C ASN B 114 25.78 -5.22 0.07
N THR B 115 26.32 -5.75 -1.03
CA THR B 115 27.60 -5.25 -1.50
C THR B 115 27.46 -4.02 -2.40
N VAL B 116 26.33 -3.88 -3.08
CA VAL B 116 26.12 -2.86 -4.09
C VAL B 116 25.62 -1.56 -3.45
N TYR B 117 26.26 -0.43 -3.80
CA TYR B 117 25.84 0.87 -3.28
C TYR B 117 25.93 1.97 -4.35
N HIS B 118 24.95 2.86 -4.32
CA HIS B 118 24.97 4.14 -5.07
C HIS B 118 25.11 3.98 -6.59
N CYS B 119 24.29 3.09 -7.16
CA CYS B 119 24.34 2.94 -8.62
C CYS B 119 23.92 4.25 -9.32
N SER B 120 24.23 4.30 -10.63
CA SER B 120 24.10 5.51 -11.45
C SER B 120 24.18 5.09 -12.92
N ALA B 121 23.21 5.49 -13.74
CA ALA B 121 23.07 4.98 -15.10
C ALA B 121 23.35 6.05 -16.15
N VAL B 122 23.92 5.61 -17.28
CA VAL B 122 24.11 6.42 -18.49
C VAL B 122 23.84 5.54 -19.71
N TYR B 123 23.32 6.14 -20.80
CA TYR B 123 22.88 5.36 -21.97
C TYR B 123 23.80 5.58 -23.14
N ASN B 124 24.17 4.50 -23.84
CA ASN B 124 24.85 4.69 -25.12
C ASN B 124 24.58 3.51 -26.04
N ASN B 125 23.99 3.82 -27.20
CA ASN B 125 24.00 2.97 -28.38
C ASN B 125 23.45 1.58 -28.07
N GLU B 126 22.20 1.55 -27.61
CA GLU B 126 21.43 0.35 -27.29
C GLU B 126 21.95 -0.39 -26.06
N PHE B 127 22.86 0.22 -25.30
CA PHE B 127 23.30 -0.35 -24.03
C PHE B 127 23.11 0.68 -22.95
N TYR B 128 23.08 0.23 -21.70
CA TYR B 128 22.90 1.25 -20.70
C TYR B 128 23.57 0.75 -19.44
N TYR B 129 24.45 1.62 -18.94
CA TYR B 129 25.63 1.30 -18.16
C TYR B 129 25.42 1.85 -16.77
N VAL B 130 25.39 0.95 -15.80
CA VAL B 130 25.12 1.28 -14.41
C VAL B 130 26.46 1.17 -13.68
N LEU B 131 27.05 2.32 -13.38
CA LEU B 131 28.25 2.40 -12.56
C LEU B 131 27.83 2.40 -11.10
N CYS B 132 28.54 1.61 -10.29
CA CYS B 132 27.97 1.30 -8.99
C CYS B 132 29.08 0.91 -8.03
N ALA B 133 28.98 1.42 -6.80
CA ALA B 133 30.02 1.19 -5.80
C ALA B 133 29.84 -0.19 -5.17
N VAL B 134 30.97 -0.75 -4.73
CA VAL B 134 31.03 -2.11 -4.17
C VAL B 134 31.74 -2.05 -2.84
N SER B 135 31.04 -2.43 -1.76
CA SER B 135 31.56 -2.25 -0.42
C SER B 135 31.22 -3.45 0.46
N VAL B 136 32.18 -3.83 1.31
CA VAL B 136 31.93 -4.82 2.36
C VAL B 136 31.91 -4.19 3.74
N VAL B 137 32.30 -2.93 3.88
CA VAL B 137 32.34 -2.24 5.17
C VAL B 137 31.09 -1.39 5.40
N GLY B 138 30.08 -1.50 4.55
CA GLY B 138 28.89 -0.68 4.66
C GLY B 138 28.88 0.44 3.63
N ASP B 139 27.92 1.34 3.81
CA ASP B 139 27.76 2.50 2.94
C ASP B 139 29.06 3.28 2.86
N PRO B 140 29.67 3.41 1.69
CA PRO B 140 30.98 4.09 1.60
C PRO B 140 30.98 5.49 2.18
N ILE B 141 29.82 6.15 2.28
CA ILE B 141 29.74 7.47 2.88
C ILE B 141 29.85 7.38 4.39
N LEU B 142 29.25 6.34 4.98
CA LEU B 142 29.15 6.19 6.43
C LEU B 142 30.33 5.48 7.06
N ASN B 143 31.08 4.68 6.29
CA ASN B 143 32.33 4.09 6.75
C ASN B 143 33.43 4.51 5.78
N SER B 144 33.69 5.81 5.69
CA SER B 144 34.48 6.34 4.59
C SER B 144 35.93 5.87 4.64
N THR B 145 36.56 5.93 5.82
CA THR B 145 37.99 5.58 5.90
C THR B 145 38.23 4.12 5.56
N TYR B 146 37.38 3.22 6.05
CA TYR B 146 37.59 1.81 5.80
C TYR B 146 37.06 1.32 4.46
N TRP B 147 36.52 2.17 3.61
CA TRP B 147 35.94 1.66 2.38
C TRP B 147 37.04 1.21 1.43
N SER B 148 36.75 0.13 0.69
CA SER B 148 37.64 -0.39 -0.34
C SER B 148 38.04 0.67 -1.36
N GLY B 149 37.06 1.30 -1.98
CA GLY B 149 37.25 2.07 -3.18
C GLY B 149 36.81 1.36 -4.45
N SER B 150 36.54 0.06 -4.36
CA SER B 150 36.18 -0.73 -5.53
C SER B 150 34.89 -0.21 -6.17
N LEU B 151 34.88 -0.18 -7.50
CA LEU B 151 33.70 0.13 -8.29
C LEU B 151 33.39 -1.03 -9.23
N MET B 152 32.22 -0.96 -9.87
CA MET B 152 31.81 -2.00 -10.81
C MET B 152 30.86 -1.41 -11.83
N MET B 153 31.06 -1.76 -13.09
CA MET B 153 30.17 -1.32 -14.16
C MET B 153 29.34 -2.52 -14.63
N THR B 154 28.05 -2.29 -14.86
CA THR B 154 27.16 -3.29 -15.43
C THR B 154 26.60 -2.73 -16.73
N ARG B 155 26.55 -3.55 -17.78
CA ARG B 155 26.04 -3.11 -19.07
C ARG B 155 24.89 -4.02 -19.48
N LEU B 156 23.72 -3.40 -19.67
CA LEU B 156 22.48 -4.11 -20.00
C LEU B 156 21.99 -3.65 -21.36
N ALA B 157 21.58 -4.59 -22.19
CA ALA B 157 20.95 -4.25 -23.46
C ALA B 157 19.49 -3.87 -23.22
N VAL B 158 19.05 -2.78 -23.85
CA VAL B 158 17.65 -2.38 -23.80
C VAL B 158 16.79 -3.19 -24.75
N LYS B 159 17.41 -3.94 -25.66
CA LYS B 159 16.74 -4.86 -26.57
C LYS B 159 17.45 -6.19 -26.43
N PRO B 160 17.10 -6.98 -25.42
CA PRO B 160 17.77 -8.28 -25.26
C PRO B 160 17.45 -9.19 -26.43
N LYS B 161 18.43 -10.00 -26.79
CA LYS B 161 18.30 -10.94 -27.89
C LYS B 161 18.38 -12.36 -27.34
N ASN B 162 17.61 -13.26 -27.95
CA ASN B 162 17.58 -14.64 -27.47
C ASN B 162 18.93 -15.32 -27.70
N ASN B 163 19.35 -16.11 -26.71
CA ASN B 163 20.65 -16.76 -26.72
C ASN B 163 21.77 -15.76 -26.95
N GLY B 164 21.62 -14.58 -26.37
CA GLY B 164 22.67 -13.59 -26.35
C GLY B 164 23.27 -13.57 -24.96
N GLU B 165 24.56 -13.88 -24.87
CA GLU B 165 25.25 -14.03 -23.61
C GLU B 165 26.33 -12.97 -23.64
N SER B 166 26.50 -12.22 -22.55
CA SER B 166 27.39 -11.05 -22.50
C SER B 166 26.96 -9.93 -23.44
N TYR B 167 25.88 -10.11 -24.21
CA TYR B 167 25.23 -8.99 -24.90
C TYR B 167 24.16 -8.41 -23.98
N ASN B 168 23.24 -9.25 -23.54
CA ASN B 168 22.14 -8.82 -22.68
C ASN B 168 22.63 -8.23 -21.37
N GLN B 169 23.78 -8.68 -20.86
CA GLN B 169 24.31 -8.14 -19.62
C GLN B 169 25.74 -8.61 -19.40
N HIS B 170 26.56 -7.72 -18.84
CA HIS B 170 27.99 -7.99 -18.64
C HIS B 170 28.57 -7.04 -17.60
N GLN B 171 29.46 -7.54 -16.75
CA GLN B 171 30.05 -6.74 -15.69
C GLN B 171 31.55 -6.53 -15.87
N PHE B 172 32.03 -5.40 -15.34
CA PHE B 172 33.48 -5.06 -15.41
C PHE B 172 33.91 -4.54 -14.03
N ALA B 173 35.16 -4.73 -13.66
CA ALA B 173 35.64 -4.35 -12.31
C ALA B 173 36.21 -2.94 -12.20
N LEU B 174 36.29 -2.19 -13.30
CA LEU B 174 36.76 -0.77 -13.14
C LEU B 174 38.10 -0.74 -12.39
N ARG B 175 39.07 -1.54 -12.84
CA ARG B 175 40.40 -1.63 -12.18
C ARG B 175 41.19 -0.32 -12.17
N ASN B 176 41.21 0.45 -13.26
CA ASN B 176 42.08 1.65 -13.26
C ASN B 176 41.24 2.90 -12.99
N ILE B 177 41.50 3.57 -11.89
CA ILE B 177 40.71 4.74 -11.54
C ILE B 177 41.66 5.91 -11.37
N GLU B 178 41.57 6.88 -12.27
CA GLU B 178 42.31 8.14 -12.17
C GLU B 178 41.59 9.06 -11.20
N LYS B 179 42.03 9.05 -9.93
CA LYS B 179 41.34 9.76 -8.85
C LYS B 179 42.09 11.00 -8.37
N GLY B 180 43.26 11.31 -8.93
CA GLY B 180 43.97 12.51 -8.54
C GLY B 180 44.39 12.50 -7.07
N LYS B 181 44.15 13.63 -6.41
CA LYS B 181 44.48 13.77 -4.99
C LYS B 181 43.50 13.02 -4.09
N TYR B 182 42.33 12.65 -4.62
CA TYR B 182 41.30 12.01 -3.83
C TYR B 182 41.67 10.55 -3.55
N ASP B 183 41.42 10.12 -2.31
CA ASP B 183 41.66 8.71 -1.98
C ASP B 183 40.67 7.79 -2.68
N LYS B 184 39.41 8.22 -2.78
CA LYS B 184 38.34 7.40 -3.30
C LYS B 184 37.46 8.26 -4.19
N VAL B 185 36.81 7.62 -5.16
CA VAL B 185 35.82 8.27 -6.00
C VAL B 185 34.64 7.33 -6.13
N MET B 186 33.47 7.90 -6.41
CA MET B 186 32.27 7.07 -6.32
C MET B 186 31.13 7.63 -7.14
N PRO B 187 30.38 6.79 -7.85
CA PRO B 187 29.14 7.27 -8.48
C PRO B 187 28.19 7.76 -7.41
N TYR B 188 27.57 8.91 -7.63
CA TYR B 188 26.81 9.42 -6.49
C TYR B 188 25.75 10.39 -7.04
N GLY B 189 24.72 9.78 -7.66
CA GLY B 189 23.66 10.45 -8.36
C GLY B 189 22.98 9.52 -9.34
N PRO B 190 21.74 9.83 -9.77
CA PRO B 190 20.97 8.86 -10.58
C PRO B 190 21.35 8.76 -12.06
N SER B 191 21.50 9.88 -12.75
CA SER B 191 21.55 9.89 -14.22
C SER B 191 22.82 10.59 -14.70
N GLY B 192 23.20 10.29 -15.94
CA GLY B 192 24.39 10.89 -16.53
C GLY B 192 24.24 11.04 -18.02
N ILE B 193 25.27 11.60 -18.66
CA ILE B 193 25.18 11.91 -20.08
C ILE B 193 26.29 11.21 -20.85
N LYS B 194 26.01 10.92 -22.11
CA LYS B 194 27.02 10.50 -23.08
C LYS B 194 27.38 11.69 -23.97
N GLN B 195 28.65 11.77 -24.33
CA GLN B 195 29.12 12.70 -25.36
C GLN B 195 29.92 11.87 -26.37
N GLY B 196 29.42 11.78 -27.59
CA GLY B 196 29.97 10.84 -28.54
C GLY B 196 29.95 9.44 -27.95
N ASP B 197 31.12 8.91 -27.61
CA ASP B 197 31.22 7.57 -27.06
C ASP B 197 31.82 7.58 -25.66
N THR B 198 31.63 8.68 -24.92
CA THR B 198 32.18 8.81 -23.58
C THR B 198 31.07 9.08 -22.58
N LEU B 199 30.99 8.25 -21.55
CA LEU B 199 29.96 8.34 -20.53
C LEU B 199 30.44 9.21 -19.37
N TYR B 200 29.50 9.96 -18.78
CA TYR B 200 29.78 10.83 -17.64
C TYR B 200 28.71 10.55 -16.60
N PHE B 201 29.14 10.01 -15.45
CA PHE B 201 28.31 9.72 -14.28
C PHE B 201 28.50 10.80 -13.23
N PRO B 202 27.44 11.24 -12.54
CA PRO B 202 27.64 12.14 -11.40
C PRO B 202 28.36 11.38 -10.30
N ALA B 203 29.40 11.99 -9.75
CA ALA B 203 30.27 11.31 -8.82
C ALA B 203 30.65 12.24 -7.69
N VAL B 204 31.33 11.67 -6.71
CA VAL B 204 31.87 12.39 -5.57
C VAL B 204 33.29 11.89 -5.35
N GLY B 205 34.12 12.77 -4.82
CA GLY B 205 35.49 12.44 -4.47
C GLY B 205 35.72 12.62 -2.99
N PHE B 206 36.51 11.71 -2.41
CA PHE B 206 36.84 11.69 -0.99
C PHE B 206 38.24 12.25 -0.82
N LEU B 207 38.32 13.50 -0.42
CA LEU B 207 39.61 14.17 -0.22
C LEU B 207 39.93 14.19 1.27
N VAL B 208 41.20 14.03 1.60
CA VAL B 208 41.58 14.10 3.02
C VAL B 208 41.38 15.53 3.49
N ARG B 209 40.74 15.69 4.65
CA ARG B 209 40.36 17.02 5.11
C ARG B 209 41.58 17.92 5.27
N THR B 210 42.73 17.36 5.62
CA THR B 210 43.95 18.15 5.76
C THR B 210 44.67 18.39 4.44
N GLU B 211 44.27 17.72 3.36
CA GLU B 211 44.71 18.08 2.02
C GLU B 211 43.73 19.00 1.31
N PHE B 212 42.69 19.45 2.02
CA PHE B 212 41.71 20.37 1.46
C PHE B 212 42.20 21.79 1.68
N LYS B 213 42.55 22.49 0.60
CA LYS B 213 42.95 23.89 0.70
C LYS B 213 41.70 24.76 0.60
N TYR B 214 41.39 25.45 1.69
CA TYR B 214 40.30 26.42 1.72
C TYR B 214 40.73 27.56 2.63
N ASN B 215 40.57 28.78 2.16
CA ASN B 215 40.72 29.96 3.00
C ASN B 215 39.36 30.34 3.56
N ASP B 216 39.24 30.39 4.90
CA ASP B 216 37.98 30.81 5.48
C ASP B 216 37.61 32.24 5.10
N SER B 217 38.52 33.01 4.51
CA SER B 217 38.13 34.30 3.98
C SER B 217 37.21 34.17 2.77
N ASN B 218 37.11 32.98 2.16
CA ASN B 218 36.18 32.74 1.06
C ASN B 218 34.82 32.22 1.51
N CYS B 219 34.55 32.09 2.80
CA CYS B 219 33.20 31.70 3.16
C CYS B 219 32.31 32.93 3.02
N PRO B 220 31.25 32.85 2.23
CA PRO B 220 30.35 34.00 2.11
C PRO B 220 29.49 34.21 3.34
N ILE B 221 30.01 34.92 4.34
CA ILE B 221 29.22 35.21 5.53
C ILE B 221 28.52 36.56 5.40
N ALA B 222 28.40 37.10 4.18
CA ALA B 222 27.69 38.36 4.03
C ALA B 222 26.23 38.18 4.42
N GLU B 223 25.76 39.07 5.29
CA GLU B 223 24.37 39.11 5.75
C GLU B 223 24.00 37.93 6.60
N CYS B 224 25.01 37.25 7.11
CA CYS B 224 24.84 36.16 8.05
C CYS B 224 25.48 36.63 9.35
N GLN B 225 24.67 37.31 10.17
CA GLN B 225 25.14 37.80 11.45
C GLN B 225 25.70 36.66 12.30
N TYR B 226 24.98 35.55 12.37
CA TYR B 226 25.35 34.47 13.28
C TYR B 226 26.28 33.45 12.65
N SER B 227 26.54 33.54 11.35
CA SER B 227 27.43 32.60 10.69
C SER B 227 28.88 32.93 11.03
N LYS B 228 29.75 31.92 10.94
CA LYS B 228 31.18 32.05 11.25
C LYS B 228 32.00 31.67 10.03
N PRO B 229 33.16 32.32 9.84
CA PRO B 229 33.93 32.09 8.60
C PRO B 229 34.44 30.66 8.41
N GLU B 230 34.62 29.86 9.46
CA GLU B 230 35.02 28.50 9.14
C GLU B 230 33.87 27.64 8.66
N ASN B 231 32.62 28.13 8.81
CA ASN B 231 31.48 27.22 8.77
C ASN B 231 31.36 26.44 7.47
N CYS B 232 31.74 27.02 6.32
CA CYS B 232 31.60 26.20 5.13
C CYS B 232 32.81 25.30 4.88
N ARG B 233 33.99 25.67 5.38
CA ARG B 233 35.14 24.75 5.28
C ARG B 233 34.87 23.54 6.17
N LEU B 234 34.31 23.79 7.34
CA LEU B 234 33.91 22.71 8.23
C LEU B 234 32.79 21.86 7.61
N SER B 235 31.71 22.51 7.14
CA SER B 235 30.57 21.75 6.62
C SER B 235 30.90 21.03 5.33
N MET B 236 32.07 21.27 4.74
CA MET B 236 32.41 20.58 3.52
C MET B 236 32.50 19.06 3.70
N GLY B 237 32.38 18.58 4.96
CA GLY B 237 32.31 17.16 5.23
C GLY B 237 31.08 16.84 6.07
N ILE B 238 30.80 15.54 6.20
CA ILE B 238 29.55 15.15 6.85
C ILE B 238 29.56 15.47 8.34
N ARG B 239 30.74 15.63 8.92
CA ARG B 239 30.90 16.13 10.29
C ARG B 239 32.02 17.16 10.28
N PRO B 240 32.03 18.11 11.21
CA PRO B 240 33.13 19.09 11.22
C PRO B 240 34.48 18.41 11.41
N ASN B 241 34.47 17.28 12.10
CA ASN B 241 35.64 16.49 12.42
C ASN B 241 36.09 15.60 11.30
N SER B 242 35.24 15.38 10.29
CA SER B 242 35.34 14.20 9.44
C SER B 242 36.71 14.09 8.81
N HIS B 243 37.18 12.84 8.69
CA HIS B 243 38.48 12.59 8.10
C HIS B 243 38.51 13.02 6.63
N TYR B 244 37.45 12.72 5.89
CA TYR B 244 37.33 13.11 4.50
C TYR B 244 36.40 14.31 4.37
N ILE B 245 36.57 15.03 3.27
CA ILE B 245 35.54 15.90 2.73
C ILE B 245 35.12 15.30 1.40
N LEU B 246 33.94 15.71 0.96
CA LEU B 246 33.31 15.21 -0.25
C LEU B 246 33.22 16.34 -1.25
N ARG B 247 33.56 16.06 -2.51
CA ARG B 247 33.37 17.04 -3.58
C ARG B 247 32.74 16.38 -4.79
N SER B 248 31.60 16.90 -5.22
CA SER B 248 30.92 16.34 -6.38
C SER B 248 31.71 16.61 -7.65
N GLY B 249 31.30 15.95 -8.72
CA GLY B 249 31.98 15.98 -10.00
C GLY B 249 31.43 14.90 -10.89
N LEU B 250 32.29 14.39 -11.76
CA LEU B 250 31.91 13.38 -12.74
C LEU B 250 32.91 12.24 -12.79
N LEU B 251 32.42 11.09 -13.20
CA LEU B 251 33.25 9.94 -13.54
C LEU B 251 33.13 9.71 -15.04
N LYS B 252 34.25 9.83 -15.74
CA LYS B 252 34.34 9.74 -17.18
C LYS B 252 34.79 8.34 -17.55
N TYR B 253 33.94 7.63 -18.30
CA TYR B 253 34.27 6.31 -18.83
C TYR B 253 34.25 6.38 -20.35
N ASN B 254 35.42 6.24 -20.93
CA ASN B 254 35.61 6.26 -22.38
C ASN B 254 35.46 4.85 -22.94
N LEU B 255 34.36 4.61 -23.68
CA LEU B 255 34.18 3.32 -24.31
C LEU B 255 35.20 3.10 -25.41
N SER B 256 35.72 4.20 -25.96
CA SER B 256 36.68 4.15 -27.09
C SER B 256 38.09 3.76 -26.65
N ASP B 257 38.48 4.12 -25.42
CA ASP B 257 39.79 3.65 -24.93
C ASP B 257 39.64 2.14 -24.88
N GLU B 258 40.68 1.38 -25.17
CA GLU B 258 40.47 -0.09 -25.33
C GLU B 258 41.08 -0.91 -24.19
N GLU B 259 40.29 -1.87 -23.68
CA GLU B 259 40.81 -2.81 -22.64
C GLU B 259 40.92 -2.11 -21.29
N ASN B 260 41.53 -0.94 -21.26
CA ASN B 260 41.79 -0.33 -19.93
C ASN B 260 40.47 -0.07 -19.22
N SER B 261 40.41 -0.41 -17.93
CA SER B 261 39.21 -0.10 -17.12
C SER B 261 39.44 1.29 -16.58
N LYS B 262 40.05 2.13 -17.40
CA LYS B 262 40.36 3.50 -16.99
C LYS B 262 39.07 4.30 -16.87
N ILE B 263 38.82 4.80 -15.67
CA ILE B 263 37.73 5.73 -15.42
C ILE B 263 38.31 6.90 -14.65
N VAL B 264 37.91 8.13 -15.01
CA VAL B 264 38.60 9.33 -14.56
C VAL B 264 37.64 10.21 -13.75
N PHE B 265 38.09 10.67 -12.59
CA PHE B 265 37.29 11.61 -11.81
C PHE B 265 37.57 13.04 -12.28
N ILE B 266 36.51 13.85 -12.31
CA ILE B 266 36.56 15.24 -12.72
C ILE B 266 35.92 16.04 -11.59
N GLU B 267 36.69 16.90 -10.93
CA GLU B 267 36.09 17.63 -9.83
C GLU B 267 35.27 18.81 -10.35
N ILE B 268 34.38 19.30 -9.50
CA ILE B 268 33.51 20.41 -9.84
C ILE B 268 34.23 21.72 -9.53
N SER B 269 33.69 22.81 -10.05
CA SER B 269 34.34 24.12 -9.88
C SER B 269 34.29 24.59 -8.43
N ASP B 270 35.12 25.56 -8.11
CA ASP B 270 35.12 26.19 -6.77
C ASP B 270 33.77 26.88 -6.58
N GLN B 271 33.19 27.37 -7.67
CA GLN B 271 31.98 28.21 -7.53
C GLN B 271 30.81 27.50 -6.85
N ARG B 272 30.15 28.20 -5.92
CA ARG B 272 28.96 27.64 -5.23
C ARG B 272 29.33 26.28 -4.64
N LEU B 273 30.50 26.20 -4.03
CA LEU B 273 30.93 24.88 -3.51
C LEU B 273 29.94 24.47 -2.43
N SER B 274 29.59 23.19 -2.41
CA SER B 274 28.72 22.66 -1.34
C SER B 274 29.09 21.20 -1.15
N ILE B 275 28.89 20.67 0.05
CA ILE B 275 29.31 19.30 0.33
C ILE B 275 28.90 18.39 -0.81
N GLY B 276 29.82 17.49 -1.20
CA GLY B 276 29.53 16.51 -2.23
C GLY B 276 28.26 15.75 -1.93
N SER B 277 27.38 15.64 -2.93
CA SER B 277 26.00 15.24 -2.70
C SER B 277 25.47 14.57 -3.96
N PRO B 278 24.42 13.75 -3.84
CA PRO B 278 23.83 13.12 -5.03
C PRO B 278 23.45 14.16 -6.08
N SER B 279 23.94 13.96 -7.29
CA SER B 279 23.85 14.95 -8.34
C SER B 279 23.29 14.29 -9.60
N LYS B 280 23.20 15.08 -10.67
CA LYS B 280 22.63 14.57 -11.91
C LYS B 280 23.06 15.46 -13.05
N ILE B 281 23.47 14.85 -14.16
CA ILE B 281 23.74 15.58 -15.39
C ILE B 281 22.83 15.02 -16.47
N TYR B 282 22.27 15.90 -17.29
CA TYR B 282 21.32 15.45 -18.28
C TYR B 282 21.35 16.36 -19.50
N ASP B 283 20.88 15.82 -20.62
CA ASP B 283 20.75 16.58 -21.84
C ASP B 283 19.39 17.25 -21.88
N SER B 284 19.34 18.50 -22.33
CA SER B 284 18.07 19.16 -22.56
C SER B 284 18.25 20.26 -23.59
N LEU B 285 17.39 20.25 -24.62
CA LEU B 285 17.29 21.29 -25.63
C LEU B 285 18.67 21.73 -26.15
N GLY B 286 19.61 20.79 -26.20
CA GLY B 286 20.88 21.04 -26.83
C GLY B 286 22.06 21.26 -25.92
N GLN B 287 21.87 21.29 -24.60
CA GLN B 287 23.02 21.39 -23.70
C GLN B 287 22.83 20.50 -22.49
N PRO B 288 23.93 20.09 -21.85
CA PRO B 288 23.81 19.45 -20.54
C PRO B 288 23.50 20.46 -19.44
N VAL B 289 22.62 20.03 -18.53
CA VAL B 289 22.34 20.72 -17.29
C VAL B 289 22.85 19.84 -16.16
N PHE B 290 23.18 20.47 -15.04
CA PHE B 290 23.71 19.80 -13.86
C PHE B 290 22.89 20.24 -12.64
N TYR B 291 22.55 19.28 -11.78
CA TYR B 291 21.81 19.55 -10.53
C TYR B 291 22.56 18.92 -9.35
N GLN B 292 22.77 19.67 -8.28
CA GLN B 292 23.41 19.11 -7.08
C GLN B 292 22.45 19.24 -5.90
N ALA B 293 22.24 18.15 -5.17
CA ALA B 293 21.33 18.14 -4.02
C ALA B 293 21.92 19.02 -2.92
N SER B 294 21.07 19.70 -2.17
CA SER B 294 21.61 20.49 -1.05
C SER B 294 21.55 19.63 0.21
N PHE B 295 22.70 19.16 0.67
CA PHE B 295 22.79 18.34 1.91
C PHE B 295 23.47 19.22 2.96
N SER B 296 23.50 20.53 2.72
CA SER B 296 24.27 21.46 3.58
C SER B 296 23.56 22.81 3.62
N TRP B 297 24.26 23.89 3.98
CA TRP B 297 23.66 25.23 4.19
C TRP B 297 22.98 25.80 2.94
N ASP B 298 23.47 25.55 1.74
CA ASP B 298 22.87 26.23 0.56
C ASP B 298 21.62 25.43 0.21
N THR B 299 20.54 25.69 0.95
CA THR B 299 19.25 25.01 0.75
C THR B 299 18.67 25.35 -0.62
N MET B 300 18.84 26.59 -1.06
CA MET B 300 18.16 27.03 -2.31
C MET B 300 18.69 26.17 -3.45
N ILE B 301 17.86 25.85 -4.42
CA ILE B 301 18.24 24.83 -5.42
C ILE B 301 19.50 25.22 -6.18
N LYS B 302 20.38 24.24 -6.37
CA LYS B 302 21.60 24.48 -7.17
C LYS B 302 21.44 23.64 -8.43
N PHE B 303 21.50 24.29 -9.59
CA PHE B 303 21.38 23.57 -10.88
C PHE B 303 21.53 24.61 -11.98
N GLY B 304 21.88 24.14 -13.17
CA GLY B 304 22.13 25.09 -14.23
C GLY B 304 22.93 24.48 -15.36
N ASP B 305 23.14 25.31 -16.38
CA ASP B 305 23.76 24.85 -17.61
C ASP B 305 25.25 24.56 -17.39
N VAL B 306 25.71 23.47 -17.98
CA VAL B 306 27.12 23.09 -17.87
C VAL B 306 27.91 23.90 -18.89
N GLN B 307 28.79 24.78 -18.41
CA GLN B 307 29.47 25.64 -19.37
C GLN B 307 30.60 24.84 -20.04
N THR B 308 31.36 24.09 -19.24
CA THR B 308 32.33 23.10 -19.70
C THR B 308 32.15 21.83 -18.88
N VAL B 309 32.30 20.68 -19.54
CA VAL B 309 32.18 19.40 -18.84
C VAL B 309 33.49 19.01 -18.19
N ASN B 310 34.60 19.14 -18.92
CA ASN B 310 35.93 18.85 -18.40
C ASN B 310 36.85 20.02 -18.75
N PRO B 311 37.27 20.84 -17.77
CA PRO B 311 36.90 20.78 -16.35
C PRO B 311 35.45 21.17 -16.08
N LEU B 312 34.86 20.58 -15.04
CA LEU B 312 33.43 20.76 -14.75
C LEU B 312 33.19 22.13 -14.14
N VAL B 313 32.33 22.91 -14.78
CA VAL B 313 31.99 24.24 -14.29
C VAL B 313 30.55 24.51 -14.68
N VAL B 314 29.74 24.87 -13.68
CA VAL B 314 28.30 24.93 -13.83
C VAL B 314 27.84 26.36 -13.58
N ASN B 315 26.97 26.86 -14.46
CA ASN B 315 26.42 28.21 -14.35
C ASN B 315 25.15 28.11 -13.52
N TRP B 316 25.33 27.96 -12.21
CA TRP B 316 24.19 27.81 -11.30
C TRP B 316 23.21 28.95 -11.47
N ARG B 317 21.93 28.61 -11.48
CA ARG B 317 20.90 29.64 -11.47
C ARG B 317 20.85 30.30 -10.10
N ASP B 318 20.52 31.59 -10.08
CA ASP B 318 20.20 32.27 -8.83
C ASP B 318 18.70 32.11 -8.52
N ASN B 319 18.30 30.87 -8.33
CA ASN B 319 16.91 30.58 -8.05
C ASN B 319 16.59 31.02 -6.61
N THR B 320 15.47 31.73 -6.45
CA THR B 320 15.13 32.27 -5.13
C THR B 320 13.82 31.70 -4.60
N VAL B 321 13.32 30.61 -5.16
CA VAL B 321 11.98 30.16 -4.81
C VAL B 321 11.93 28.68 -4.41
N ILE B 322 12.80 27.85 -4.98
CA ILE B 322 12.77 26.41 -4.77
C ILE B 322 13.76 26.04 -3.68
N SER B 323 13.40 25.10 -2.83
CA SER B 323 14.33 24.66 -1.80
C SER B 323 13.93 23.26 -1.34
N ARG B 324 14.60 22.77 -0.31
CA ARG B 324 14.39 21.47 0.28
C ARG B 324 14.11 21.60 1.78
N PRO B 325 13.36 20.66 2.36
CA PRO B 325 13.19 20.65 3.81
C PRO B 325 14.45 20.14 4.50
N GLY B 326 14.76 20.73 5.65
CA GLY B 326 15.81 20.23 6.50
C GLY B 326 15.45 20.28 7.98
N GLN B 327 15.82 19.24 8.72
CA GLN B 327 15.31 19.05 10.07
C GLN B 327 15.83 20.12 11.02
N SER B 328 17.15 20.21 11.17
CA SER B 328 17.76 21.03 12.20
C SER B 328 18.96 21.78 11.66
N GLN B 329 19.02 23.07 11.99
CA GLN B 329 20.18 23.94 11.74
C GLN B 329 20.29 24.38 10.29
N CYS B 330 19.65 23.69 9.36
CA CYS B 330 19.63 24.08 7.95
C CYS B 330 18.24 23.84 7.39
N PRO B 331 17.25 24.60 7.86
CA PRO B 331 15.88 24.39 7.39
C PRO B 331 15.71 24.86 5.95
N ARG B 332 14.51 24.71 5.41
CA ARG B 332 14.21 25.28 4.12
C ARG B 332 14.45 26.79 4.14
N PHE B 333 14.93 27.32 3.02
CA PHE B 333 15.18 28.76 2.84
C PHE B 333 16.32 29.27 3.71
N ASN B 334 17.28 28.42 4.02
CA ASN B 334 18.51 28.85 4.66
C ASN B 334 19.49 29.25 3.56
N LYS B 335 19.96 30.49 3.57
CA LYS B 335 21.03 30.81 2.63
C LYS B 335 22.38 31.05 3.28
N CYS B 336 22.50 30.90 4.61
CA CYS B 336 23.71 31.32 5.31
C CYS B 336 24.56 30.12 5.70
N PRO B 337 25.89 30.24 5.67
CA PRO B 337 26.76 29.08 5.97
C PRO B 337 26.56 28.58 7.40
N GLU B 338 26.35 27.27 7.50
CA GLU B 338 26.18 26.61 8.79
C GLU B 338 26.78 25.22 8.67
N VAL B 339 27.08 24.60 9.81
CA VAL B 339 27.59 23.23 9.83
C VAL B 339 26.40 22.30 9.92
N CYS B 340 26.03 21.68 8.81
CA CYS B 340 24.91 20.75 8.79
C CYS B 340 25.14 19.73 7.68
N TRP B 341 24.59 18.53 7.87
CA TRP B 341 24.48 17.54 6.80
C TRP B 341 23.04 17.03 6.83
N GLU B 342 22.17 17.67 6.03
CA GLU B 342 20.78 17.22 5.95
C GLU B 342 20.16 17.81 4.69
N GLY B 343 19.23 17.08 4.15
CA GLY B 343 18.54 17.47 2.95
C GLY B 343 18.03 16.25 2.22
N VAL B 344 17.53 16.49 1.02
CA VAL B 344 16.88 15.45 0.24
C VAL B 344 17.17 15.70 -1.23
N TYR B 345 17.25 14.62 -2.01
CA TYR B 345 17.36 14.75 -3.45
C TYR B 345 15.99 15.06 -4.02
N ASN B 346 15.89 16.20 -4.74
CA ASN B 346 14.66 16.70 -5.38
C ASN B 346 15.09 17.48 -6.61
N ASP B 347 15.34 16.76 -7.71
CA ASP B 347 15.94 17.42 -8.87
C ASP B 347 14.88 18.15 -9.70
N ALA B 348 15.37 18.88 -10.71
CA ALA B 348 14.52 19.62 -11.62
C ALA B 348 15.03 19.45 -13.05
N PHE B 349 14.09 19.45 -13.99
CA PHE B 349 14.37 19.27 -15.40
C PHE B 349 14.00 20.52 -16.18
N LEU B 350 14.92 21.01 -16.99
CA LEU B 350 14.71 22.21 -17.78
C LEU B 350 13.84 21.87 -19.00
N ILE B 351 12.69 22.54 -19.14
CA ILE B 351 11.78 22.26 -20.24
C ILE B 351 11.74 23.38 -21.27
N ASP B 352 12.22 24.57 -20.94
CA ASP B 352 12.30 25.69 -21.87
C ASP B 352 13.50 26.53 -21.45
N ARG B 353 14.38 26.87 -22.40
CA ARG B 353 15.56 27.67 -22.06
C ARG B 353 15.46 29.13 -22.44
N ILE B 354 14.74 29.42 -23.52
CA ILE B 354 14.57 30.82 -23.97
C ILE B 354 14.21 31.58 -22.70
N ASN B 355 13.08 31.22 -22.12
CA ASN B 355 12.77 31.76 -20.79
C ASN B 355 13.05 30.53 -19.94
N TRP B 356 13.96 30.61 -18.98
CA TRP B 356 14.28 29.34 -18.29
C TRP B 356 13.00 28.92 -17.62
N ILE B 357 12.65 27.65 -17.74
CA ILE B 357 11.43 27.13 -17.07
C ILE B 357 11.72 25.67 -16.78
N SER B 358 11.64 25.30 -15.52
CA SER B 358 11.99 23.97 -15.07
C SER B 358 10.82 23.33 -14.33
N ALA B 359 10.85 22.02 -14.25
CA ALA B 359 9.82 21.24 -13.60
C ALA B 359 10.43 20.20 -12.68
N GLY B 360 9.83 20.05 -11.51
CA GLY B 360 10.27 19.03 -10.58
C GLY B 360 9.33 18.93 -9.40
N VAL B 361 9.45 17.83 -8.68
CA VAL B 361 8.60 17.61 -7.51
C VAL B 361 9.41 17.99 -6.28
N PHE B 362 8.93 18.98 -5.53
CA PHE B 362 9.60 19.39 -4.31
C PHE B 362 8.66 19.26 -3.12
N LEU B 363 9.26 19.11 -1.93
CA LEU B 363 8.53 18.79 -0.70
C LEU B 363 8.19 20.09 0.01
N ASP B 364 6.93 20.53 -0.09
CA ASP B 364 6.51 21.84 0.40
C ASP B 364 6.34 21.78 1.92
N SER B 365 7.48 21.83 2.61
CA SER B 365 7.52 21.84 4.07
C SER B 365 8.88 22.33 4.53
N ASN B 366 8.91 23.04 5.66
CA ASN B 366 10.16 23.58 6.18
C ASN B 366 11.08 22.51 6.73
N GLN B 367 10.53 21.56 7.50
CA GLN B 367 11.37 20.68 8.31
C GLN B 367 11.09 19.21 8.07
N THR B 368 9.85 18.78 8.28
CA THR B 368 9.49 17.41 7.95
C THR B 368 9.58 17.21 6.44
N ALA B 369 9.33 15.98 5.99
CA ALA B 369 9.34 15.69 4.54
C ALA B 369 7.92 15.43 4.07
N GLU B 370 7.23 16.41 3.50
CA GLU B 370 5.81 16.19 3.20
C GLU B 370 5.29 17.07 2.06
N ASN B 371 4.07 16.81 1.62
CA ASN B 371 3.42 17.66 0.59
C ASN B 371 4.25 17.75 -0.70
N PRO B 372 4.65 16.63 -1.31
CA PRO B 372 5.34 16.73 -2.55
C PRO B 372 4.42 17.43 -3.55
N VAL B 373 4.97 18.36 -4.34
CA VAL B 373 4.13 19.16 -5.27
C VAL B 373 4.88 19.39 -6.58
N PHE B 374 4.44 18.76 -7.67
CA PHE B 374 5.00 18.99 -8.98
C PHE B 374 4.93 20.48 -9.29
N THR B 375 6.06 21.08 -9.63
CA THR B 375 6.21 22.53 -9.68
C THR B 375 6.91 22.91 -10.98
N VAL B 376 6.30 23.83 -11.73
CA VAL B 376 6.88 24.43 -12.93
C VAL B 376 7.18 25.88 -12.60
N PHE B 377 8.45 26.26 -12.72
CA PHE B 377 8.94 27.48 -12.09
C PHE B 377 10.04 28.13 -12.93
N LYS B 378 10.24 29.41 -12.68
CA LYS B 378 11.35 30.21 -13.18
C LYS B 378 12.23 30.61 -11.99
N ASP B 379 13.37 31.24 -12.28
CA ASP B 379 14.37 31.49 -11.23
C ASP B 379 13.77 32.19 -10.02
N ASN B 380 12.99 33.25 -10.25
CA ASN B 380 12.46 34.07 -9.16
C ASN B 380 10.94 33.99 -9.04
N GLU B 381 10.29 33.14 -9.85
CA GLU B 381 8.84 33.02 -9.84
C GLU B 381 8.49 31.54 -9.93
N VAL B 382 7.33 31.17 -9.39
CA VAL B 382 6.76 29.84 -9.61
C VAL B 382 5.53 30.02 -10.48
N LEU B 383 5.53 29.37 -11.64
CA LEU B 383 4.47 29.58 -12.61
C LEU B 383 3.22 28.80 -12.28
N TYR B 384 3.35 27.51 -11.94
CA TYR B 384 2.16 26.69 -11.67
C TYR B 384 2.51 25.32 -11.11
N ARG B 385 1.59 24.81 -10.27
CA ARG B 385 1.81 23.68 -9.39
C ARG B 385 0.78 22.58 -9.62
N ALA B 386 1.00 21.46 -8.94
CA ALA B 386 0.03 20.37 -8.82
C ALA B 386 0.46 19.41 -7.73
N GLN B 387 -0.44 19.04 -6.83
CA GLN B 387 -0.08 18.31 -5.63
C GLN B 387 -0.24 16.80 -5.90
N LEU B 388 0.89 16.08 -5.87
CA LEU B 388 0.86 14.66 -6.21
C LEU B 388 0.14 13.82 -5.17
N ALA B 389 0.10 14.30 -3.93
CA ALA B 389 -0.59 13.58 -2.87
C ALA B 389 -1.02 14.57 -1.80
N SER B 390 -1.63 14.04 -0.75
CA SER B 390 -2.22 14.86 0.30
C SER B 390 -1.14 15.67 1.02
N GLU B 391 -1.57 16.78 1.66
CA GLU B 391 -0.61 17.65 2.32
C GLU B 391 0.03 17.00 3.54
N ASP B 392 -0.72 16.17 4.26
CA ASP B 392 -0.14 15.44 5.37
C ASP B 392 0.85 14.38 4.91
N THR B 393 0.71 13.91 3.68
CA THR B 393 1.51 12.80 3.16
C THR B 393 3.01 13.09 3.20
N ASN B 394 3.76 12.10 3.67
CA ASN B 394 5.23 12.26 3.81
C ASN B 394 5.90 11.51 2.66
N ALA B 395 6.84 12.15 1.98
CA ALA B 395 7.56 11.57 0.84
C ALA B 395 9.03 11.96 0.98
N GLN B 396 9.97 11.22 0.39
CA GLN B 396 11.35 11.72 0.56
C GLN B 396 12.04 12.15 -0.73
N LYS B 397 12.25 11.27 -1.70
CA LYS B 397 13.11 11.65 -2.85
C LYS B 397 12.31 11.96 -4.12
N THR B 398 12.99 12.51 -5.12
CA THR B 398 12.27 12.92 -6.34
C THR B 398 13.22 12.93 -7.53
N ILE B 399 12.86 12.20 -8.59
CA ILE B 399 13.69 12.11 -9.80
C ILE B 399 12.78 12.42 -10.99
N THR B 400 12.93 13.62 -11.57
CA THR B 400 12.10 14.09 -12.67
C THR B 400 12.87 14.07 -13.98
N ASN B 401 12.28 13.49 -15.03
CA ASN B 401 12.86 13.54 -16.36
C ASN B 401 11.77 13.85 -17.37
N CYS B 402 12.07 14.73 -18.31
CA CYS B 402 11.07 15.19 -19.26
C CYS B 402 11.53 14.98 -20.70
N PHE B 403 10.56 14.79 -21.58
CA PHE B 403 10.78 14.34 -22.95
C PHE B 403 9.57 14.76 -23.78
N LEU B 404 9.50 14.23 -25.00
CA LEU B 404 8.49 14.62 -25.96
C LEU B 404 7.68 13.40 -26.40
N LEU B 405 6.39 13.62 -26.62
CA LEU B 405 5.49 12.60 -27.19
C LEU B 405 4.61 13.30 -28.21
N LYS B 406 4.78 12.96 -29.48
CA LYS B 406 4.14 13.64 -30.59
C LYS B 406 4.30 15.16 -30.42
N ASN B 407 5.53 15.54 -30.10
CA ASN B 407 6.04 16.90 -29.91
C ASN B 407 5.46 17.61 -28.69
N LYS B 408 4.60 16.95 -27.91
CA LYS B 408 4.07 17.53 -26.69
C LYS B 408 5.01 17.20 -25.53
N ILE B 409 5.12 18.12 -24.57
CA ILE B 409 6.11 18.00 -23.50
C ILE B 409 5.52 17.23 -22.34
N TRP B 410 6.13 16.08 -22.01
CA TRP B 410 5.72 15.25 -20.89
C TRP B 410 6.87 15.10 -19.90
N CYS B 411 6.53 14.90 -18.63
CA CYS B 411 7.50 14.58 -17.60
C CYS B 411 7.05 13.32 -16.88
N ILE B 412 8.03 12.48 -16.52
CA ILE B 412 7.79 11.37 -15.62
C ILE B 412 8.64 11.59 -14.37
N SER B 413 7.98 11.57 -13.23
CA SER B 413 8.61 11.77 -11.93
C SER B 413 8.53 10.48 -11.15
N LEU B 414 9.66 10.03 -10.62
CA LEU B 414 9.66 9.00 -9.60
C LEU B 414 9.66 9.71 -8.26
N VAL B 415 8.59 9.49 -7.48
CA VAL B 415 8.41 10.10 -6.18
C VAL B 415 8.28 8.99 -5.14
N GLU B 416 9.07 9.08 -4.09
CA GLU B 416 8.99 8.12 -2.98
C GLU B 416 7.91 8.59 -2.02
N ILE B 417 6.93 7.74 -1.71
CA ILE B 417 5.80 8.16 -0.89
C ILE B 417 5.55 7.13 0.20
N TYR B 418 5.21 7.61 1.40
CA TYR B 418 4.94 6.77 2.56
C TYR B 418 3.45 6.45 2.63
N ASP B 419 3.13 5.17 2.78
CA ASP B 419 1.78 4.75 3.11
C ASP B 419 1.40 5.30 4.49
N THR B 420 0.25 5.97 4.58
CA THR B 420 -0.23 6.33 5.90
C THR B 420 -0.66 5.07 6.65
N GLY B 421 -0.25 4.99 7.91
CA GLY B 421 -0.34 3.76 8.66
C GLY B 421 0.97 3.00 8.67
N ASP B 422 1.31 2.38 7.53
CA ASP B 422 2.31 1.32 7.52
C ASP B 422 3.71 1.81 7.86
N ASN B 423 4.01 3.08 7.59
CA ASN B 423 5.37 3.62 7.59
C ASN B 423 6.25 2.97 6.52
N VAL B 424 5.67 2.28 5.55
CA VAL B 424 6.46 1.73 4.47
C VAL B 424 6.53 2.76 3.36
N ILE B 425 7.68 2.85 2.70
CA ILE B 425 7.88 3.78 1.61
C ILE B 425 7.86 2.96 0.33
N ARG B 426 7.25 3.51 -0.72
CA ARG B 426 7.33 2.86 -2.01
C ARG B 426 7.40 3.90 -3.10
N PRO B 427 8.06 3.58 -4.21
CA PRO B 427 8.13 4.52 -5.33
C PRO B 427 6.85 4.51 -6.14
N LYS B 428 6.45 5.71 -6.58
CA LYS B 428 5.34 5.87 -7.51
C LYS B 428 5.81 6.68 -8.70
N LEU B 429 5.33 6.27 -9.87
CA LEU B 429 5.65 6.93 -11.13
C LEU B 429 4.47 7.80 -11.53
N PHE B 430 4.71 9.10 -11.71
CA PHE B 430 3.69 10.01 -12.19
C PHE B 430 4.07 10.52 -13.58
N ALA B 431 3.10 10.53 -14.47
CA ALA B 431 3.22 11.17 -15.77
C ALA B 431 2.44 12.47 -15.74
N VAL B 432 3.10 13.56 -16.12
CA VAL B 432 2.53 14.91 -16.07
C VAL B 432 2.75 15.54 -17.43
N LYS B 433 1.68 15.91 -18.12
CA LYS B 433 1.85 16.68 -19.34
C LYS B 433 1.88 18.15 -18.99
N ILE B 434 2.77 18.88 -19.64
CA ILE B 434 2.88 20.34 -19.46
C ILE B 434 1.90 21.00 -20.43
N PRO B 435 0.84 21.64 -19.94
CA PRO B 435 -0.25 22.05 -20.82
C PRO B 435 0.04 23.33 -21.58
N GLU B 436 -0.58 23.44 -22.77
CA GLU B 436 -0.39 24.64 -23.58
C GLU B 436 -1.24 25.80 -23.08
N GLN B 437 -2.55 25.58 -22.90
CA GLN B 437 -3.42 26.65 -22.45
C GLN B 437 -3.34 26.82 -20.95
N CYS B 438 -3.58 28.04 -20.49
CA CYS B 438 -3.44 28.40 -19.08
C CYS B 438 -4.77 28.37 -18.34
N THR B 439 -5.64 27.42 -18.66
CA THR B 439 -6.97 27.38 -18.08
C THR B 439 -7.45 25.94 -17.89
N GLN C 1 33.15 4.23 28.95
CA GLN C 1 32.43 4.84 30.06
C GLN C 1 32.49 6.37 30.07
N VAL C 2 31.68 7.01 29.23
CA VAL C 2 31.55 8.46 29.24
C VAL C 2 30.41 8.86 30.17
N GLN C 3 30.63 9.92 30.95
CA GLN C 3 29.79 10.29 32.08
C GLN C 3 29.71 11.80 32.23
N LEU C 4 28.51 12.28 32.56
CA LEU C 4 28.24 13.71 32.69
C LEU C 4 27.86 14.04 34.13
N GLN C 5 28.26 15.23 34.58
CA GLN C 5 27.87 15.68 35.92
C GLN C 5 27.53 17.17 35.89
N GLU C 6 26.29 17.51 36.27
CA GLU C 6 25.86 18.90 36.34
C GLU C 6 26.26 19.52 37.67
N SER C 7 26.63 20.80 37.62
CA SER C 7 27.11 21.53 38.78
C SER C 7 26.44 22.89 38.77
N GLY C 8 25.67 23.19 39.83
CA GLY C 8 24.88 24.40 39.83
C GLY C 8 24.28 24.84 41.16
N PRO C 9 23.71 26.04 41.16
CA PRO C 9 23.49 26.77 42.42
C PRO C 9 22.38 26.22 43.30
N GLY C 10 21.35 25.60 42.74
CA GLY C 10 20.23 25.10 43.53
C GLY C 10 19.18 26.13 43.91
N VAL C 11 19.61 27.35 44.24
CA VAL C 11 18.70 28.49 44.39
C VAL C 11 19.15 29.61 43.48
N VAL C 12 18.20 30.14 42.71
CA VAL C 12 18.40 31.30 41.84
C VAL C 12 17.33 32.33 42.19
N LYS C 13 17.74 33.57 42.37
CA LYS C 13 16.79 34.62 42.71
C LYS C 13 15.91 34.96 41.51
N PRO C 14 14.63 35.26 41.74
CA PRO C 14 13.76 35.66 40.63
C PRO C 14 14.35 36.85 39.88
N SER C 15 14.20 36.82 38.56
CA SER C 15 14.65 37.84 37.60
C SER C 15 16.15 37.76 37.31
N GLU C 16 16.88 36.80 37.86
CA GLU C 16 18.33 36.75 37.71
C GLU C 16 18.73 35.54 36.89
N THR C 17 19.93 35.61 36.30
CA THR C 17 20.39 34.54 35.43
C THR C 17 20.68 33.28 36.22
N LEU C 18 20.19 32.16 35.71
CA LEU C 18 20.53 30.82 36.18
C LEU C 18 21.70 30.32 35.36
N SER C 19 22.77 29.89 36.03
CA SER C 19 23.94 29.37 35.35
C SER C 19 24.24 27.97 35.87
N LEU C 20 24.45 27.04 34.96
CA LEU C 20 24.78 25.66 35.28
C LEU C 20 25.92 25.22 34.38
N THR C 21 26.84 24.43 34.91
CA THR C 21 27.88 23.92 34.03
C THR C 21 27.88 22.40 34.09
N CYS C 22 28.41 21.77 33.05
CA CYS C 22 28.41 20.32 32.93
C CYS C 22 29.82 19.84 32.67
N ALA C 23 30.26 18.92 33.52
CA ALA C 23 31.58 18.31 33.49
C ALA C 23 31.48 16.99 32.74
N VAL C 24 32.17 16.91 31.62
CA VAL C 24 32.13 15.77 30.71
C VAL C 24 33.41 14.97 30.92
N SER C 25 33.31 13.81 31.57
CA SER C 25 34.47 12.98 31.85
C SER C 25 34.30 11.64 31.17
N GLY C 26 35.39 11.12 30.62
CA GLY C 26 35.36 9.88 29.88
C GLY C 26 35.37 10.01 28.37
N GLY C 27 35.64 11.20 27.85
CA GLY C 27 35.66 11.47 26.43
C GLY C 27 35.64 12.97 26.22
N SER C 28 36.14 13.46 25.09
CA SER C 28 36.17 14.90 24.88
C SER C 28 34.93 15.35 24.13
N ILE C 29 34.48 16.56 24.45
CA ILE C 29 33.32 17.15 23.80
C ILE C 29 33.50 17.19 22.29
N SER C 30 34.74 17.38 21.83
CA SER C 30 35.01 17.46 20.40
C SER C 30 34.69 16.16 19.67
N ASP C 31 34.58 15.03 20.40
CA ASP C 31 34.33 13.74 19.77
C ASP C 31 32.88 13.52 19.38
N THR C 32 31.95 14.23 20.01
CA THR C 32 30.52 14.06 19.80
C THR C 32 29.94 15.28 19.08
N TYR C 33 28.97 15.04 18.21
CA TYR C 33 28.50 16.06 17.27
C TYR C 33 27.72 17.16 18.00
N ARG C 34 26.74 16.79 18.81
CA ARG C 34 25.95 17.77 19.56
C ARG C 34 25.76 17.31 21.00
N TRP C 35 25.92 18.25 21.92
CA TRP C 35 25.59 18.08 23.33
C TRP C 35 24.39 18.97 23.62
N SER C 36 23.58 18.61 24.62
CA SER C 36 22.36 19.38 24.79
C SER C 36 21.94 19.42 26.26
N TRP C 37 21.07 20.37 26.54
CA TRP C 37 20.50 20.61 27.86
C TRP C 37 18.99 20.41 27.78
N ILE C 38 18.43 19.69 28.74
CA ILE C 38 16.98 19.51 28.82
C ILE C 38 16.57 19.57 30.29
N ARG C 39 15.31 19.89 30.56
CA ARG C 39 14.87 20.11 31.94
C ARG C 39 13.47 19.58 32.17
N GLN C 40 13.20 19.23 33.43
CA GLN C 40 11.93 18.64 33.86
C GLN C 40 11.43 19.40 35.07
N PRO C 41 10.43 20.28 34.91
CA PRO C 41 9.84 20.92 36.08
C PRO C 41 9.20 19.88 36.97
N PRO C 42 9.09 20.16 38.28
CA PRO C 42 8.54 19.15 39.20
C PRO C 42 7.12 18.77 38.82
N GLY C 43 6.93 17.48 38.57
CA GLY C 43 5.63 16.99 38.14
C GLY C 43 5.19 17.53 36.79
N LYS C 44 6.12 17.72 35.86
CA LYS C 44 5.76 18.10 34.50
C LYS C 44 6.67 17.36 33.53
N GLY C 45 6.42 17.56 32.24
CA GLY C 45 7.10 16.78 31.23
C GLY C 45 8.51 17.27 30.95
N LEU C 46 9.30 16.36 30.38
CA LEU C 46 10.64 16.71 29.93
C LEU C 46 10.57 17.76 28.81
N GLU C 47 11.39 18.78 28.95
CA GLU C 47 11.49 19.87 27.97
C GLU C 47 12.92 19.93 27.46
N TRP C 48 13.08 20.08 26.15
CA TRP C 48 14.40 20.14 25.53
C TRP C 48 14.81 21.60 25.42
N ILE C 49 15.92 21.97 26.08
CA ILE C 49 16.31 23.38 26.09
C ILE C 49 17.14 23.74 24.87
N GLY C 50 18.09 22.91 24.49
CA GLY C 50 18.83 23.22 23.27
C GLY C 50 20.08 22.38 23.15
N TYR C 51 20.79 22.57 22.02
CA TYR C 51 22.07 21.92 21.85
C TYR C 51 23.15 22.88 21.39
N ILE C 52 24.37 22.54 21.81
CA ILE C 52 25.63 23.10 21.35
C ILE C 52 26.31 22.08 20.46
N TYR C 53 26.88 22.53 19.35
CA TYR C 53 27.73 21.63 18.59
C TYR C 53 28.97 21.29 19.41
N GLY C 54 29.51 20.09 19.20
CA GLY C 54 30.65 19.67 19.99
C GLY C 54 31.96 20.11 19.39
N SER C 55 32.00 20.17 18.07
CA SER C 55 33.20 20.49 17.30
C SER C 55 32.87 21.57 16.26
N ALA C 56 32.05 22.53 16.66
CA ALA C 56 31.71 23.71 15.88
C ALA C 56 31.15 24.75 16.85
N THR C 57 30.87 25.95 16.34
CA THR C 57 30.32 27.01 17.17
C THR C 57 28.79 27.02 17.19
N SER C 58 28.15 26.16 16.39
CA SER C 58 26.73 26.28 16.13
C SER C 58 25.91 25.83 17.33
N THR C 59 24.73 26.45 17.48
CA THR C 59 23.78 26.11 18.54
C THR C 59 22.36 26.14 17.97
N TYR C 60 21.47 25.42 18.66
CA TYR C 60 20.03 25.55 18.47
C TYR C 60 19.37 25.69 19.84
N TYR C 61 18.41 26.61 19.95
CA TYR C 61 17.66 26.81 21.18
C TYR C 61 16.17 26.64 20.95
N ASN C 62 15.51 25.99 21.90
CA ASN C 62 14.06 25.83 21.87
C ASN C 62 13.39 27.19 21.80
N PRO C 63 12.59 27.46 20.77
CA PRO C 63 11.89 28.76 20.66
C PRO C 63 11.16 29.19 21.92
N SER C 64 10.66 28.27 22.74
CA SER C 64 10.00 28.66 23.99
C SER C 64 10.96 29.32 24.97
N LEU C 65 12.26 29.30 24.69
CA LEU C 65 13.26 29.89 25.57
C LEU C 65 14.33 30.71 24.86
N SER C 66 14.47 30.57 23.54
CA SER C 66 15.68 31.01 22.85
C SER C 66 16.05 32.45 23.16
N SER C 67 15.06 33.29 23.44
CA SER C 67 15.31 34.65 23.89
C SER C 67 16.24 34.68 25.09
N ARG C 68 16.05 33.79 26.05
CA ARG C 68 16.72 33.85 27.34
C ARG C 68 17.98 32.99 27.43
N VAL C 69 18.16 32.02 26.52
CA VAL C 69 19.05 30.90 26.72
C VAL C 69 20.36 31.11 25.97
N THR C 70 21.47 30.79 26.63
CA THR C 70 22.78 30.76 26.01
C THR C 70 23.45 29.44 26.40
N ILE C 71 23.92 28.69 25.41
CA ILE C 71 24.65 27.46 25.66
C ILE C 71 26.07 27.63 25.14
N SER C 72 27.03 27.50 26.03
CA SER C 72 28.43 27.76 25.74
C SER C 72 29.25 26.54 26.10
N LYS C 73 30.54 26.58 25.83
CA LYS C 73 31.38 25.43 26.15
C LYS C 73 32.78 25.91 26.47
N ASP C 74 33.55 25.03 27.09
CA ASP C 74 34.95 25.27 27.41
C ASP C 74 35.70 23.99 27.09
N MET C 75 36.44 24.00 25.98
CA MET C 75 37.15 22.80 25.53
C MET C 75 38.29 22.45 26.47
N SER C 76 38.98 23.46 27.02
CA SER C 76 40.08 23.20 27.93
C SER C 76 39.66 22.42 29.18
N LYS C 77 38.37 22.30 29.46
CA LYS C 77 37.91 21.61 30.65
C LYS C 77 36.94 20.47 30.38
N ASN C 78 36.68 20.13 29.13
CA ASN C 78 35.53 19.29 28.78
C ASN C 78 34.30 19.74 29.53
N GLN C 79 33.98 21.02 29.39
CA GLN C 79 32.78 21.52 30.02
C GLN C 79 31.87 22.14 28.97
N PHE C 80 30.59 22.15 29.29
CA PHE C 80 29.69 23.04 28.55
C PHE C 80 28.59 23.50 29.50
N SER C 81 28.00 24.64 29.17
CA SER C 81 27.33 25.46 30.16
C SER C 81 26.01 26.00 29.63
N LEU C 82 25.08 26.22 30.55
CA LEU C 82 23.77 26.80 30.32
C LEU C 82 23.65 28.12 31.09
N ASN C 83 23.06 29.12 30.44
CA ASN C 83 22.74 30.40 31.07
C ASN C 83 21.34 30.81 30.64
N LEU C 84 20.41 30.79 31.60
CA LEU C 84 19.01 31.12 31.36
C LEU C 84 18.69 32.40 32.13
N ASN C 85 18.53 33.51 31.41
CA ASN C 85 18.31 34.81 32.02
C ASN C 85 16.89 34.94 32.56
N SER C 86 16.70 36.01 33.33
CA SER C 86 15.37 36.56 33.60
C SER C 86 14.43 35.49 34.15
N VAL C 87 14.88 34.82 35.19
CA VAL C 87 14.25 33.58 35.59
C VAL C 87 12.94 33.84 36.33
N THR C 88 11.92 33.07 35.93
CA THR C 88 10.63 33.03 36.59
C THR C 88 10.55 31.81 37.49
N ALA C 89 9.61 31.86 38.45
CA ALA C 89 9.36 30.71 39.30
C ALA C 89 8.98 29.48 38.49
N ALA C 90 8.49 29.65 37.26
CA ALA C 90 8.21 28.51 36.41
C ALA C 90 9.46 27.70 36.09
N ASP C 91 10.63 28.32 36.16
CA ASP C 91 11.89 27.70 35.75
C ASP C 91 12.50 26.78 36.80
N THR C 92 11.92 26.66 37.99
CA THR C 92 12.35 25.65 38.93
C THR C 92 12.21 24.29 38.27
N ALA C 93 13.26 23.49 38.30
CA ALA C 93 13.18 22.20 37.61
C ALA C 93 14.37 21.35 38.02
N VAL C 94 14.44 20.16 37.43
CA VAL C 94 15.66 19.37 37.40
C VAL C 94 16.26 19.53 36.00
N TYR C 95 17.51 19.94 35.95
CA TYR C 95 18.20 20.21 34.70
C TYR C 95 19.17 19.06 34.41
N TYR C 96 19.02 18.47 33.24
CA TYR C 96 19.78 17.31 32.78
C TYR C 96 20.73 17.74 31.67
N CYS C 97 22.02 17.60 31.94
CA CYS C 97 23.05 17.52 30.92
C CYS C 97 22.89 16.21 30.14
N ALA C 98 23.05 16.26 28.81
CA ALA C 98 22.94 15.03 28.03
C ALA C 98 23.65 15.21 26.69
N ARG C 99 23.87 14.09 25.98
CA ARG C 99 24.48 14.15 24.65
C ARG C 99 23.66 13.43 23.59
N ASP C 100 23.65 14.00 22.39
CA ASP C 100 22.80 13.53 21.30
C ASP C 100 23.42 12.32 20.60
N TYR C 101 22.57 11.47 20.04
CA TYR C 101 23.00 10.40 19.14
C TYR C 101 22.30 10.57 17.81
N GLN C 102 23.00 10.30 16.71
CA GLN C 102 22.43 10.33 15.39
C GLN C 102 22.53 8.95 14.75
N TYR C 103 21.41 8.46 14.25
CA TYR C 103 21.35 7.20 13.54
C TYR C 103 21.15 7.47 12.06
N TYR C 104 22.07 6.98 11.24
CA TYR C 104 22.02 7.11 9.79
C TYR C 104 21.87 5.72 9.19
N TYR C 105 21.29 5.64 8.00
CA TYR C 105 21.17 4.35 7.32
C TYR C 105 21.61 4.34 5.87
N SER C 106 21.75 5.49 5.23
CA SER C 106 22.18 5.56 3.84
C SER C 106 22.83 6.91 3.57
N GLY C 107 23.93 6.90 2.83
CA GLY C 107 24.58 8.12 2.40
C GLY C 107 23.82 8.91 1.35
N SER C 108 22.70 8.38 0.85
CA SER C 108 21.80 9.14 0.00
C SER C 108 20.72 9.88 0.78
N TYR C 109 20.58 9.58 2.07
CA TYR C 109 19.46 10.02 2.89
C TYR C 109 19.98 10.60 4.20
N PRO C 110 20.27 11.90 4.25
CA PRO C 110 20.76 12.53 5.49
C PRO C 110 19.65 12.94 6.46
N THR C 111 18.73 12.01 6.71
CA THR C 111 17.77 12.28 7.77
C THR C 111 18.15 11.46 8.99
N PRO C 112 19.03 11.97 9.85
CA PRO C 112 19.40 11.21 11.03
C PRO C 112 18.22 11.05 11.96
N HIS C 113 18.07 9.86 12.53
CA HIS C 113 17.17 9.68 13.65
C HIS C 113 17.88 10.15 14.91
N ASN C 114 17.22 10.99 15.69
CA ASN C 114 17.86 11.68 16.81
C ASN C 114 17.27 11.24 18.14
N TRP C 115 18.14 10.97 19.10
CA TRP C 115 17.77 10.76 20.50
C TRP C 115 19.00 11.05 21.36
N PHE C 116 18.89 10.70 22.64
CA PHE C 116 19.89 11.03 23.65
C PHE C 116 20.40 9.74 24.27
N ASP C 117 21.72 9.53 24.26
CA ASP C 117 22.26 8.25 24.70
C ASP C 117 23.05 8.30 26.01
N VAL C 118 23.36 9.49 26.53
CA VAL C 118 24.02 9.63 27.83
C VAL C 118 23.44 10.83 28.54
N TRP C 119 23.11 10.65 29.82
CA TRP C 119 22.48 11.66 30.65
C TRP C 119 23.31 11.92 31.89
N GLY C 120 23.18 13.12 32.45
CA GLY C 120 23.66 13.39 33.78
C GLY C 120 22.67 12.92 34.82
N PRO C 121 23.08 13.01 36.09
CA PRO C 121 22.15 12.67 37.18
C PRO C 121 20.99 13.64 37.31
N GLY C 122 21.06 14.79 36.66
CA GLY C 122 20.15 15.89 36.92
C GLY C 122 20.60 16.72 38.11
N VAL C 123 20.15 17.97 38.12
CA VAL C 123 20.42 18.86 39.25
C VAL C 123 19.22 19.76 39.45
N LEU C 124 18.81 19.93 40.71
CA LEU C 124 17.59 20.66 41.02
C LEU C 124 17.90 22.13 41.25
N VAL C 125 17.25 23.00 40.48
CA VAL C 125 17.32 24.44 40.72
C VAL C 125 15.95 24.93 41.17
N THR C 126 15.94 25.65 42.29
CA THR C 126 14.74 26.19 42.93
C THR C 126 14.82 27.70 42.85
N VAL C 127 13.98 28.28 42.00
CA VAL C 127 13.95 29.73 41.85
C VAL C 127 13.09 30.31 42.96
N SER C 128 13.72 31.11 43.82
CA SER C 128 13.05 31.61 45.01
C SER C 128 13.85 32.78 45.56
N SER C 129 13.13 33.83 45.95
CA SER C 129 13.73 34.96 46.65
C SER C 129 13.91 34.71 48.14
N ALA C 130 13.91 33.44 48.56
CA ALA C 130 14.26 33.06 49.91
C ALA C 130 15.75 32.68 49.98
N SER C 131 16.26 32.53 51.19
CA SER C 131 17.68 32.32 51.42
C SER C 131 17.94 30.92 51.97
N THR C 132 19.13 30.40 51.70
CA THR C 132 19.44 29.00 51.95
C THR C 132 19.76 28.79 53.43
N LYS C 133 19.04 27.88 54.08
CA LYS C 133 19.26 27.55 55.49
C LYS C 133 19.49 26.05 55.67
N GLY C 134 20.48 25.71 56.49
CA GLY C 134 20.83 24.33 56.77
C GLY C 134 19.85 23.62 57.68
N PRO C 135 19.91 22.30 57.70
CA PRO C 135 18.91 21.50 58.41
C PRO C 135 19.28 21.18 59.86
N SER C 136 18.27 20.76 60.60
CA SER C 136 18.40 20.28 61.97
C SER C 136 18.00 18.81 62.00
N VAL C 137 18.77 17.99 62.71
CA VAL C 137 18.55 16.55 62.72
C VAL C 137 18.19 16.11 64.14
N PHE C 138 17.04 15.44 64.29
CA PHE C 138 16.58 14.97 65.58
C PHE C 138 16.30 13.47 65.54
N PRO C 139 16.61 12.74 66.61
CA PRO C 139 16.32 11.30 66.62
C PRO C 139 14.84 11.01 66.80
N LEU C 140 14.39 9.94 66.14
CA LEU C 140 13.08 9.34 66.36
C LEU C 140 13.39 7.95 66.89
N ALA C 141 13.43 7.82 68.21
CA ALA C 141 14.07 6.69 68.86
C ALA C 141 13.24 5.41 68.73
N PRO C 142 13.89 4.24 68.85
CA PRO C 142 13.14 2.98 68.96
C PRO C 142 12.06 3.10 70.03
N SER C 143 10.81 2.97 69.59
CA SER C 143 9.69 3.17 70.50
C SER C 143 9.60 2.01 71.48
N SER C 144 9.12 2.31 72.69
CA SER C 144 8.72 1.24 73.59
C SER C 144 7.56 0.46 72.99
N LYS C 145 6.66 1.16 72.28
CA LYS C 145 5.52 0.54 71.63
C LYS C 145 5.91 -0.27 70.39
N SER C 146 7.10 -0.04 69.83
CA SER C 146 7.46 -0.67 68.56
C SER C 146 7.65 -2.18 68.70
N THR C 147 7.77 -2.70 69.93
CA THR C 147 8.02 -4.12 70.14
C THR C 147 6.73 -4.95 69.97
N SER C 148 6.17 -4.86 68.76
CA SER C 148 5.12 -5.76 68.31
C SER C 148 5.74 -6.68 67.26
N GLY C 149 5.74 -7.98 67.54
CA GLY C 149 6.57 -8.84 66.72
C GLY C 149 8.04 -8.63 67.09
N GLY C 150 8.90 -8.97 66.15
CA GLY C 150 10.34 -8.82 66.34
C GLY C 150 10.97 -7.64 65.65
N THR C 151 10.19 -6.79 65.00
CA THR C 151 10.70 -5.67 64.23
C THR C 151 10.38 -4.35 64.92
N ALA C 152 11.36 -3.45 64.93
CA ALA C 152 11.23 -2.13 65.52
C ALA C 152 11.65 -1.07 64.52
N ALA C 153 11.26 0.17 64.77
CA ALA C 153 11.50 1.27 63.85
C ALA C 153 12.28 2.38 64.55
N LEU C 154 13.24 2.94 63.82
CA LEU C 154 13.98 4.11 64.28
C LEU C 154 14.15 5.08 63.13
N GLY C 155 14.54 6.32 63.43
CA GLY C 155 14.59 7.27 62.33
C GLY C 155 15.26 8.58 62.67
N CYS C 156 15.36 9.41 61.63
CA CYS C 156 15.91 10.76 61.67
C CYS C 156 14.84 11.73 61.19
N LEU C 157 14.79 12.89 61.84
CA LEU C 157 13.88 13.95 61.37
C LEU C 157 14.76 15.11 60.90
N VAL C 158 14.56 15.55 59.66
CA VAL C 158 15.35 16.68 59.12
C VAL C 158 14.37 17.83 59.03
N LYS C 159 14.70 18.98 59.62
CA LYS C 159 13.70 20.07 59.71
C LYS C 159 14.28 21.45 59.37
N ASP C 160 13.41 22.37 58.98
CA ASP C 160 13.85 23.77 58.78
C ASP C 160 15.00 23.87 57.78
N TYR C 161 14.90 23.21 56.63
CA TYR C 161 15.95 23.38 55.60
C TYR C 161 15.42 23.89 54.25
N PHE C 162 16.16 24.78 53.60
CA PHE C 162 15.84 25.24 52.23
C PHE C 162 17.18 25.19 51.48
N PRO C 163 17.32 25.06 50.13
CA PRO C 163 16.38 24.42 49.21
C PRO C 163 16.30 22.91 49.40
N GLU C 164 15.63 22.20 48.48
CA GLU C 164 15.14 20.88 48.85
C GLU C 164 16.11 19.70 48.74
N PRO C 165 17.19 19.71 47.90
CA PRO C 165 18.05 18.52 47.87
C PRO C 165 18.70 18.18 49.21
N VAL C 166 18.24 17.09 49.84
CA VAL C 166 18.90 16.50 51.00
C VAL C 166 19.12 15.01 50.72
N THR C 167 20.09 14.44 51.42
CA THR C 167 20.51 13.06 51.19
C THR C 167 20.80 12.41 52.52
N VAL C 168 20.09 11.32 52.84
CA VAL C 168 20.33 10.61 54.09
C VAL C 168 20.82 9.19 53.78
N SER C 169 21.87 8.80 54.49
CA SER C 169 22.44 7.46 54.42
C SER C 169 22.34 6.84 55.80
N TRP C 170 22.16 5.53 55.87
CA TRP C 170 22.11 4.86 57.15
C TRP C 170 23.40 4.09 57.36
N ASN C 171 24.10 4.43 58.43
CA ASN C 171 25.44 3.91 58.69
C ASN C 171 26.37 4.18 57.51
N SER C 172 26.27 5.41 56.99
CA SER C 172 27.02 5.88 55.82
C SER C 172 27.16 4.79 54.77
N GLY C 173 26.02 4.23 54.34
CA GLY C 173 25.94 3.39 53.16
C GLY C 173 25.66 1.93 53.44
N ALA C 174 26.14 1.40 54.57
CA ALA C 174 26.09 -0.04 54.81
C ALA C 174 24.68 -0.55 55.04
N LEU C 175 23.77 0.30 55.44
CA LEU C 175 22.45 -0.14 55.88
C LEU C 175 21.51 0.38 54.81
N THR C 176 20.95 -0.51 54.01
CA THR C 176 20.00 -0.09 52.98
C THR C 176 18.74 -0.94 52.93
N SER C 177 18.61 -1.91 53.81
CA SER C 177 17.49 -2.84 53.79
C SER C 177 16.46 -2.38 54.81
N GLY C 178 15.25 -2.07 54.34
CA GLY C 178 14.22 -1.55 55.19
C GLY C 178 14.26 -0.06 55.41
N VAL C 179 15.17 0.65 54.76
CA VAL C 179 15.20 2.11 54.84
C VAL C 179 14.03 2.69 54.06
N HIS C 180 13.50 3.82 54.55
CA HIS C 180 12.50 4.61 53.86
C HIS C 180 12.81 6.07 54.11
N THR C 181 12.91 6.85 53.04
CA THR C 181 13.15 8.28 53.15
C THR C 181 12.09 9.02 52.36
N PHE C 182 11.37 9.88 53.01
CA PHE C 182 10.14 10.41 52.48
C PHE C 182 10.38 11.69 51.71
N PRO C 183 9.46 12.02 50.79
CA PRO C 183 9.52 13.33 50.15
C PRO C 183 9.40 14.45 51.18
N ALA C 184 10.10 15.54 50.92
CA ALA C 184 10.06 16.68 51.81
C ALA C 184 8.71 17.37 51.71
N VAL C 185 8.17 17.76 52.86
CA VAL C 185 6.98 18.59 52.93
C VAL C 185 7.43 20.04 53.01
N LEU C 186 6.80 20.90 52.21
CA LEU C 186 6.96 22.33 52.43
C LEU C 186 5.98 22.72 53.53
N GLN C 187 6.49 23.31 54.59
CA GLN C 187 5.58 23.64 55.72
C GLN C 187 5.23 25.13 55.67
N SER C 188 4.49 25.61 56.68
CA SER C 188 4.01 27.01 56.70
C SER C 188 5.24 27.90 56.72
N SER C 189 6.27 27.47 57.40
CA SER C 189 7.49 28.29 57.57
C SER C 189 8.06 28.55 56.18
N GLY C 190 7.75 27.67 55.22
CA GLY C 190 8.39 27.82 53.92
C GLY C 190 9.67 27.03 53.95
N LEU C 191 9.87 26.29 55.04
CA LEU C 191 11.04 25.40 55.11
C LEU C 191 10.54 23.95 54.95
N TYR C 192 11.44 23.02 54.69
CA TYR C 192 11.13 21.62 54.43
C TYR C 192 11.46 20.76 55.64
N SER C 193 10.67 19.71 55.84
CA SER C 193 10.98 18.65 56.78
C SER C 193 10.71 17.31 56.12
N LEU C 194 11.70 16.42 56.15
CA LEU C 194 11.47 15.03 55.82
C LEU C 194 11.87 14.14 56.99
N SER C 195 11.37 12.91 56.92
CA SER C 195 11.66 11.88 57.91
C SER C 195 12.29 10.71 57.20
N SER C 196 13.23 10.04 57.88
CA SER C 196 13.90 8.88 57.33
C SER C 196 13.82 7.77 58.38
N VAL C 197 12.99 6.77 58.12
CA VAL C 197 12.81 5.67 59.04
C VAL C 197 13.55 4.46 58.49
N VAL C 198 13.87 3.53 59.40
CA VAL C 198 14.40 2.23 59.04
C VAL C 198 13.90 1.22 60.07
N THR C 199 13.50 0.05 59.58
CA THR C 199 13.01 -1.03 60.41
C THR C 199 14.10 -2.09 60.55
N VAL C 200 14.32 -2.53 61.78
CA VAL C 200 15.42 -3.43 62.13
C VAL C 200 14.94 -4.45 63.13
N PRO C 201 15.68 -5.55 63.29
CA PRO C 201 15.36 -6.50 64.36
C PRO C 201 15.37 -5.82 65.72
N SER C 202 14.28 -5.99 66.46
CA SER C 202 14.20 -5.39 67.79
C SER C 202 15.22 -5.97 68.75
N SER C 203 15.56 -7.26 68.58
CA SER C 203 16.54 -7.91 69.45
C SER C 203 17.95 -7.38 69.25
N GLY C 204 18.21 -6.71 68.13
CA GLY C 204 19.52 -6.19 67.83
C GLY C 204 19.77 -4.77 68.28
N LEU C 205 18.90 -4.20 69.10
CA LEU C 205 19.11 -2.85 69.62
C LEU C 205 20.11 -2.89 70.77
N GLY C 206 20.73 -1.74 71.02
CA GLY C 206 21.78 -1.66 72.02
C GLY C 206 23.11 -2.22 71.56
N THR C 207 23.10 -3.44 71.04
CA THR C 207 24.30 -3.99 70.41
C THR C 207 24.61 -3.27 69.11
N GLN C 208 23.70 -3.35 68.15
CA GLN C 208 23.90 -2.74 66.84
C GLN C 208 23.55 -1.26 66.87
N THR C 209 24.36 -0.46 66.19
CA THR C 209 24.24 0.98 66.19
C THR C 209 23.75 1.48 64.83
N TYR C 210 23.06 2.62 64.85
CA TYR C 210 22.44 3.19 63.67
C TYR C 210 22.67 4.69 63.66
N ILE C 211 23.05 5.24 62.50
CA ILE C 211 23.51 6.62 62.40
C ILE C 211 22.80 7.33 61.25
N CYS C 212 22.56 8.64 61.44
CA CYS C 212 21.70 9.40 60.53
C CYS C 212 22.37 9.69 59.20
N ASN C 213 23.60 10.21 59.21
CA ASN C 213 24.36 10.56 58.00
C ASN C 213 23.53 11.43 57.05
N VAL C 214 23.06 12.56 57.55
CA VAL C 214 22.31 13.52 56.74
C VAL C 214 23.29 14.48 56.09
N ASN C 215 23.04 14.80 54.83
CA ASN C 215 23.85 15.78 54.10
C ASN C 215 22.94 16.71 53.32
N HIS C 216 23.19 18.01 53.49
CA HIS C 216 22.54 19.06 52.73
C HIS C 216 23.65 19.76 51.96
N LYS C 217 23.51 19.80 50.63
CA LYS C 217 24.54 20.31 49.73
C LYS C 217 24.44 21.82 49.50
N PRO C 218 23.24 22.40 49.25
CA PRO C 218 23.16 23.85 48.97
C PRO C 218 23.89 24.71 50.00
N SER C 219 23.49 24.62 51.27
CA SER C 219 24.36 25.04 52.36
C SER C 219 25.22 23.84 52.72
N ASN C 220 26.52 24.07 52.91
CA ASN C 220 27.39 22.93 53.20
C ASN C 220 27.13 22.49 54.63
N THR C 221 26.17 21.58 54.79
CA THR C 221 25.85 21.08 56.13
C THR C 221 25.82 19.57 56.09
N LYS C 222 26.60 18.94 56.95
CA LYS C 222 26.55 17.49 57.09
C LYS C 222 26.49 17.15 58.56
N VAL C 223 25.57 16.25 58.91
CA VAL C 223 25.28 15.89 60.29
C VAL C 223 25.27 14.38 60.38
N ASP C 224 25.72 13.85 61.52
CA ASP C 224 25.67 12.41 61.78
C ASP C 224 25.11 12.21 63.19
N LYS C 225 23.90 11.68 63.29
CA LYS C 225 23.20 11.53 64.57
C LYS C 225 22.90 10.06 64.84
N LYS C 226 23.59 9.47 65.83
CA LYS C 226 23.22 8.13 66.27
C LYS C 226 21.84 8.13 66.89
N VAL C 227 21.00 7.20 66.46
CA VAL C 227 19.68 7.02 67.01
C VAL C 227 19.74 5.91 68.05
N GLU C 228 19.47 6.26 69.30
CA GLU C 228 19.50 5.36 70.43
C GLU C 228 18.18 5.46 71.20
N PRO C 229 17.76 4.39 71.87
CA PRO C 229 16.56 4.40 72.72
C PRO C 229 16.70 5.35 73.90
N ASP D 1 6.90 23.80 17.16
CA ASP D 1 7.35 22.43 17.43
C ASP D 1 6.27 21.40 17.11
N ILE D 2 6.63 20.13 17.17
CA ILE D 2 5.70 19.02 16.96
C ILE D 2 5.30 18.51 18.34
N GLN D 3 4.06 18.76 18.76
CA GLN D 3 3.66 18.40 20.11
C GLN D 3 3.26 16.94 20.20
N MET D 4 3.65 16.31 21.31
CA MET D 4 3.42 14.88 21.54
C MET D 4 2.43 14.73 22.68
N THR D 5 1.24 14.28 22.36
CA THR D 5 0.16 14.11 23.33
C THR D 5 0.22 12.65 23.80
N GLN D 6 0.64 12.44 25.04
CA GLN D 6 0.87 11.11 25.58
C GLN D 6 -0.23 10.74 26.56
N SER D 7 -0.76 9.53 26.46
CA SER D 7 -1.83 9.09 27.34
C SER D 7 -1.73 7.58 27.55
N PRO D 8 -2.14 7.08 28.72
CA PRO D 8 -2.84 7.77 29.83
C PRO D 8 -1.89 8.50 30.76
N SER D 9 -2.31 9.46 31.57
CA SER D 9 -1.35 10.11 32.46
C SER D 9 -0.88 9.18 33.57
N SER D 10 -1.75 8.29 34.06
CA SER D 10 -1.40 7.29 35.06
C SER D 10 -2.00 5.96 34.64
N LEU D 11 -1.64 4.91 35.38
CA LEU D 11 -1.87 3.55 34.92
C LEU D 11 -1.49 2.58 36.02
N SER D 12 -2.23 1.48 36.13
CA SER D 12 -1.84 0.41 37.05
C SER D 12 -2.43 -0.91 36.58
N ALA D 13 -1.62 -1.97 36.66
CA ALA D 13 -2.05 -3.32 36.34
C ALA D 13 -1.28 -4.29 37.22
N SER D 14 -1.80 -5.50 37.35
CA SER D 14 -1.14 -6.51 38.18
C SER D 14 0.08 -7.05 37.45
N VAL D 15 1.04 -7.53 38.24
CA VAL D 15 2.21 -8.20 37.68
C VAL D 15 1.75 -9.30 36.72
N GLY D 16 2.39 -9.35 35.55
CA GLY D 16 2.05 -10.34 34.55
C GLY D 16 0.97 -9.92 33.57
N ASP D 17 0.42 -8.71 33.71
CA ASP D 17 -0.54 -8.20 32.74
C ASP D 17 0.18 -7.50 31.59
N ARG D 18 -0.59 -7.07 30.60
CA ARG D 18 -0.07 -6.22 29.55
C ARG D 18 -0.44 -4.77 29.83
N VAL D 19 0.52 -3.89 29.57
CA VAL D 19 0.41 -2.45 29.77
C VAL D 19 0.69 -1.80 28.43
N THR D 20 -0.14 -0.84 28.04
CA THR D 20 0.11 -0.09 26.82
C THR D 20 0.02 1.40 27.10
N ILE D 21 0.96 2.13 26.53
CA ILE D 21 1.02 3.59 26.56
C ILE D 21 1.08 4.05 25.13
N THR D 22 0.33 5.09 24.78
CA THR D 22 0.36 5.54 23.40
C THR D 22 0.52 7.05 23.38
N CYS D 23 0.95 7.55 22.23
CA CYS D 23 1.46 8.91 22.16
C CYS D 23 1.30 9.37 20.73
N ARG D 24 0.75 10.58 20.55
CA ARG D 24 0.31 11.05 19.25
C ARG D 24 1.06 12.32 18.85
N ALA D 25 1.34 12.43 17.56
CA ALA D 25 2.14 13.51 17.00
C ALA D 25 1.24 14.50 16.25
N SER D 26 1.42 15.79 16.56
CA SER D 26 0.68 16.83 15.86
C SER D 26 0.90 16.75 14.35
N GLN D 27 2.13 16.42 13.99
CA GLN D 27 2.50 16.31 12.56
C GLN D 27 3.24 14.99 12.46
N GLY D 28 3.18 14.32 11.33
CA GLY D 28 3.78 12.98 11.30
C GLY D 28 5.28 12.92 11.46
N ILE D 29 5.77 12.00 12.28
CA ILE D 29 7.22 11.70 12.36
C ILE D 29 7.19 10.25 11.90
N ILE D 30 7.81 9.92 10.79
CA ILE D 30 7.53 8.56 10.29
C ILE D 30 8.00 7.45 11.23
N ASP D 31 9.23 7.53 11.73
CA ASP D 31 9.78 6.47 12.62
C ASP D 31 10.58 7.15 13.71
N TYR D 32 10.42 8.46 13.84
CA TYR D 32 11.32 9.17 14.77
C TYR D 32 10.72 9.24 16.17
N LEU D 33 10.44 8.09 16.75
CA LEU D 33 10.00 8.10 18.14
C LEU D 33 10.89 7.20 18.97
N SER D 34 11.28 7.69 20.14
CA SER D 34 12.12 6.99 21.10
C SER D 34 11.31 6.83 22.37
N TRP D 35 11.37 5.67 22.98
CA TRP D 35 10.67 5.42 24.23
C TRP D 35 11.68 5.33 25.36
N TYR D 36 11.45 6.15 26.39
CA TYR D 36 12.32 6.28 27.56
C TYR D 36 11.62 5.83 28.82
N GLN D 37 12.41 5.28 29.72
CA GLN D 37 11.99 4.90 31.07
C GLN D 37 12.75 5.74 32.07
N GLN D 38 12.07 6.26 33.08
CA GLN D 38 12.82 6.86 34.17
C GLN D 38 12.19 6.50 35.51
N LYS D 39 13.04 6.11 36.43
CA LYS D 39 12.77 5.64 37.76
C LYS D 39 13.09 6.72 38.77
N PRO D 40 12.50 6.65 39.99
CA PRO D 40 12.64 7.74 40.95
C PRO D 40 14.07 8.23 41.14
N GLY D 41 14.28 9.52 40.94
CA GLY D 41 15.58 10.11 41.20
C GLY D 41 16.71 9.58 40.35
N LYS D 42 16.41 8.92 39.24
CA LYS D 42 17.41 8.51 38.26
C LYS D 42 17.19 9.27 36.96
N ALA D 43 18.13 9.12 36.05
CA ALA D 43 17.98 9.76 34.75
C ALA D 43 17.32 8.80 33.76
N PRO D 44 16.66 9.33 32.74
CA PRO D 44 15.97 8.46 31.78
C PRO D 44 16.90 7.44 31.12
N LYS D 45 16.32 6.28 30.82
CA LYS D 45 16.97 5.19 30.12
C LYS D 45 16.22 4.92 28.81
N LEU D 46 16.97 4.85 27.71
CA LEU D 46 16.40 4.52 26.42
C LEU D 46 15.95 3.06 26.38
N LEU D 47 14.65 2.83 26.17
CA LEU D 47 14.15 1.48 25.93
C LEU D 47 14.04 1.20 24.43
N ILE D 48 13.25 1.99 23.71
CA ILE D 48 12.93 1.70 22.32
C ILE D 48 13.50 2.82 21.47
N SER D 49 14.09 2.49 20.31
CA SER D 49 14.51 3.50 19.37
C SER D 49 13.91 3.21 18.00
N THR D 50 13.81 4.27 17.19
CA THR D 50 13.23 4.22 15.85
C THR D 50 11.91 3.44 15.84
N ALA D 51 11.05 3.78 16.81
CA ALA D 51 9.69 3.27 16.95
C ALA D 51 9.63 1.81 17.42
N SER D 52 10.41 0.91 16.81
CA SER D 52 10.23 -0.52 17.09
C SER D 52 11.51 -1.24 17.46
N ASN D 53 12.64 -0.56 17.59
CA ASN D 53 13.92 -1.24 17.79
C ASN D 53 14.22 -1.35 19.28
N LEU D 54 14.14 -2.56 19.81
CA LEU D 54 14.49 -2.80 21.20
C LEU D 54 15.99 -2.66 21.38
N GLU D 55 16.41 -1.81 22.30
CA GLU D 55 17.84 -1.59 22.48
C GLU D 55 18.45 -2.74 23.28
N SER D 56 19.78 -2.81 23.25
CA SER D 56 20.50 -3.87 23.93
C SER D 56 20.23 -3.85 25.43
N GLY D 57 20.09 -5.03 26.02
CA GLY D 57 19.92 -5.11 27.45
C GLY D 57 18.62 -4.58 27.98
N VAL D 58 17.60 -4.49 27.13
CA VAL D 58 16.25 -4.13 27.54
C VAL D 58 15.39 -5.37 27.45
N PRO D 59 14.62 -5.71 28.48
CA PRO D 59 13.86 -6.97 28.46
C PRO D 59 12.89 -7.03 27.29
N SER D 60 12.76 -8.23 26.72
CA SER D 60 11.99 -8.44 25.50
C SER D 60 10.49 -8.23 25.69
N ARG D 61 10.00 -8.12 26.93
CA ARG D 61 8.60 -7.80 27.12
C ARG D 61 8.26 -6.40 26.61
N PHE D 62 9.27 -5.57 26.37
CA PHE D 62 9.09 -4.21 25.88
C PHE D 62 9.08 -4.21 24.36
N SER D 63 8.02 -3.66 23.75
CA SER D 63 8.02 -3.46 22.31
C SER D 63 7.33 -2.16 21.97
N GLY D 64 7.55 -1.70 20.75
CA GLY D 64 6.90 -0.51 20.26
C GLY D 64 6.41 -0.71 18.84
N SER D 65 5.32 0.00 18.52
CA SER D 65 4.88 0.12 17.13
C SER D 65 4.52 1.58 16.86
N GLY D 66 4.27 1.87 15.58
CA GLY D 66 3.91 3.22 15.19
C GLY D 66 3.28 3.26 13.83
N SER D 67 2.33 4.18 13.67
CA SER D 67 1.70 4.51 12.39
C SER D 67 2.37 5.69 11.69
N GLY D 68 3.22 6.42 12.40
CA GLY D 68 3.73 7.68 11.93
C GLY D 68 3.10 8.87 12.63
N THR D 69 1.87 8.73 13.09
CA THR D 69 1.24 9.75 13.92
C THR D 69 0.83 9.22 15.30
N GLU D 70 0.48 7.94 15.41
CA GLU D 70 0.27 7.27 16.69
C GLU D 70 1.43 6.31 16.94
N PHE D 71 1.84 6.19 18.20
CA PHE D 71 2.95 5.32 18.57
C PHE D 71 2.64 4.66 19.91
N THR D 72 2.77 3.34 19.97
CA THR D 72 2.33 2.59 21.15
C THR D 72 3.47 1.73 21.69
N LEU D 73 3.90 2.06 22.91
CA LEU D 73 4.76 1.22 23.73
C LEU D 73 3.92 0.21 24.50
N THR D 74 4.34 -1.04 24.50
CA THR D 74 3.63 -2.06 25.27
C THR D 74 4.60 -2.94 26.04
N ILE D 75 4.28 -3.16 27.30
CA ILE D 75 4.94 -4.11 28.18
C ILE D 75 4.05 -5.33 28.29
N SER D 76 4.57 -6.48 27.86
CA SER D 76 3.71 -7.66 27.71
C SER D 76 3.38 -8.29 29.05
N SER D 77 4.38 -8.43 29.94
CA SER D 77 4.17 -8.96 31.28
C SER D 77 4.79 -7.98 32.27
N LEU D 78 3.94 -7.13 32.86
CA LEU D 78 4.43 -6.15 33.81
C LEU D 78 5.12 -6.84 34.97
N GLN D 79 6.28 -6.32 35.35
CA GLN D 79 7.06 -6.86 36.45
C GLN D 79 7.17 -5.82 37.55
N PRO D 80 7.31 -6.23 38.81
CA PRO D 80 7.36 -5.22 39.89
C PRO D 80 8.43 -4.16 39.67
N GLU D 81 9.49 -4.50 38.94
CA GLU D 81 10.57 -3.56 38.64
C GLU D 81 10.27 -2.68 37.42
N ASP D 82 9.10 -2.77 36.80
CA ASP D 82 8.73 -1.86 35.73
C ASP D 82 8.00 -0.62 36.23
N PHE D 83 7.98 -0.40 37.55
CA PHE D 83 7.54 0.87 38.09
C PHE D 83 8.45 1.98 37.59
N ALA D 84 7.88 2.94 36.87
CA ALA D 84 8.65 4.04 36.30
C ALA D 84 7.66 5.11 35.85
N THR D 85 8.15 6.07 35.06
CA THR D 85 7.30 6.83 34.16
C THR D 85 7.96 6.78 32.78
N TYR D 86 7.13 6.74 31.74
CA TYR D 86 7.59 6.44 30.40
C TYR D 86 7.31 7.61 29.48
N SER D 87 8.23 7.87 28.55
CA SER D 87 8.18 9.10 27.78
C SER D 87 8.46 8.87 26.31
N CYS D 88 7.86 9.75 25.51
CA CYS D 88 8.15 9.89 24.10
C CYS D 88 9.30 10.87 23.92
N LEU D 89 10.15 10.60 22.95
CA LEU D 89 10.97 11.66 22.36
C LEU D 89 10.72 11.58 20.87
N GLN D 90 10.07 12.61 20.32
CA GLN D 90 10.06 12.76 18.88
C GLN D 90 11.41 13.34 18.49
N GLY D 91 12.10 12.65 17.58
CA GLY D 91 13.47 13.03 17.28
C GLY D 91 13.61 13.40 15.83
N TYR D 92 12.58 14.01 15.27
CA TYR D 92 12.59 14.29 13.85
C TYR D 92 13.00 15.74 13.63
N THR D 93 12.15 16.70 13.99
CA THR D 93 12.48 18.09 13.77
C THR D 93 12.88 18.76 15.08
N THR D 94 13.27 20.02 14.97
CA THR D 94 13.73 20.80 16.10
C THR D 94 12.71 21.90 16.35
N PRO D 95 12.29 22.14 17.60
CA PRO D 95 12.76 21.60 18.88
C PRO D 95 12.34 20.17 19.09
N TYR D 96 13.11 19.45 19.90
CA TYR D 96 12.73 18.10 20.28
C TYR D 96 11.64 18.16 21.33
N THR D 97 10.78 17.15 21.33
CA THR D 97 9.57 17.20 22.14
C THR D 97 9.38 15.86 22.82
N PHE D 98 8.93 15.91 24.08
CA PHE D 98 8.64 14.72 24.86
C PHE D 98 7.16 14.70 25.21
N GLY D 99 6.58 13.50 25.28
CA GLY D 99 5.27 13.36 25.87
C GLY D 99 5.28 13.80 27.33
N GLN D 100 4.08 13.86 27.90
CA GLN D 100 3.96 14.24 29.31
C GLN D 100 4.41 13.16 30.28
N GLY D 101 4.81 11.98 29.78
CA GLY D 101 5.12 10.85 30.63
C GLY D 101 3.86 10.16 31.09
N THR D 102 3.92 8.86 31.39
CA THR D 102 2.80 8.18 32.02
C THR D 102 3.34 7.38 33.18
N LYS D 103 2.66 7.39 34.31
CA LYS D 103 3.19 6.73 35.50
C LYS D 103 2.56 5.35 35.64
N VAL D 104 3.37 4.31 35.47
CA VAL D 104 2.94 2.94 35.67
C VAL D 104 3.10 2.57 37.14
N GLU D 105 2.09 1.90 37.68
CA GLU D 105 2.10 1.40 39.04
C GLU D 105 1.61 -0.04 39.05
N ILE D 106 2.10 -0.81 39.99
CA ILE D 106 1.76 -2.22 40.06
C ILE D 106 0.61 -2.42 41.04
N LYS D 107 -0.24 -3.41 40.73
CA LYS D 107 -1.29 -3.85 41.63
C LYS D 107 -0.84 -5.09 42.40
N ARG D 108 -1.16 -5.10 43.69
CA ARG D 108 -0.65 -6.08 44.63
C ARG D 108 -1.83 -6.67 45.38
N THR D 109 -1.59 -7.77 46.09
CA THR D 109 -2.49 -8.17 47.15
C THR D 109 -2.55 -7.06 48.19
N VAL D 110 -3.70 -6.90 48.84
CA VAL D 110 -3.83 -5.90 49.88
C VAL D 110 -2.91 -6.28 51.05
N ALA D 111 -2.16 -5.30 51.55
CA ALA D 111 -1.24 -5.52 52.66
C ALA D 111 -1.39 -4.40 53.66
N ALA D 112 -1.51 -4.76 54.94
CA ALA D 112 -1.92 -3.75 55.90
C ALA D 112 -0.71 -3.11 56.58
N PRO D 113 -0.75 -1.80 56.81
CA PRO D 113 0.42 -1.11 57.35
C PRO D 113 0.68 -1.52 58.79
N SER D 114 1.96 -1.61 59.15
CA SER D 114 2.35 -1.65 60.54
C SER D 114 2.66 -0.23 60.98
N VAL D 115 2.27 0.10 62.20
CA VAL D 115 2.26 1.49 62.67
C VAL D 115 3.30 1.68 63.76
N PHE D 116 3.87 2.88 63.80
CA PHE D 116 4.87 3.25 64.79
C PHE D 116 4.74 4.72 65.13
N ILE D 117 4.79 5.05 66.43
CA ILE D 117 4.73 6.43 66.91
C ILE D 117 6.08 6.82 67.49
N PHE D 118 6.50 8.04 67.18
CA PHE D 118 7.76 8.60 67.66
C PHE D 118 7.48 9.87 68.46
N PRO D 119 7.88 9.94 69.73
CA PRO D 119 7.67 11.16 70.51
C PRO D 119 8.69 12.21 70.13
N PRO D 120 8.46 13.47 70.52
CA PRO D 120 9.40 14.53 70.16
C PRO D 120 10.77 14.34 70.79
N SER D 121 11.79 14.79 70.07
CA SER D 121 13.12 14.91 70.62
C SER D 121 13.14 15.90 71.77
N ASP D 122 13.86 15.54 72.84
CA ASP D 122 14.22 16.50 73.86
C ASP D 122 14.91 17.74 73.26
N GLU D 123 15.88 17.50 72.38
CA GLU D 123 16.59 18.60 71.73
C GLU D 123 15.64 19.48 70.93
N GLN D 124 14.75 18.85 70.15
CA GLN D 124 13.69 19.60 69.49
C GLN D 124 12.86 20.41 70.48
N LEU D 125 12.56 19.83 71.64
CA LEU D 125 11.72 20.52 72.60
C LEU D 125 12.38 21.81 73.07
N LYS D 126 13.71 21.80 73.21
CA LYS D 126 14.40 23.04 73.52
C LYS D 126 14.20 24.10 72.43
N SER D 127 13.96 23.67 71.18
CA SER D 127 13.81 24.60 70.07
C SER D 127 12.51 25.40 70.12
N GLY D 128 11.50 24.94 70.88
CA GLY D 128 10.25 25.64 71.01
C GLY D 128 9.11 25.03 70.22
N THR D 129 9.39 24.14 69.27
CA THR D 129 8.36 23.39 68.58
C THR D 129 8.53 21.91 68.87
N ALA D 130 7.45 21.16 68.67
CA ALA D 130 7.43 19.72 68.89
C ALA D 130 6.88 19.02 67.66
N SER D 131 7.51 17.92 67.27
CA SER D 131 7.06 17.14 66.13
C SER D 131 6.86 15.70 66.57
N VAL D 132 5.61 15.25 66.54
CA VAL D 132 5.26 13.86 66.81
C VAL D 132 5.09 13.18 65.46
N VAL D 133 5.85 12.11 65.23
CA VAL D 133 5.85 11.39 63.95
C VAL D 133 5.08 10.08 64.10
N CYS D 134 4.19 9.81 63.16
CA CYS D 134 3.49 8.55 63.04
C CYS D 134 3.91 7.90 61.72
N LEU D 135 4.29 6.63 61.79
CA LEU D 135 4.79 5.94 60.57
C LEU D 135 3.92 4.75 60.21
N LEU D 136 3.56 4.64 58.94
CA LEU D 136 2.82 3.45 58.47
C LEU D 136 3.82 2.74 57.56
N ASN D 137 4.12 1.46 57.80
CA ASN D 137 5.21 0.78 57.06
C ASN D 137 4.68 0.17 55.76
N ASN D 138 5.44 -0.72 55.17
CA ASN D 138 5.08 -1.14 53.81
C ASN D 138 3.65 -1.63 53.81
N PHE D 139 2.88 -1.18 52.81
CA PHE D 139 1.43 -1.51 52.74
C PHE D 139 0.88 -1.30 51.33
N TYR D 140 -0.36 -1.75 51.08
CA TYR D 140 -1.06 -1.59 49.82
C TYR D 140 -2.54 -1.78 50.12
N PRO D 141 -3.44 -0.95 49.55
CA PRO D 141 -3.25 0.14 48.59
C PRO D 141 -2.71 1.42 49.20
N ARG D 142 -2.40 2.38 48.32
CA ARG D 142 -1.86 3.67 48.75
C ARG D 142 -2.79 4.40 49.70
N GLU D 143 -4.09 4.21 49.55
CA GLU D 143 -5.06 4.96 50.34
C GLU D 143 -5.07 4.52 51.79
N ALA D 144 -4.98 5.49 52.69
CA ALA D 144 -5.02 5.24 54.12
C ALA D 144 -5.35 6.55 54.82
N LYS D 145 -5.79 6.44 56.07
CA LYS D 145 -6.24 7.58 56.85
C LYS D 145 -5.48 7.63 58.17
N VAL D 146 -4.92 8.79 58.49
CA VAL D 146 -4.25 9.02 59.76
C VAL D 146 -5.06 10.04 60.55
N GLN D 147 -5.44 9.67 61.77
CA GLN D 147 -6.13 10.56 62.70
C GLN D 147 -5.21 10.79 63.89
N TRP D 148 -4.84 12.04 64.12
CA TRP D 148 -4.02 12.42 65.27
C TRP D 148 -4.95 12.81 66.40
N LYS D 149 -4.78 12.19 67.57
CA LYS D 149 -5.57 12.54 68.75
C LYS D 149 -4.65 13.02 69.86
N VAL D 150 -4.74 14.31 70.15
CA VAL D 150 -4.15 14.89 71.36
C VAL D 150 -5.17 14.71 72.47
N ASP D 151 -4.81 13.93 73.50
CA ASP D 151 -5.79 13.40 74.43
C ASP D 151 -6.85 12.66 73.61
N ASN D 152 -8.09 13.10 73.63
CA ASN D 152 -9.06 12.53 72.70
C ASN D 152 -9.46 13.56 71.64
N ALA D 153 -8.83 14.73 71.64
CA ALA D 153 -9.14 15.78 70.68
C ALA D 153 -8.45 15.54 69.35
N LEU D 154 -9.17 15.84 68.26
CA LEU D 154 -8.61 15.60 66.95
C LEU D 154 -7.59 16.65 66.54
N GLN D 155 -6.94 16.32 65.43
CA GLN D 155 -5.79 17.06 64.92
C GLN D 155 -6.16 18.40 64.34
N SER D 156 -7.20 18.46 63.50
CA SER D 156 -7.73 19.71 62.95
C SER D 156 -6.64 20.55 62.28
N GLY D 157 -5.85 19.91 61.42
CA GLY D 157 -5.00 20.61 60.49
C GLY D 157 -3.58 20.88 60.97
N ASN D 158 -3.16 20.35 62.12
CA ASN D 158 -1.76 20.48 62.51
C ASN D 158 -0.86 19.59 61.67
N SER D 159 -1.40 18.51 61.13
CA SER D 159 -0.62 17.44 60.56
C SER D 159 -0.31 17.68 59.08
N GLN D 160 0.74 17.02 58.61
CA GLN D 160 1.13 16.95 57.22
C GLN D 160 1.59 15.52 56.93
N GLU D 161 1.33 15.03 55.72
CA GLU D 161 1.67 13.67 55.35
C GLU D 161 2.62 13.62 54.16
N SER D 162 3.38 12.53 54.09
CA SER D 162 4.30 12.27 52.99
C SER D 162 4.38 10.77 52.77
N VAL D 163 4.39 10.37 51.49
CA VAL D 163 4.24 8.97 51.11
C VAL D 163 5.34 8.59 50.13
N THR D 164 6.03 7.48 50.39
CA THR D 164 7.10 7.04 49.53
C THR D 164 6.55 6.57 48.17
N GLU D 165 7.48 6.40 47.22
CA GLU D 165 7.14 5.77 45.96
C GLU D 165 6.95 4.27 46.17
N GLN D 166 6.25 3.65 45.22
CA GLN D 166 6.01 2.22 45.30
C GLN D 166 7.33 1.47 45.29
N ASP D 167 7.39 0.36 46.02
CA ASP D 167 8.62 -0.41 46.06
C ASP D 167 8.82 -1.18 44.76
N SER D 168 10.06 -1.14 44.27
CA SER D 168 10.43 -1.90 43.10
C SER D 168 10.30 -3.41 43.33
N LYS D 169 10.46 -3.86 44.57
CA LYS D 169 10.38 -5.28 44.93
C LYS D 169 9.03 -5.64 45.54
N ASP D 170 8.65 -4.98 46.63
CA ASP D 170 7.44 -5.34 47.34
C ASP D 170 6.17 -4.80 46.70
N SER D 171 6.30 -3.79 45.82
CA SER D 171 5.15 -3.07 45.27
C SER D 171 4.29 -2.49 46.39
N THR D 172 4.94 -2.02 47.44
CA THR D 172 4.27 -1.52 48.64
C THR D 172 4.57 -0.03 48.84
N TYR D 173 3.76 0.60 49.68
CA TYR D 173 3.92 2.00 50.03
C TYR D 173 4.22 2.13 51.52
N SER D 174 4.73 3.30 51.90
CA SER D 174 4.92 3.67 53.30
C SER D 174 4.64 5.16 53.44
N LEU D 175 4.22 5.57 54.64
CA LEU D 175 3.71 6.92 54.84
C LEU D 175 4.14 7.46 56.19
N SER D 176 4.24 8.78 56.29
CA SER D 176 4.61 9.44 57.54
C SER D 176 3.76 10.69 57.74
N SER D 177 3.11 10.77 58.90
CA SER D 177 2.39 11.97 59.32
C SER D 177 3.18 12.62 60.45
N THR D 178 3.51 13.90 60.29
CA THR D 178 4.21 14.66 61.33
C THR D 178 3.26 15.72 61.87
N LEU D 179 2.88 15.57 63.13
CA LEU D 179 2.07 16.53 63.86
C LEU D 179 2.99 17.57 64.49
N THR D 180 2.87 18.82 64.06
CA THR D 180 3.70 19.89 64.62
C THR D 180 2.91 20.63 65.70
N LEU D 181 3.47 20.67 66.90
CA LEU D 181 2.86 21.33 68.03
C LEU D 181 3.85 22.33 68.60
N SER D 182 3.35 23.26 69.41
CA SER D 182 4.23 24.07 70.22
C SER D 182 4.70 23.25 71.42
N LYS D 183 5.89 23.58 71.92
CA LYS D 183 6.36 22.89 73.12
C LYS D 183 5.35 23.02 74.26
N ALA D 184 4.80 24.22 74.44
CA ALA D 184 3.81 24.46 75.49
C ALA D 184 2.65 23.49 75.37
N ASP D 185 2.02 23.45 74.18
CA ASP D 185 0.89 22.55 73.99
C ASP D 185 1.27 21.10 74.24
N TYR D 186 2.46 20.70 73.78
CA TYR D 186 2.87 19.30 73.95
C TYR D 186 2.94 18.93 75.43
N GLU D 187 3.55 19.78 76.25
CA GLU D 187 3.70 19.46 77.67
C GLU D 187 2.37 19.32 78.38
N LYS D 188 1.34 20.07 77.97
CA LYS D 188 0.16 20.19 78.81
C LYS D 188 -0.86 19.06 78.63
N HIS D 189 -0.88 18.36 77.49
CA HIS D 189 -1.96 17.40 77.27
C HIS D 189 -1.59 15.93 77.46
N LYS D 190 -0.31 15.58 77.61
CA LYS D 190 0.14 14.26 78.07
C LYS D 190 0.02 13.07 77.11
N VAL D 191 -1.18 12.70 76.65
CA VAL D 191 -1.37 11.48 75.86
C VAL D 191 -1.51 11.81 74.39
N TYR D 192 -0.73 11.13 73.55
CA TYR D 192 -0.69 11.35 72.11
C TYR D 192 -0.87 10.03 71.38
N ALA D 193 -1.74 10.01 70.38
CA ALA D 193 -2.10 8.79 69.70
C ALA D 193 -2.39 9.08 68.24
N CYS D 194 -1.95 8.18 67.36
CA CYS D 194 -2.35 8.20 65.95
C CYS D 194 -3.12 6.92 65.64
N GLU D 195 -4.13 7.06 64.78
CA GLU D 195 -5.09 6.01 64.46
C GLU D 195 -5.17 5.87 62.95
N VAL D 196 -4.84 4.69 62.43
CA VAL D 196 -4.79 4.48 60.99
C VAL D 196 -6.04 3.73 60.55
N THR D 197 -6.60 4.14 59.41
CA THR D 197 -7.74 3.46 58.81
C THR D 197 -7.34 3.01 57.41
N HIS D 198 -7.46 1.71 57.19
CA HIS D 198 -7.00 1.05 55.97
C HIS D 198 -7.77 -0.26 55.87
N GLN D 199 -7.35 -1.13 54.97
CA GLN D 199 -7.90 -2.48 54.91
C GLN D 199 -7.10 -3.38 55.85
N GLY D 200 -7.29 -3.11 57.15
CA GLY D 200 -6.70 -3.90 58.21
C GLY D 200 -7.75 -4.61 59.06
N LEU D 201 -9.03 -4.32 58.80
CA LEU D 201 -10.24 -4.94 59.36
C LEU D 201 -10.55 -4.52 60.79
N SER D 202 -9.69 -3.75 61.44
CA SER D 202 -10.01 -3.03 62.67
C SER D 202 -9.36 -1.66 62.54
N SER D 203 -9.49 -0.83 63.56
CA SER D 203 -8.79 0.45 63.48
C SER D 203 -7.66 0.46 64.49
N PRO D 204 -6.40 0.38 64.05
CA PRO D 204 -5.28 0.32 64.99
C PRO D 204 -4.90 1.69 65.51
N VAL D 205 -4.89 1.83 66.83
CA VAL D 205 -4.52 3.07 67.52
C VAL D 205 -3.27 2.77 68.33
N THR D 206 -2.18 3.46 68.02
CA THR D 206 -1.00 3.43 68.86
C THR D 206 -0.92 4.73 69.65
N LYS D 207 -0.37 4.67 70.86
CA LYS D 207 -0.40 5.83 71.74
C LYS D 207 0.94 6.05 72.43
N SER D 208 1.22 7.32 72.71
CA SER D 208 2.38 7.75 73.48
C SER D 208 1.89 8.51 74.71
N PHE D 209 2.45 8.19 75.86
CA PHE D 209 2.17 8.90 77.11
C PHE D 209 3.38 9.75 77.44
N ASN D 210 3.17 11.06 77.56
CA ASN D 210 4.28 11.96 77.86
C ASN D 210 5.00 11.50 79.11
N ARG D 211 6.32 11.35 78.99
CA ARG D 211 7.17 10.81 80.06
C ARG D 211 6.69 9.43 80.51
N GLN E 1 -13.26 -31.39 -27.84
CA GLN E 1 -13.66 -30.62 -29.03
C GLN E 1 -15.14 -30.23 -28.99
N VAL E 2 -15.42 -29.01 -28.57
CA VAL E 2 -16.78 -28.49 -28.51
C VAL E 2 -16.88 -27.31 -29.48
N GLN E 3 -17.97 -27.26 -30.24
CA GLN E 3 -18.07 -26.34 -31.36
C GLN E 3 -19.51 -25.87 -31.54
N LEU E 4 -19.63 -24.68 -32.11
CA LEU E 4 -20.89 -23.96 -32.25
C LEU E 4 -21.11 -23.63 -33.71
N GLN E 5 -22.37 -23.48 -34.11
CA GLN E 5 -22.64 -23.06 -35.48
C GLN E 5 -23.95 -22.28 -35.56
N GLU E 6 -23.87 -21.08 -36.14
CA GLU E 6 -25.03 -20.21 -36.27
C GLU E 6 -25.78 -20.50 -37.56
N SER E 7 -27.10 -20.42 -37.50
CA SER E 7 -27.97 -20.65 -38.65
C SER E 7 -29.02 -19.55 -38.67
N GLY E 8 -29.15 -18.86 -39.81
CA GLY E 8 -30.03 -17.73 -39.90
C GLY E 8 -30.27 -17.16 -41.29
N PRO E 9 -31.28 -16.28 -41.37
CA PRO E 9 -31.82 -15.90 -42.69
C PRO E 9 -30.91 -15.00 -43.52
N GLY E 10 -29.95 -14.32 -42.92
CA GLY E 10 -29.05 -13.49 -43.69
C GLY E 10 -29.59 -12.12 -44.04
N VAL E 11 -30.87 -12.04 -44.39
CA VAL E 11 -31.57 -10.78 -44.59
C VAL E 11 -32.87 -10.82 -43.80
N VAL E 12 -33.15 -9.73 -43.10
CA VAL E 12 -34.41 -9.52 -42.40
C VAL E 12 -35.03 -8.25 -42.94
N LYS E 13 -36.35 -8.22 -43.08
CA LYS E 13 -36.96 -6.96 -43.47
C LYS E 13 -36.94 -5.99 -42.30
N PRO E 14 -36.82 -4.69 -42.57
CA PRO E 14 -36.96 -3.71 -41.49
C PRO E 14 -38.31 -3.85 -40.78
N SER E 15 -38.31 -3.53 -39.49
CA SER E 15 -39.48 -3.48 -38.60
C SER E 15 -40.08 -4.84 -38.30
N GLU E 16 -39.46 -5.92 -38.75
CA GLU E 16 -39.91 -7.28 -38.45
C GLU E 16 -38.89 -7.96 -37.55
N THR E 17 -39.22 -9.16 -37.07
CA THR E 17 -38.38 -9.82 -36.07
C THR E 17 -37.28 -10.64 -36.73
N LEU E 18 -36.05 -10.46 -36.25
CA LEU E 18 -34.92 -11.30 -36.60
C LEU E 18 -34.91 -12.54 -35.71
N SER E 19 -34.49 -13.67 -36.28
CA SER E 19 -34.25 -14.84 -35.45
C SER E 19 -33.02 -15.59 -35.94
N LEU E 20 -32.33 -16.22 -35.00
CA LEU E 20 -31.16 -17.03 -35.28
C LEU E 20 -31.15 -18.23 -34.35
N THR E 21 -30.51 -19.31 -34.78
CA THR E 21 -30.42 -20.50 -33.96
C THR E 21 -29.00 -21.05 -34.00
N CYS E 22 -28.45 -21.34 -32.81
CA CYS E 22 -27.13 -21.93 -32.69
C CYS E 22 -27.24 -23.41 -32.37
N ALA E 23 -26.54 -24.21 -33.15
CA ALA E 23 -26.42 -25.65 -32.95
C ALA E 23 -25.09 -25.94 -32.28
N VAL E 24 -25.14 -26.66 -31.15
CA VAL E 24 -23.98 -26.98 -30.34
C VAL E 24 -23.65 -28.46 -30.54
N SER E 25 -22.45 -28.74 -31.04
CA SER E 25 -21.98 -30.10 -31.26
C SER E 25 -20.69 -30.31 -30.48
N GLY E 26 -20.53 -31.49 -29.91
CA GLY E 26 -19.36 -31.81 -29.10
C GLY E 26 -19.57 -31.71 -27.60
N GLY E 27 -20.81 -31.62 -27.15
CA GLY E 27 -21.13 -31.47 -25.75
C GLY E 27 -22.53 -30.94 -25.58
N SER E 28 -23.12 -31.25 -24.44
CA SER E 28 -24.50 -30.85 -24.21
C SER E 28 -24.57 -29.47 -23.55
N ILE E 29 -25.63 -28.75 -23.89
CA ILE E 29 -25.91 -27.45 -23.28
C ILE E 29 -25.99 -27.58 -21.76
N SER E 30 -26.51 -28.70 -21.28
CA SER E 30 -26.68 -28.93 -19.86
C SER E 30 -25.37 -29.09 -19.10
N ASP E 31 -24.24 -29.02 -19.82
CA ASP E 31 -22.93 -29.15 -19.19
C ASP E 31 -22.28 -27.81 -18.86
N THR E 32 -22.72 -26.72 -19.47
CA THR E 32 -22.12 -25.41 -19.28
C THR E 32 -23.13 -24.47 -18.65
N TYR E 33 -22.63 -23.57 -17.80
CA TYR E 33 -23.48 -22.73 -16.96
C TYR E 33 -24.32 -21.77 -17.78
N ARG E 34 -23.66 -20.88 -18.53
CA ARG E 34 -24.34 -19.86 -19.31
C ARG E 34 -23.85 -19.90 -20.76
N TRP E 35 -24.78 -19.68 -21.69
CA TRP E 35 -24.50 -19.54 -23.10
C TRP E 35 -24.97 -18.16 -23.50
N SER E 36 -24.30 -17.52 -24.47
CA SER E 36 -24.71 -16.16 -24.80
C SER E 36 -24.62 -15.90 -26.30
N TRP E 37 -25.35 -14.87 -26.70
CA TRP E 37 -25.34 -14.31 -28.05
C TRP E 37 -24.70 -12.93 -27.97
N ILE E 38 -23.75 -12.66 -28.88
CA ILE E 38 -23.14 -11.34 -28.98
C ILE E 38 -23.03 -10.96 -30.45
N ARG E 39 -22.93 -9.66 -30.74
CA ARG E 39 -22.97 -9.21 -32.12
C ARG E 39 -21.91 -8.13 -32.36
N GLN E 40 -21.52 -8.00 -33.63
CA GLN E 40 -20.58 -6.97 -34.07
C GLN E 40 -21.13 -6.28 -35.31
N PRO E 41 -21.61 -5.05 -35.18
CA PRO E 41 -21.95 -4.25 -36.36
C PRO E 41 -20.72 -4.00 -37.22
N PRO E 42 -20.88 -3.75 -38.51
CA PRO E 42 -19.72 -3.53 -39.37
C PRO E 42 -18.99 -2.25 -39.01
N GLY E 43 -17.66 -2.35 -38.97
CA GLY E 43 -16.84 -1.21 -38.60
C GLY E 43 -17.11 -0.68 -37.21
N LYS E 44 -17.48 -1.55 -36.28
CA LYS E 44 -17.88 -1.12 -34.95
C LYS E 44 -17.50 -2.19 -33.95
N GLY E 45 -17.53 -1.82 -32.67
CA GLY E 45 -17.07 -2.72 -31.64
C GLY E 45 -18.05 -3.84 -31.33
N LEU E 46 -17.52 -4.90 -30.72
CA LEU E 46 -18.35 -6.01 -30.27
C LEU E 46 -19.35 -5.56 -29.22
N GLU E 47 -20.56 -6.09 -29.33
CA GLU E 47 -21.62 -5.88 -28.37
C GLU E 47 -22.06 -7.23 -27.80
N TRP E 48 -22.41 -7.24 -26.53
CA TRP E 48 -22.92 -8.44 -25.87
C TRP E 48 -24.43 -8.33 -25.75
N ILE E 49 -25.13 -9.27 -26.38
CA ILE E 49 -26.60 -9.23 -26.36
C ILE E 49 -27.13 -9.83 -25.07
N GLY E 50 -26.84 -11.09 -24.80
CA GLY E 50 -27.34 -11.65 -23.54
C GLY E 50 -27.07 -13.13 -23.41
N TYR E 51 -27.37 -13.64 -22.21
CA TYR E 51 -27.16 -15.06 -21.93
C TYR E 51 -28.42 -15.75 -21.44
N ILE E 52 -28.41 -17.06 -21.68
CA ILE E 52 -29.36 -18.05 -21.19
C ILE E 52 -28.62 -19.05 -20.32
N TYR E 53 -29.24 -19.47 -19.24
CA TYR E 53 -28.61 -20.47 -18.37
C TYR E 53 -28.63 -21.83 -19.06
N GLY E 54 -27.54 -22.58 -18.88
CA GLY E 54 -27.43 -23.85 -19.58
C GLY E 54 -28.41 -24.90 -19.10
N SER E 55 -28.64 -24.95 -17.79
CA SER E 55 -29.50 -25.95 -17.16
C SER E 55 -30.42 -25.28 -16.15
N ALA E 56 -31.07 -24.21 -16.60
CA ALA E 56 -32.02 -23.43 -15.81
C ALA E 56 -32.73 -22.50 -16.79
N THR E 57 -33.82 -21.91 -16.34
CA THR E 57 -34.61 -21.05 -17.22
C THR E 57 -34.12 -19.61 -17.24
N SER E 58 -33.14 -19.26 -16.42
CA SER E 58 -32.76 -17.87 -16.21
C SER E 58 -32.18 -17.24 -17.47
N THR E 59 -32.45 -15.94 -17.63
CA THR E 59 -31.96 -15.15 -18.76
C THR E 59 -31.50 -13.80 -18.24
N TYR E 60 -30.45 -13.26 -18.87
CA TYR E 60 -30.07 -11.86 -18.66
C TYR E 60 -29.86 -11.22 -20.03
N TYR E 61 -30.43 -10.03 -20.23
CA TYR E 61 -30.29 -9.30 -21.48
C TYR E 61 -29.63 -7.96 -21.28
N ASN E 62 -28.84 -7.55 -22.27
CA ASN E 62 -28.30 -6.21 -22.31
C ASN E 62 -29.43 -5.20 -22.36
N PRO E 63 -29.45 -4.20 -21.49
CA PRO E 63 -30.57 -3.24 -21.48
C PRO E 63 -30.67 -2.37 -22.72
N SER E 64 -29.64 -2.30 -23.56
CA SER E 64 -29.80 -1.62 -24.85
C SER E 64 -30.78 -2.36 -25.75
N LEU E 65 -31.07 -3.62 -25.43
CA LEU E 65 -31.88 -4.47 -26.27
C LEU E 65 -32.97 -5.21 -25.52
N SER E 66 -33.03 -5.08 -24.18
CA SER E 66 -33.82 -5.99 -23.37
C SER E 66 -35.27 -6.03 -23.81
N SER E 67 -35.84 -4.87 -24.18
CA SER E 67 -37.24 -4.83 -24.60
C SER E 67 -37.49 -5.70 -25.83
N ARG E 68 -36.51 -5.80 -26.73
CA ARG E 68 -36.70 -6.47 -28.00
C ARG E 68 -36.24 -7.93 -28.01
N VAL E 69 -35.38 -8.33 -27.07
CA VAL E 69 -34.60 -9.56 -27.20
C VAL E 69 -35.24 -10.69 -26.40
N THR E 70 -35.24 -11.88 -26.99
CA THR E 70 -35.72 -13.10 -26.32
C THR E 70 -34.76 -14.23 -26.66
N ILE E 71 -34.18 -14.85 -25.64
CA ILE E 71 -33.20 -15.93 -25.82
C ILE E 71 -33.78 -17.22 -25.26
N SER E 72 -33.95 -18.20 -26.13
CA SER E 72 -34.61 -19.45 -25.80
C SER E 72 -33.66 -20.63 -26.03
N LYS E 73 -34.09 -21.82 -25.63
CA LYS E 73 -33.28 -23.02 -25.81
C LYS E 73 -34.17 -24.20 -26.17
N ASP E 74 -33.59 -25.16 -26.88
CA ASP E 74 -34.21 -26.46 -27.16
C ASP E 74 -33.19 -27.52 -26.77
N MET E 75 -33.44 -28.15 -25.62
CA MET E 75 -32.51 -29.12 -25.07
C MET E 75 -32.47 -30.41 -25.89
N SER E 76 -33.59 -30.77 -26.52
CA SER E 76 -33.64 -32.00 -27.31
C SER E 76 -32.72 -31.96 -28.51
N LYS E 77 -32.32 -30.77 -28.96
CA LYS E 77 -31.48 -30.63 -30.15
C LYS E 77 -30.10 -30.06 -29.83
N ASN E 78 -29.81 -29.72 -28.57
CA ASN E 78 -28.72 -28.82 -28.25
C ASN E 78 -28.74 -27.60 -29.16
N GLN E 79 -29.81 -26.83 -29.05
CA GLN E 79 -29.91 -25.58 -29.80
C GLN E 79 -30.28 -24.46 -28.86
N PHE E 80 -29.84 -23.25 -29.17
CA PHE E 80 -30.43 -22.10 -28.49
C PHE E 80 -30.57 -20.95 -29.45
N SER E 81 -31.65 -20.18 -29.26
CA SER E 81 -32.16 -19.27 -30.25
C SER E 81 -32.17 -17.84 -29.73
N LEU E 82 -32.03 -16.91 -30.67
CA LEU E 82 -32.17 -15.48 -30.48
C LEU E 82 -33.35 -14.99 -31.28
N ASN E 83 -34.16 -14.11 -30.67
CA ASN E 83 -35.28 -13.45 -31.35
C ASN E 83 -35.23 -11.97 -31.01
N LEU E 84 -34.89 -11.15 -31.99
CA LEU E 84 -34.74 -9.71 -31.82
C LEU E 84 -35.81 -9.00 -32.65
N ASN E 85 -36.86 -8.53 -31.98
CA ASN E 85 -38.02 -7.96 -32.66
C ASN E 85 -37.70 -6.56 -33.21
N SER E 86 -38.61 -6.08 -34.06
CA SER E 86 -38.66 -4.70 -34.53
C SER E 86 -37.29 -4.20 -34.96
N VAL E 87 -36.75 -4.87 -35.97
CA VAL E 87 -35.36 -4.67 -36.35
C VAL E 87 -35.22 -3.36 -37.12
N THR E 88 -34.21 -2.59 -36.75
CA THR E 88 -33.78 -1.39 -37.44
C THR E 88 -32.52 -1.68 -38.25
N ALA E 89 -32.24 -0.80 -39.22
CA ALA E 89 -31.01 -0.94 -39.99
C ALA E 89 -29.78 -0.81 -39.12
N ALA E 90 -29.93 -0.30 -37.89
CA ALA E 90 -28.82 -0.31 -36.94
C ALA E 90 -28.45 -1.71 -36.50
N ASP E 91 -29.31 -2.71 -36.76
CA ASP E 91 -29.09 -4.06 -36.29
C ASP E 91 -28.40 -4.96 -37.32
N THR E 92 -28.05 -4.43 -38.50
CA THR E 92 -27.17 -5.16 -39.41
C THR E 92 -25.86 -5.48 -38.70
N ALA E 93 -25.48 -6.75 -38.68
CA ALA E 93 -24.28 -7.12 -37.92
C ALA E 93 -23.93 -8.58 -38.15
N VAL E 94 -22.74 -8.95 -37.70
CA VAL E 94 -22.35 -10.35 -37.62
C VAL E 94 -22.66 -10.85 -36.21
N TYR E 95 -23.43 -11.92 -36.14
CA TYR E 95 -23.95 -12.46 -34.89
C TYR E 95 -23.19 -13.73 -34.55
N TYR E 96 -22.67 -13.80 -33.31
CA TYR E 96 -21.85 -14.89 -32.82
C TYR E 96 -22.59 -15.59 -31.69
N CYS E 97 -22.88 -16.87 -31.89
CA CYS E 97 -23.04 -17.83 -30.81
C CYS E 97 -21.76 -17.89 -29.99
N ALA E 98 -21.89 -18.07 -28.67
CA ALA E 98 -20.70 -18.24 -27.85
C ALA E 98 -21.08 -18.85 -26.49
N ARG E 99 -20.09 -19.46 -25.85
CA ARG E 99 -20.29 -20.00 -24.51
C ARG E 99 -19.39 -19.31 -23.49
N ASP E 100 -19.81 -19.37 -22.24
CA ASP E 100 -19.23 -18.58 -21.16
C ASP E 100 -18.33 -19.45 -20.30
N TYR E 101 -17.24 -18.86 -19.80
CA TYR E 101 -16.36 -19.50 -18.85
C TYR E 101 -16.27 -18.66 -17.59
N GLN E 102 -16.27 -19.33 -16.44
CA GLN E 102 -16.19 -18.68 -15.14
C GLN E 102 -14.98 -19.19 -14.39
N TYR E 103 -14.10 -18.28 -13.98
CA TYR E 103 -12.93 -18.62 -13.19
C TYR E 103 -13.17 -18.20 -11.75
N TYR E 104 -13.05 -19.15 -10.84
CA TYR E 104 -13.11 -18.89 -9.40
C TYR E 104 -11.75 -19.20 -8.79
N TYR E 105 -11.41 -18.50 -7.71
CA TYR E 105 -10.20 -18.81 -6.96
C TYR E 105 -10.47 -19.36 -5.57
N SER E 106 -11.49 -18.84 -4.88
CA SER E 106 -11.81 -19.32 -3.55
C SER E 106 -13.31 -19.54 -3.43
N GLY E 107 -13.68 -20.63 -2.76
CA GLY E 107 -15.06 -20.96 -2.48
C GLY E 107 -15.71 -20.18 -1.36
N SER E 108 -14.99 -19.22 -0.76
CA SER E 108 -15.60 -18.19 0.07
C SER E 108 -15.55 -16.83 -0.62
N TYR E 109 -15.43 -16.83 -1.94
CA TYR E 109 -15.39 -15.62 -2.75
C TYR E 109 -16.12 -15.88 -4.06
N PRO E 110 -17.45 -15.83 -4.07
CA PRO E 110 -18.18 -16.14 -5.31
C PRO E 110 -18.28 -14.95 -6.25
N THR E 111 -17.12 -14.50 -6.76
CA THR E 111 -17.04 -13.46 -7.78
C THR E 111 -16.28 -14.04 -8.97
N PRO E 112 -16.96 -14.75 -9.86
CA PRO E 112 -16.24 -15.32 -11.01
C PRO E 112 -15.74 -14.26 -11.96
N HIS E 113 -14.57 -14.52 -12.55
CA HIS E 113 -14.08 -13.75 -13.68
C HIS E 113 -14.72 -14.31 -14.94
N ASN E 114 -15.44 -13.48 -15.68
CA ASN E 114 -16.17 -13.96 -16.83
C ASN E 114 -15.47 -13.59 -18.15
N TRP E 115 -15.58 -14.50 -19.11
CA TRP E 115 -15.17 -14.28 -20.49
C TRP E 115 -15.81 -15.39 -21.34
N PHE E 116 -15.39 -15.48 -22.60
CA PHE E 116 -16.00 -16.38 -23.57
C PHE E 116 -14.93 -17.28 -24.14
N ASP E 117 -15.05 -18.59 -23.93
CA ASP E 117 -13.98 -19.50 -24.31
C ASP E 117 -14.21 -20.22 -25.64
N VAL E 118 -15.43 -20.24 -26.18
CA VAL E 118 -15.71 -20.91 -27.44
C VAL E 118 -16.73 -20.10 -28.23
N TRP E 119 -16.45 -19.91 -29.53
CA TRP E 119 -17.21 -19.04 -30.41
C TRP E 119 -17.66 -19.81 -31.65
N GLY E 120 -18.69 -19.28 -32.31
CA GLY E 120 -19.08 -19.76 -33.61
C GLY E 120 -18.34 -19.00 -34.70
N PRO E 121 -18.54 -19.40 -35.97
CA PRO E 121 -17.93 -18.63 -37.06
C PRO E 121 -18.55 -17.26 -37.23
N GLY E 122 -19.82 -17.10 -36.85
CA GLY E 122 -20.51 -15.85 -37.03
C GLY E 122 -21.33 -15.83 -38.32
N VAL E 123 -22.52 -15.22 -38.26
CA VAL E 123 -23.38 -15.10 -39.44
C VAL E 123 -23.77 -13.63 -39.60
N LEU E 124 -23.66 -13.12 -40.82
CA LEU E 124 -24.05 -11.75 -41.10
C LEU E 124 -25.54 -11.69 -41.39
N VAL E 125 -26.25 -10.80 -40.69
CA VAL E 125 -27.64 -10.51 -40.99
C VAL E 125 -27.74 -9.06 -41.41
N THR E 126 -28.37 -8.85 -42.56
CA THR E 126 -28.57 -7.54 -43.16
C THR E 126 -30.04 -7.16 -43.01
N VAL E 127 -30.28 -5.87 -42.80
CA VAL E 127 -31.61 -5.37 -42.46
C VAL E 127 -31.98 -4.39 -43.57
N SER E 128 -32.60 -4.93 -44.62
CA SER E 128 -32.83 -4.18 -45.83
C SER E 128 -34.14 -4.64 -46.45
N SER E 129 -34.93 -3.68 -46.93
CA SER E 129 -36.20 -3.99 -47.59
C SER E 129 -36.02 -4.63 -48.97
N ALA E 130 -34.79 -4.80 -49.44
CA ALA E 130 -34.55 -5.36 -50.77
C ALA E 130 -34.87 -6.86 -50.79
N SER E 131 -34.81 -7.44 -51.99
CA SER E 131 -35.18 -8.84 -52.21
C SER E 131 -33.98 -9.62 -52.75
N THR E 132 -33.76 -10.81 -52.18
CA THR E 132 -32.56 -11.59 -52.44
C THR E 132 -32.40 -11.94 -53.92
N LYS E 133 -31.17 -12.29 -54.29
CA LYS E 133 -30.78 -12.46 -55.68
C LYS E 133 -29.42 -13.12 -55.78
N GLY E 134 -29.28 -14.15 -56.61
CA GLY E 134 -28.06 -14.92 -56.71
C GLY E 134 -27.05 -14.31 -57.67
N PRO E 135 -25.81 -14.76 -57.59
CA PRO E 135 -24.75 -14.16 -58.42
C PRO E 135 -24.68 -14.78 -59.80
N SER E 136 -24.05 -14.02 -60.70
CA SER E 136 -23.51 -14.54 -61.95
C SER E 136 -22.00 -14.44 -61.88
N VAL E 137 -21.32 -15.35 -62.58
CA VAL E 137 -19.87 -15.45 -62.51
C VAL E 137 -19.31 -15.44 -63.92
N PHE E 138 -18.33 -14.56 -64.16
CA PHE E 138 -17.76 -14.45 -65.49
C PHE E 138 -16.24 -14.56 -65.42
N PRO E 139 -15.62 -15.25 -66.37
CA PRO E 139 -14.18 -15.51 -66.28
C PRO E 139 -13.37 -14.29 -66.66
N LEU E 140 -12.62 -13.76 -65.70
CA LEU E 140 -11.53 -12.83 -65.99
C LEU E 140 -10.43 -13.64 -66.64
N ALA E 141 -10.53 -13.80 -67.96
CA ALA E 141 -9.66 -14.69 -68.70
C ALA E 141 -8.24 -14.15 -68.73
N PRO E 142 -7.23 -15.00 -68.50
CA PRO E 142 -5.85 -14.51 -68.61
C PRO E 142 -5.51 -14.19 -70.04
N SER E 143 -4.63 -13.20 -70.21
CA SER E 143 -4.28 -12.70 -71.52
C SER E 143 -2.80 -12.31 -71.51
N SER E 144 -2.33 -11.81 -72.66
CA SER E 144 -1.00 -11.22 -72.70
C SER E 144 -0.88 -10.06 -71.73
N LYS E 145 -1.98 -9.30 -71.55
CA LYS E 145 -1.97 -8.16 -70.64
C LYS E 145 -1.85 -8.59 -69.19
N SER E 146 -2.32 -9.78 -68.84
CA SER E 146 -2.26 -10.28 -67.48
C SER E 146 -1.12 -11.27 -67.26
N THR E 147 -0.20 -11.37 -68.21
CA THR E 147 0.94 -12.29 -68.15
C THR E 147 2.23 -11.48 -68.09
N SER E 148 3.03 -11.71 -67.06
CA SER E 148 4.31 -11.04 -66.88
C SER E 148 5.47 -11.81 -67.47
N GLY E 149 5.23 -13.01 -68.01
CA GLY E 149 6.27 -13.88 -68.50
C GLY E 149 6.71 -14.93 -67.52
N GLY E 150 6.53 -14.70 -66.23
CA GLY E 150 6.75 -15.69 -65.20
C GLY E 150 5.52 -15.88 -64.35
N THR E 151 4.68 -14.84 -64.28
CA THR E 151 3.44 -14.89 -63.51
C THR E 151 2.28 -14.41 -64.37
N ALA E 152 1.22 -15.22 -64.41
CA ALA E 152 -0.04 -14.90 -65.07
C ALA E 152 -1.14 -14.91 -64.02
N ALA E 153 -2.03 -13.93 -64.10
CA ALA E 153 -3.12 -13.79 -63.15
C ALA E 153 -4.45 -14.03 -63.85
N LEU E 154 -5.30 -14.87 -63.27
CA LEU E 154 -6.62 -15.11 -63.83
C LEU E 154 -7.65 -15.09 -62.72
N GLY E 155 -8.90 -14.79 -63.07
CA GLY E 155 -9.85 -14.60 -62.00
C GLY E 155 -11.29 -14.84 -62.39
N CYS E 156 -12.16 -14.53 -61.44
CA CYS E 156 -13.60 -14.62 -61.60
C CYS E 156 -14.22 -13.32 -61.12
N LEU E 157 -15.09 -12.74 -61.95
CA LEU E 157 -15.87 -11.57 -61.57
C LEU E 157 -17.23 -12.07 -61.13
N VAL E 158 -17.53 -11.87 -59.84
CA VAL E 158 -18.80 -12.28 -59.23
C VAL E 158 -19.69 -11.04 -59.20
N LYS E 159 -20.90 -11.15 -59.74
CA LYS E 159 -21.69 -9.96 -60.05
C LYS E 159 -23.17 -10.17 -59.76
N ASP E 160 -23.84 -9.05 -59.51
CA ASP E 160 -25.30 -8.96 -59.38
C ASP E 160 -25.88 -10.00 -58.42
N TYR E 161 -25.48 -9.90 -57.16
CA TYR E 161 -26.04 -10.74 -56.11
C TYR E 161 -26.38 -9.89 -54.88
N PHE E 162 -27.56 -10.13 -54.31
CA PHE E 162 -27.95 -9.56 -53.03
C PHE E 162 -28.40 -10.70 -52.14
N PRO E 163 -27.90 -10.80 -50.89
CA PRO E 163 -26.98 -9.88 -50.22
C PRO E 163 -25.50 -10.21 -50.36
N GLU E 164 -24.70 -9.56 -49.53
CA GLU E 164 -23.25 -9.66 -49.65
C GLU E 164 -22.67 -11.04 -49.38
N PRO E 165 -23.07 -11.79 -48.35
CA PRO E 165 -22.36 -13.03 -48.01
C PRO E 165 -22.26 -14.01 -49.17
N VAL E 166 -21.01 -14.33 -49.54
CA VAL E 166 -20.68 -15.36 -50.53
C VAL E 166 -19.36 -16.02 -50.16
N THR E 167 -19.13 -17.19 -50.76
CA THR E 167 -17.96 -18.02 -50.53
C THR E 167 -17.30 -18.32 -51.86
N VAL E 168 -15.97 -18.28 -51.93
CA VAL E 168 -15.27 -18.64 -53.16
C VAL E 168 -14.07 -19.51 -52.82
N SER E 169 -13.67 -20.34 -53.78
CA SER E 169 -12.56 -21.26 -53.61
C SER E 169 -12.04 -21.67 -54.99
N TRP E 170 -10.73 -21.73 -55.15
CA TRP E 170 -10.13 -22.07 -56.43
C TRP E 170 -9.88 -23.58 -56.48
N ASN E 171 -10.45 -24.24 -57.49
CA ASN E 171 -10.37 -25.70 -57.64
C ASN E 171 -10.91 -26.43 -56.43
N SER E 172 -11.97 -25.88 -55.84
CA SER E 172 -12.68 -26.47 -54.71
C SER E 172 -11.76 -26.69 -53.50
N GLY E 173 -10.92 -25.70 -53.20
CA GLY E 173 -10.13 -25.67 -52.01
C GLY E 173 -8.68 -26.08 -52.18
N ALA E 174 -8.34 -26.79 -53.26
CA ALA E 174 -7.00 -27.32 -53.41
C ALA E 174 -5.98 -26.26 -53.80
N LEU E 175 -6.44 -25.09 -54.28
CA LEU E 175 -5.55 -24.03 -54.74
C LEU E 175 -5.69 -22.86 -53.76
N THR E 176 -4.66 -22.64 -52.94
CA THR E 176 -4.70 -21.62 -51.90
C THR E 176 -3.47 -20.72 -51.90
N SER E 177 -2.62 -20.81 -52.92
CA SER E 177 -1.39 -20.04 -53.00
C SER E 177 -1.55 -18.92 -54.02
N GLY E 178 -1.20 -17.70 -53.61
CA GLY E 178 -1.37 -16.55 -54.48
C GLY E 178 -2.81 -16.19 -54.76
N VAL E 179 -3.73 -16.57 -53.87
CA VAL E 179 -5.16 -16.34 -54.06
C VAL E 179 -5.55 -15.07 -53.32
N HIS E 180 -6.39 -14.25 -53.92
CA HIS E 180 -6.85 -13.02 -53.28
C HIS E 180 -8.31 -12.77 -53.65
N THR E 181 -9.18 -12.70 -52.65
CA THR E 181 -10.59 -12.38 -52.81
C THR E 181 -10.86 -11.00 -52.22
N PHE E 182 -11.34 -10.09 -53.06
CA PHE E 182 -11.41 -8.69 -52.67
C PHE E 182 -12.69 -8.36 -51.91
N PRO E 183 -12.62 -7.39 -50.99
CA PRO E 183 -13.80 -7.01 -50.21
C PRO E 183 -14.82 -6.27 -51.03
N ALA E 184 -15.97 -6.91 -51.25
CA ALA E 184 -17.06 -6.26 -51.96
C ALA E 184 -17.42 -4.94 -51.31
N VAL E 185 -17.30 -3.87 -52.07
CA VAL E 185 -17.87 -2.58 -51.72
C VAL E 185 -19.23 -2.53 -52.40
N LEU E 186 -20.07 -1.60 -51.95
CA LEU E 186 -21.40 -1.49 -52.54
C LEU E 186 -21.28 -1.15 -54.02
N GLN E 187 -21.81 -2.03 -54.89
CA GLN E 187 -21.92 -1.71 -56.30
C GLN E 187 -23.03 -0.67 -56.50
N SER E 188 -22.92 0.09 -57.58
CA SER E 188 -23.84 1.21 -57.79
C SER E 188 -25.28 0.74 -57.92
N SER E 189 -25.48 -0.46 -58.47
CA SER E 189 -26.84 -0.99 -58.55
C SER E 189 -27.40 -1.31 -57.17
N GLY E 190 -26.55 -1.46 -56.16
CA GLY E 190 -26.93 -1.92 -54.85
C GLY E 190 -26.50 -3.35 -54.57
N LEU E 191 -26.40 -4.16 -55.62
CA LEU E 191 -25.82 -5.50 -55.55
C LEU E 191 -24.34 -5.36 -55.21
N TYR E 192 -23.62 -6.47 -55.09
CA TYR E 192 -22.26 -6.43 -54.55
C TYR E 192 -21.22 -6.76 -55.62
N SER E 193 -20.16 -5.97 -55.65
CA SER E 193 -19.10 -6.06 -56.66
C SER E 193 -17.79 -6.46 -55.97
N LEU E 194 -17.33 -7.68 -56.23
CA LEU E 194 -15.99 -8.09 -55.83
C LEU E 194 -15.35 -8.85 -56.97
N SER E 195 -14.01 -8.84 -56.97
CA SER E 195 -13.20 -9.62 -57.89
C SER E 195 -12.53 -10.75 -57.13
N SER E 196 -12.11 -11.79 -57.85
CA SER E 196 -11.38 -12.89 -57.22
C SER E 196 -10.26 -13.32 -58.14
N VAL E 197 -9.00 -13.07 -57.74
CA VAL E 197 -7.87 -13.33 -58.62
C VAL E 197 -6.95 -14.37 -58.00
N VAL E 198 -6.16 -15.00 -58.88
CA VAL E 198 -5.07 -15.86 -58.46
C VAL E 198 -3.89 -15.68 -59.40
N THR E 199 -2.68 -15.70 -58.83
CA THR E 199 -1.43 -15.66 -59.57
C THR E 199 -0.85 -17.05 -59.69
N VAL E 200 -0.48 -17.44 -60.91
CA VAL E 200 0.01 -18.77 -61.23
C VAL E 200 1.13 -18.65 -62.26
N PRO E 201 2.01 -19.64 -62.34
CA PRO E 201 3.08 -19.59 -63.35
C PRO E 201 2.51 -19.54 -64.77
N SER E 202 3.06 -18.64 -65.59
CA SER E 202 2.53 -18.36 -66.91
C SER E 202 2.82 -19.45 -67.94
N SER E 203 3.70 -20.39 -67.62
CA SER E 203 3.98 -21.52 -68.50
C SER E 203 3.09 -22.73 -68.19
N GLY E 204 2.24 -22.62 -67.17
CA GLY E 204 1.29 -23.67 -66.83
C GLY E 204 -0.12 -23.42 -67.33
N LEU E 205 -0.33 -22.43 -68.17
CA LEU E 205 -1.65 -22.18 -68.75
C LEU E 205 -1.95 -23.20 -69.85
N GLY E 206 -3.23 -23.50 -70.02
CA GLY E 206 -3.65 -24.48 -71.01
C GLY E 206 -3.51 -25.90 -70.52
N THR E 207 -2.39 -26.20 -69.87
CA THR E 207 -2.19 -27.54 -69.32
C THR E 207 -3.01 -27.73 -68.04
N GLN E 208 -3.09 -26.71 -67.20
CA GLN E 208 -3.80 -26.80 -65.93
C GLN E 208 -5.23 -26.28 -66.08
N THR E 209 -6.08 -26.66 -65.13
CA THR E 209 -7.49 -26.29 -65.15
C THR E 209 -7.87 -25.61 -63.83
N TYR E 210 -8.61 -24.50 -63.92
CA TYR E 210 -8.99 -23.69 -62.77
C TYR E 210 -10.50 -23.45 -62.75
N ILE E 211 -11.10 -23.50 -61.54
CA ILE E 211 -12.55 -23.40 -61.37
C ILE E 211 -12.86 -22.44 -60.22
N CYS E 212 -13.91 -21.61 -60.39
CA CYS E 212 -14.23 -20.55 -59.45
C CYS E 212 -14.90 -21.06 -58.16
N ASN E 213 -15.84 -22.01 -58.28
CA ASN E 213 -16.50 -22.64 -57.14
C ASN E 213 -17.20 -21.62 -56.23
N VAL E 214 -17.98 -20.73 -56.84
CA VAL E 214 -18.68 -19.69 -56.09
C VAL E 214 -19.86 -20.29 -55.33
N ASN E 215 -20.19 -19.70 -54.18
CA ASN E 215 -21.34 -20.12 -53.40
C ASN E 215 -22.02 -18.88 -52.84
N HIS E 216 -23.35 -18.90 -52.92
CA HIS E 216 -24.21 -17.87 -52.34
C HIS E 216 -25.19 -18.60 -51.42
N LYS E 217 -25.06 -18.37 -50.12
CA LYS E 217 -25.92 -19.04 -49.15
C LYS E 217 -27.35 -18.49 -49.12
N PRO E 218 -27.57 -17.17 -49.13
CA PRO E 218 -28.96 -16.68 -49.02
C PRO E 218 -29.85 -17.12 -50.16
N SER E 219 -29.38 -17.03 -51.40
CA SER E 219 -29.99 -17.71 -52.53
C SER E 219 -29.05 -18.85 -52.91
N ASN E 220 -29.44 -20.08 -52.60
CA ASN E 220 -28.56 -21.24 -52.76
C ASN E 220 -27.91 -21.23 -54.13
N THR E 221 -26.57 -21.21 -54.12
CA THR E 221 -25.82 -21.16 -55.37
C THR E 221 -24.50 -21.87 -55.18
N LYS E 222 -24.21 -22.88 -56.01
CA LYS E 222 -22.91 -23.51 -56.03
C LYS E 222 -22.37 -23.50 -57.47
N VAL E 223 -21.93 -22.31 -57.89
CA VAL E 223 -21.25 -22.13 -59.16
C VAL E 223 -19.95 -22.93 -59.20
N ASP E 224 -19.66 -23.53 -60.35
CA ASP E 224 -18.37 -24.15 -60.64
C ASP E 224 -17.84 -23.60 -61.97
N LYS E 225 -17.63 -22.29 -62.02
CA LYS E 225 -17.21 -21.60 -63.22
C LYS E 225 -15.71 -21.76 -63.46
N LYS E 226 -15.32 -21.83 -64.74
CA LYS E 226 -13.95 -22.04 -65.15
C LYS E 226 -13.46 -20.88 -66.00
N VAL E 227 -12.14 -20.72 -66.07
CA VAL E 227 -11.51 -19.58 -66.73
C VAL E 227 -10.48 -20.12 -67.72
N GLU E 228 -10.47 -19.56 -68.95
CA GLU E 228 -9.62 -20.04 -70.05
C GLU E 228 -9.24 -18.90 -71.00
N PRO E 229 -7.94 -18.76 -71.35
CA PRO E 229 -7.40 -17.65 -72.15
C PRO E 229 -8.22 -17.29 -73.39
N ASP F 1 -24.11 0.31 -17.95
CA ASP F 1 -23.00 -0.63 -18.05
C ASP F 1 -21.67 0.08 -17.82
N ILE F 2 -20.59 -0.68 -17.70
CA ILE F 2 -19.25 -0.11 -17.59
C ILE F 2 -18.71 0.05 -19.01
N GLN F 3 -18.41 1.29 -19.39
CA GLN F 3 -17.92 1.54 -20.74
C GLN F 3 -16.41 1.38 -20.79
N MET F 4 -15.94 0.77 -21.88
CA MET F 4 -14.51 0.58 -22.10
C MET F 4 -14.09 1.47 -23.27
N THR F 5 -13.29 2.48 -22.96
CA THR F 5 -12.73 3.36 -23.98
C THR F 5 -11.36 2.80 -24.34
N GLN F 6 -11.28 2.20 -25.52
CA GLN F 6 -10.04 1.63 -26.02
C GLN F 6 -9.38 2.62 -26.96
N SER F 7 -8.05 2.63 -26.95
CA SER F 7 -7.31 3.51 -27.84
C SER F 7 -5.90 2.96 -27.99
N PRO F 8 -5.23 3.21 -29.13
CA PRO F 8 -5.67 3.98 -30.31
C PRO F 8 -6.59 3.16 -31.20
N SER F 9 -7.44 3.76 -32.04
CA SER F 9 -8.33 2.92 -32.85
C SER F 9 -7.58 2.16 -33.94
N SER F 10 -6.45 2.70 -34.40
CA SER F 10 -5.65 2.08 -35.44
C SER F 10 -4.18 2.18 -35.05
N LEU F 11 -3.34 1.42 -35.74
CA LEU F 11 -1.93 1.37 -35.39
C LEU F 11 -1.18 0.62 -36.48
N SER F 12 0.09 0.96 -36.64
CA SER F 12 0.92 0.30 -37.64
C SER F 12 2.38 0.39 -37.21
N ALA F 13 3.02 -0.76 -37.04
CA ALA F 13 4.40 -0.81 -36.60
C ALA F 13 5.16 -1.84 -37.41
N SER F 14 6.46 -1.59 -37.58
CA SER F 14 7.29 -2.55 -38.27
C SER F 14 7.41 -3.84 -37.45
N VAL F 15 7.79 -4.92 -38.14
CA VAL F 15 8.10 -6.16 -37.44
C VAL F 15 9.23 -5.90 -36.45
N GLY F 16 9.23 -6.65 -35.35
CA GLY F 16 10.23 -6.46 -34.33
C GLY F 16 10.01 -5.27 -33.42
N ASP F 17 8.91 -4.55 -33.58
CA ASP F 17 8.56 -3.44 -32.70
C ASP F 17 7.78 -3.93 -31.50
N ARG F 18 7.63 -3.03 -30.54
CA ARG F 18 6.75 -3.21 -29.39
C ARG F 18 5.48 -2.39 -29.61
N VAL F 19 4.33 -3.04 -29.51
CA VAL F 19 3.05 -2.38 -29.66
C VAL F 19 2.36 -2.36 -28.30
N THR F 20 1.67 -1.26 -28.00
CA THR F 20 0.92 -1.13 -26.75
C THR F 20 -0.45 -0.57 -27.06
N ILE F 21 -1.49 -1.32 -26.68
CA ILE F 21 -2.87 -0.89 -26.79
C ILE F 21 -3.39 -0.72 -25.38
N THR F 22 -4.13 0.36 -25.13
CA THR F 22 -4.61 0.55 -23.76
C THR F 22 -6.10 0.83 -23.79
N CYS F 23 -6.72 0.64 -22.62
CA CYS F 23 -8.16 0.48 -22.54
C CYS F 23 -8.56 0.87 -21.14
N ARG F 24 -9.49 1.82 -21.01
CA ARG F 24 -9.87 2.27 -19.69
C ARG F 24 -11.35 1.97 -19.42
N ALA F 25 -11.67 1.92 -18.14
CA ALA F 25 -12.97 1.50 -17.65
C ALA F 25 -13.66 2.64 -16.92
N SER F 26 -14.96 2.79 -17.18
CA SER F 26 -15.77 3.81 -16.53
C SER F 26 -15.67 3.71 -15.02
N GLN F 27 -15.86 2.53 -14.49
CA GLN F 27 -15.70 2.23 -13.08
C GLN F 27 -14.45 1.37 -12.90
N GLY F 28 -14.29 0.85 -11.68
CA GLY F 28 -13.18 -0.03 -11.37
C GLY F 28 -13.55 -1.49 -11.56
N ILE F 29 -12.88 -2.15 -12.51
CA ILE F 29 -12.92 -3.59 -12.67
C ILE F 29 -11.53 -4.08 -12.30
N ILE F 30 -11.39 -4.62 -11.09
CA ILE F 30 -10.07 -4.82 -10.51
C ILE F 30 -9.18 -5.59 -11.47
N ASP F 31 -9.57 -6.82 -11.75
CA ASP F 31 -8.69 -7.80 -12.36
C ASP F 31 -9.45 -8.47 -13.50
N TYR F 32 -10.61 -7.93 -13.86
CA TYR F 32 -11.59 -8.55 -14.75
C TYR F 32 -11.51 -7.96 -16.17
N LEU F 33 -10.33 -8.06 -16.77
CA LEU F 33 -10.18 -7.69 -18.16
C LEU F 33 -9.65 -8.87 -18.96
N SER F 34 -10.29 -9.13 -20.09
CA SER F 34 -9.82 -10.11 -21.05
C SER F 34 -9.36 -9.40 -22.32
N TRP F 35 -8.25 -9.87 -22.88
CA TRP F 35 -7.68 -9.34 -24.11
C TRP F 35 -7.84 -10.41 -25.19
N TYR F 36 -8.52 -10.03 -26.27
CA TYR F 36 -8.86 -10.88 -27.40
C TYR F 36 -8.16 -10.40 -28.66
N GLN F 37 -7.93 -11.34 -29.58
CA GLN F 37 -7.39 -11.07 -30.90
C GLN F 37 -8.33 -11.66 -31.94
N GLN F 38 -8.76 -10.84 -32.90
CA GLN F 38 -9.56 -11.37 -34.00
C GLN F 38 -8.98 -10.88 -35.32
N LYS F 39 -8.80 -11.80 -36.21
CA LYS F 39 -8.30 -11.96 -37.56
C LYS F 39 -9.47 -12.04 -38.53
N PRO F 40 -9.27 -11.54 -39.76
CA PRO F 40 -10.40 -11.35 -40.69
C PRO F 40 -11.15 -12.64 -40.94
N GLY F 41 -12.48 -12.56 -40.87
CA GLY F 41 -13.32 -13.72 -41.16
C GLY F 41 -13.07 -14.89 -40.24
N LYS F 42 -12.86 -14.62 -38.95
CA LYS F 42 -12.64 -15.67 -37.97
C LYS F 42 -13.27 -15.23 -36.65
N ALA F 43 -13.33 -16.16 -35.71
CA ALA F 43 -13.82 -15.84 -34.38
C ALA F 43 -12.71 -15.22 -33.54
N PRO F 44 -13.07 -14.50 -32.49
CA PRO F 44 -12.05 -13.95 -31.58
C PRO F 44 -11.31 -15.04 -30.83
N LYS F 45 -10.01 -14.84 -30.66
CA LYS F 45 -9.18 -15.71 -29.82
C LYS F 45 -8.78 -14.97 -28.56
N LEU F 46 -8.89 -15.65 -27.42
CA LEU F 46 -8.52 -15.07 -26.15
C LEU F 46 -7.02 -15.16 -25.96
N LEU F 47 -6.37 -14.01 -25.70
CA LEU F 47 -4.94 -13.98 -25.42
C LEU F 47 -4.65 -13.85 -23.93
N ILE F 48 -5.24 -12.86 -23.27
CA ILE F 48 -4.97 -12.59 -21.87
C ILE F 48 -6.28 -12.71 -21.09
N SER F 49 -6.25 -13.44 -19.98
CA SER F 49 -7.36 -13.43 -19.05
C SER F 49 -6.88 -12.87 -17.71
N THR F 50 -7.83 -12.38 -16.92
CA THR F 50 -7.58 -11.79 -15.60
C THR F 50 -6.39 -10.84 -15.63
N ALA F 51 -6.41 -9.94 -16.62
CA ALA F 51 -5.50 -8.80 -16.72
C ALA F 51 -4.05 -9.14 -17.08
N SER F 52 -3.46 -10.16 -16.45
CA SER F 52 -2.03 -10.39 -16.63
C SER F 52 -1.65 -11.83 -16.98
N ASN F 53 -2.62 -12.71 -17.24
CA ASN F 53 -2.37 -14.13 -17.39
C ASN F 53 -2.45 -14.54 -18.86
N LEU F 54 -1.31 -14.92 -19.43
CA LEU F 54 -1.28 -15.51 -20.76
C LEU F 54 -2.00 -16.86 -20.77
N GLU F 55 -2.93 -17.02 -21.71
CA GLU F 55 -3.58 -18.31 -21.84
C GLU F 55 -2.63 -19.29 -22.53
N SER F 56 -2.73 -20.56 -22.15
CA SER F 56 -1.80 -21.57 -22.64
C SER F 56 -1.81 -21.63 -24.16
N GLY F 57 -0.63 -21.78 -24.75
CA GLY F 57 -0.50 -21.79 -26.19
C GLY F 57 -0.44 -20.44 -26.85
N VAL F 58 -0.41 -19.36 -26.08
CA VAL F 58 -0.30 -18.01 -26.63
C VAL F 58 1.13 -17.53 -26.44
N PRO F 59 1.77 -16.97 -27.47
CA PRO F 59 3.19 -16.61 -27.39
C PRO F 59 3.50 -15.71 -26.20
N SER F 60 4.72 -15.83 -25.70
CA SER F 60 5.18 -15.05 -24.55
C SER F 60 5.24 -13.56 -24.84
N ARG F 61 5.31 -13.17 -26.12
CA ARG F 61 5.47 -11.75 -26.43
C ARG F 61 4.24 -10.93 -26.05
N PHE F 62 3.08 -11.57 -25.99
CA PHE F 62 1.86 -10.91 -25.50
C PHE F 62 1.90 -10.82 -23.98
N SER F 63 1.64 -9.63 -23.46
CA SER F 63 1.69 -9.38 -22.02
C SER F 63 0.64 -8.34 -21.64
N GLY F 64 0.11 -8.45 -20.44
CA GLY F 64 -0.98 -7.59 -20.01
C GLY F 64 -0.78 -7.04 -18.61
N SER F 65 -1.15 -5.77 -18.43
CA SER F 65 -1.07 -5.12 -17.13
C SER F 65 -2.31 -4.29 -16.88
N GLY F 66 -2.55 -3.97 -15.61
CA GLY F 66 -3.76 -3.26 -15.22
C GLY F 66 -3.59 -2.53 -13.91
N SER F 67 -4.31 -1.40 -13.80
CA SER F 67 -4.39 -0.64 -12.56
C SER F 67 -5.78 -0.64 -11.95
N GLY F 68 -6.73 -1.36 -12.55
CA GLY F 68 -8.11 -1.30 -12.11
C GLY F 68 -8.95 -0.46 -13.04
N THR F 69 -8.40 0.64 -13.54
CA THR F 69 -9.11 1.47 -14.49
C THR F 69 -8.39 1.61 -15.84
N GLU F 70 -7.06 1.51 -15.87
CA GLU F 70 -6.30 1.47 -17.12
C GLU F 70 -5.70 0.08 -17.30
N PHE F 71 -5.78 -0.44 -18.53
CA PHE F 71 -5.31 -1.78 -18.84
C PHE F 71 -4.55 -1.73 -20.15
N THR F 72 -3.32 -2.26 -20.16
CA THR F 72 -2.44 -2.14 -21.31
C THR F 72 -1.96 -3.51 -21.76
N LEU F 73 -2.22 -3.83 -23.01
CA LEU F 73 -1.70 -5.00 -23.69
C LEU F 73 -0.46 -4.62 -24.50
N THR F 74 0.61 -5.39 -24.35
CA THR F 74 1.89 -5.11 -24.98
C THR F 74 2.33 -6.34 -25.78
N ILE F 75 2.57 -6.14 -27.07
CA ILE F 75 3.21 -7.12 -27.94
C ILE F 75 4.68 -6.75 -27.99
N SER F 76 5.54 -7.57 -27.38
CA SER F 76 6.92 -7.17 -27.15
C SER F 76 7.71 -7.09 -28.46
N SER F 77 7.59 -8.12 -29.30
CA SER F 77 8.19 -8.10 -30.64
C SER F 77 7.09 -8.41 -31.65
N LEU F 78 6.60 -7.40 -32.36
CA LEU F 78 5.58 -7.63 -33.36
C LEU F 78 6.11 -8.58 -34.42
N GLN F 79 5.30 -9.56 -34.78
CA GLN F 79 5.60 -10.53 -35.81
C GLN F 79 4.54 -10.43 -36.90
N PRO F 80 4.77 -10.93 -38.13
CA PRO F 80 3.79 -10.74 -39.19
C PRO F 80 2.46 -11.39 -38.80
N GLU F 81 2.55 -12.47 -38.03
CA GLU F 81 1.33 -13.22 -37.66
C GLU F 81 0.43 -12.31 -36.83
N ASP F 82 1.01 -11.49 -35.97
CA ASP F 82 0.17 -10.73 -35.03
C ASP F 82 -0.39 -9.47 -35.67
N PHE F 83 -1.24 -9.61 -36.69
CA PHE F 83 -1.94 -8.43 -37.21
C PHE F 83 -3.42 -8.72 -37.02
N ALA F 84 -4.10 -7.91 -36.20
CA ALA F 84 -5.51 -8.21 -35.92
C ALA F 84 -6.18 -7.03 -35.24
N THR F 85 -7.50 -7.07 -35.13
CA THR F 85 -8.16 -6.05 -34.27
C THR F 85 -8.14 -6.68 -32.87
N TYR F 86 -7.59 -5.99 -31.88
CA TYR F 86 -7.47 -6.48 -30.52
C TYR F 86 -8.54 -5.81 -29.66
N SER F 87 -9.08 -6.53 -28.69
CA SER F 87 -10.25 -6.02 -27.98
C SER F 87 -10.22 -6.34 -26.49
N CYS F 88 -10.96 -5.49 -25.77
CA CYS F 88 -11.20 -5.58 -24.36
C CYS F 88 -12.49 -6.32 -24.08
N LEU F 89 -12.53 -7.01 -22.96
CA LEU F 89 -13.79 -7.54 -22.45
C LEU F 89 -13.77 -7.35 -20.93
N GLN F 90 -14.63 -6.49 -20.42
CA GLN F 90 -14.78 -6.40 -18.98
C GLN F 90 -15.76 -7.49 -18.54
N GLY F 91 -15.30 -8.35 -17.65
CA GLY F 91 -16.06 -9.54 -17.31
C GLY F 91 -16.52 -9.53 -15.86
N TYR F 92 -16.83 -8.35 -15.36
CA TYR F 92 -17.16 -8.15 -13.96
C TYR F 92 -18.67 -8.02 -13.83
N THR F 93 -19.21 -6.86 -14.20
CA THR F 93 -20.64 -6.61 -14.09
C THR F 93 -21.33 -6.86 -15.43
N THR F 94 -22.61 -7.20 -15.34
CA THR F 94 -23.39 -7.49 -16.52
C THR F 94 -24.31 -6.30 -16.80
N PRO F 95 -24.35 -5.73 -18.01
CA PRO F 95 -23.90 -6.18 -19.34
C PRO F 95 -22.39 -6.22 -19.47
N TYR F 96 -21.87 -7.31 -20.05
CA TYR F 96 -20.47 -7.32 -20.41
C TYR F 96 -20.22 -6.31 -21.52
N THR F 97 -19.04 -5.70 -21.49
CA THR F 97 -18.72 -4.62 -22.41
C THR F 97 -17.41 -4.94 -23.11
N PHE F 98 -17.34 -4.59 -24.39
CA PHE F 98 -16.12 -4.70 -25.18
C PHE F 98 -15.56 -3.31 -25.49
N GLY F 99 -14.24 -3.23 -25.54
CA GLY F 99 -13.60 -2.08 -26.14
C GLY F 99 -13.98 -1.93 -27.59
N GLN F 100 -13.66 -0.78 -28.15
CA GLN F 100 -14.02 -0.53 -29.54
C GLN F 100 -13.12 -1.25 -30.52
N GLY F 101 -12.02 -1.83 -30.05
CA GLY F 101 -11.07 -2.52 -30.92
C GLY F 101 -10.04 -1.58 -31.49
N THR F 102 -8.85 -2.13 -31.76
CA THR F 102 -7.77 -1.40 -32.40
C THR F 102 -7.16 -2.28 -33.47
N LYS F 103 -6.88 -1.71 -34.62
CA LYS F 103 -6.38 -2.46 -35.77
C LYS F 103 -4.86 -2.31 -35.85
N VAL F 104 -4.14 -3.36 -35.50
CA VAL F 104 -2.70 -3.38 -35.65
C VAL F 104 -2.38 -3.77 -37.09
N GLU F 105 -1.70 -2.88 -37.79
CA GLU F 105 -1.19 -3.11 -39.13
C GLU F 105 0.33 -3.17 -39.04
N ILE F 106 0.96 -3.72 -40.07
CA ILE F 106 2.42 -3.83 -40.12
C ILE F 106 2.95 -2.94 -41.24
N LYS F 107 4.07 -2.28 -40.95
CA LYS F 107 4.80 -1.49 -41.94
C LYS F 107 5.84 -2.35 -42.65
N ARG F 108 6.05 -2.02 -43.93
CA ARG F 108 7.01 -2.79 -44.77
C ARG F 108 7.61 -1.83 -45.78
N THR F 109 8.55 -2.30 -46.62
CA THR F 109 9.22 -1.36 -47.55
C THR F 109 9.49 -1.97 -48.92
N VAL F 110 9.68 -1.13 -49.94
CA VAL F 110 10.13 -1.61 -51.28
C VAL F 110 9.22 -2.68 -51.93
N ALA F 111 7.90 -2.52 -51.87
CA ALA F 111 7.04 -3.48 -52.61
C ALA F 111 6.48 -2.78 -53.87
N ALA F 112 6.64 -3.40 -55.04
CA ALA F 112 6.18 -2.79 -56.31
C ALA F 112 4.98 -3.58 -56.87
N PRO F 113 3.81 -2.95 -57.11
CA PRO F 113 2.61 -3.70 -57.50
C PRO F 113 2.73 -4.23 -58.93
N SER F 114 2.37 -5.48 -59.12
CA SER F 114 2.30 -6.10 -60.45
C SER F 114 0.90 -5.91 -61.01
N VAL F 115 0.80 -5.13 -62.08
CA VAL F 115 -0.47 -4.65 -62.60
C VAL F 115 -0.96 -5.57 -63.71
N PHE F 116 -2.25 -5.91 -63.68
CA PHE F 116 -2.86 -6.76 -64.69
C PHE F 116 -4.19 -6.16 -65.12
N ILE F 117 -4.51 -6.25 -66.42
CA ILE F 117 -5.78 -5.78 -66.97
C ILE F 117 -6.58 -6.97 -67.47
N PHE F 118 -7.88 -6.97 -67.18
CA PHE F 118 -8.78 -8.05 -67.58
C PHE F 118 -9.86 -7.50 -68.51
N PRO F 119 -9.91 -7.94 -69.77
CA PRO F 119 -10.90 -7.40 -70.71
C PRO F 119 -12.31 -7.87 -70.38
N PRO F 120 -13.33 -7.15 -70.83
CA PRO F 120 -14.71 -7.54 -70.50
C PRO F 120 -15.02 -8.96 -70.97
N SER F 121 -15.88 -9.63 -70.21
CA SER F 121 -16.32 -10.97 -70.56
C SER F 121 -17.27 -10.92 -71.75
N ASP F 122 -17.06 -11.84 -72.70
CA ASP F 122 -17.97 -11.93 -73.83
C ASP F 122 -19.37 -12.33 -73.38
N GLU F 123 -19.48 -13.09 -72.29
CA GLU F 123 -20.78 -13.41 -71.73
C GLU F 123 -21.39 -12.20 -71.01
N GLN F 124 -20.55 -11.34 -70.44
CA GLN F 124 -21.08 -10.12 -69.82
C GLN F 124 -21.57 -9.13 -70.87
N LEU F 125 -20.93 -9.11 -72.04
CA LEU F 125 -21.35 -8.12 -73.05
C LEU F 125 -22.77 -8.39 -73.53
N LYS F 126 -23.12 -9.65 -73.80
CA LYS F 126 -24.51 -9.95 -74.16
C LYS F 126 -25.49 -9.52 -73.08
N SER F 127 -25.04 -9.38 -71.84
CA SER F 127 -25.95 -9.06 -70.74
C SER F 127 -26.34 -7.59 -70.72
N GLY F 128 -25.38 -6.69 -70.94
CA GLY F 128 -25.68 -5.27 -70.92
C GLY F 128 -24.51 -4.38 -70.57
N THR F 129 -23.95 -4.55 -69.36
CA THR F 129 -22.80 -3.77 -68.95
C THR F 129 -21.50 -4.48 -69.34
N ALA F 130 -20.39 -3.81 -69.05
CA ALA F 130 -19.06 -4.39 -69.18
C ALA F 130 -18.25 -3.93 -67.98
N SER F 131 -17.57 -4.86 -67.32
CA SER F 131 -16.81 -4.57 -66.12
C SER F 131 -15.34 -4.87 -66.38
N VAL F 132 -14.61 -3.86 -66.88
CA VAL F 132 -13.18 -3.99 -67.09
C VAL F 132 -12.48 -4.00 -65.74
N VAL F 133 -11.57 -4.95 -65.54
CA VAL F 133 -10.93 -5.16 -64.24
C VAL F 133 -9.42 -4.99 -64.40
N CYS F 134 -8.80 -4.39 -63.39
CA CYS F 134 -7.35 -4.23 -63.29
C CYS F 134 -6.92 -4.75 -61.91
N LEU F 135 -5.73 -5.36 -61.83
CA LEU F 135 -5.28 -6.02 -60.61
C LEU F 135 -3.91 -5.54 -60.18
N LEU F 136 -3.86 -4.95 -58.99
CA LEU F 136 -2.65 -4.53 -58.29
C LEU F 136 -2.34 -5.56 -57.21
N ASN F 137 -1.12 -6.09 -57.17
CA ASN F 137 -0.97 -7.31 -56.40
C ASN F 137 0.36 -7.40 -55.66
N ASN F 138 0.26 -7.80 -54.39
CA ASN F 138 1.37 -8.00 -53.45
C ASN F 138 2.23 -6.74 -53.31
N PHE F 139 1.63 -5.69 -52.75
CA PHE F 139 2.31 -4.40 -52.66
C PHE F 139 2.03 -3.71 -51.33
N TYR F 140 3.07 -3.05 -50.80
CA TYR F 140 2.98 -2.13 -49.69
C TYR F 140 3.60 -0.79 -50.11
N PRO F 141 2.92 0.34 -49.88
CA PRO F 141 1.61 0.50 -49.24
C PRO F 141 0.41 0.12 -50.09
N ARG F 142 -0.69 -0.11 -49.39
CA ARG F 142 -2.02 -0.32 -49.96
C ARG F 142 -2.47 0.67 -51.02
N GLU F 143 -2.01 1.92 -50.97
CA GLU F 143 -2.50 2.92 -51.93
C GLU F 143 -1.81 2.73 -53.26
N ALA F 144 -2.52 2.13 -54.22
CA ALA F 144 -2.13 2.12 -55.63
C ALA F 144 -3.37 2.52 -56.43
N LYS F 145 -3.75 3.79 -56.32
CA LYS F 145 -4.99 4.25 -56.91
C LYS F 145 -4.98 4.10 -58.41
N VAL F 146 -6.13 3.72 -58.97
CA VAL F 146 -6.26 3.38 -60.38
C VAL F 146 -7.01 4.51 -61.07
N GLN F 147 -6.38 5.09 -62.09
CA GLN F 147 -7.03 6.05 -62.98
C GLN F 147 -7.21 5.39 -64.33
N TRP F 148 -8.46 5.26 -64.76
CA TRP F 148 -8.76 4.78 -66.10
C TRP F 148 -8.85 5.99 -67.02
N LYS F 149 -7.93 6.10 -67.96
CA LYS F 149 -8.15 7.01 -69.08
C LYS F 149 -8.99 6.22 -70.08
N VAL F 150 -10.31 6.29 -69.91
CA VAL F 150 -11.23 5.66 -70.84
C VAL F 150 -11.03 6.32 -72.19
N ASP F 151 -10.47 5.58 -73.14
CA ASP F 151 -9.94 6.12 -74.40
C ASP F 151 -8.88 7.14 -73.98
N ASN F 152 -9.02 8.43 -74.29
CA ASN F 152 -8.26 9.48 -73.61
C ASN F 152 -9.15 10.43 -72.80
N ALA F 153 -10.34 10.00 -72.41
CA ALA F 153 -11.21 10.81 -71.56
C ALA F 153 -11.02 10.40 -70.10
N LEU F 154 -10.73 11.41 -69.28
CA LEU F 154 -10.41 11.15 -67.85
C LEU F 154 -11.68 10.77 -67.10
N GLN F 155 -11.61 9.69 -66.33
CA GLN F 155 -12.86 9.22 -65.67
C GLN F 155 -12.75 9.23 -64.15
N SER F 156 -13.68 9.90 -63.47
CA SER F 156 -13.72 9.85 -61.98
C SER F 156 -15.11 9.38 -61.58
N GLY F 157 -15.23 8.39 -60.70
CA GLY F 157 -16.55 7.97 -60.21
C GLY F 157 -17.24 7.03 -61.17
N ASN F 158 -16.58 6.64 -62.26
CA ASN F 158 -17.18 5.61 -63.15
C ASN F 158 -16.46 4.30 -62.78
N SER F 159 -15.67 4.35 -61.71
CA SER F 159 -14.99 3.15 -61.25
C SER F 159 -14.83 3.24 -59.74
N GLN F 160 -14.80 2.09 -59.09
CA GLN F 160 -14.66 2.00 -57.64
C GLN F 160 -13.58 0.98 -57.30
N GLU F 161 -12.86 1.24 -56.21
CA GLU F 161 -11.81 0.34 -55.78
C GLU F 161 -12.35 -0.73 -54.82
N SER F 162 -11.52 -1.75 -54.60
CA SER F 162 -11.80 -2.76 -53.58
C SER F 162 -10.44 -3.30 -53.12
N VAL F 163 -10.11 -3.09 -51.85
CA VAL F 163 -8.75 -3.26 -51.35
C VAL F 163 -8.74 -4.33 -50.26
N THR F 164 -7.85 -5.32 -50.42
CA THR F 164 -7.76 -6.44 -49.49
C THR F 164 -7.17 -5.99 -48.15
N GLU F 165 -7.11 -6.93 -47.22
CA GLU F 165 -6.48 -6.72 -45.92
C GLU F 165 -4.96 -6.85 -46.05
N GLN F 166 -4.28 -6.87 -44.91
CA GLN F 166 -2.84 -7.06 -44.87
C GLN F 166 -2.53 -8.54 -44.71
N ASP F 167 -1.68 -9.05 -45.61
CA ASP F 167 -1.38 -10.47 -45.67
C ASP F 167 -0.47 -10.87 -44.52
N SER F 168 -0.65 -12.09 -44.02
CA SER F 168 0.06 -12.53 -42.81
C SER F 168 1.40 -13.19 -43.10
N LYS F 169 1.77 -13.36 -44.36
CA LYS F 169 3.08 -13.89 -44.75
C LYS F 169 4.06 -12.77 -45.09
N ASP F 170 3.71 -11.92 -46.06
CA ASP F 170 4.61 -10.89 -46.55
C ASP F 170 4.19 -9.48 -46.22
N SER F 171 3.02 -9.28 -45.61
CA SER F 171 2.53 -7.96 -45.21
C SER F 171 2.22 -7.07 -46.42
N THR F 172 1.72 -7.66 -47.50
CA THR F 172 1.36 -6.92 -48.69
C THR F 172 -0.15 -6.89 -48.89
N TYR F 173 -0.62 -5.80 -49.49
CA TYR F 173 -2.00 -5.66 -49.90
C TYR F 173 -2.18 -6.07 -51.36
N SER F 174 -3.44 -6.21 -51.76
CA SER F 174 -3.82 -6.20 -53.16
C SER F 174 -4.93 -5.20 -53.33
N LEU F 175 -5.18 -4.81 -54.57
CA LEU F 175 -6.25 -3.86 -54.85
C LEU F 175 -6.82 -4.16 -56.22
N SER F 176 -8.15 -4.20 -56.31
CA SER F 176 -8.89 -4.55 -57.53
C SER F 176 -9.77 -3.37 -57.92
N SER F 177 -9.64 -2.94 -59.16
CA SER F 177 -10.41 -1.84 -59.72
C SER F 177 -11.33 -2.40 -60.79
N THR F 178 -12.60 -2.00 -60.75
CA THR F 178 -13.62 -2.51 -61.68
C THR F 178 -14.33 -1.35 -62.34
N LEU F 179 -14.12 -1.18 -63.65
CA LEU F 179 -14.71 -0.10 -64.43
C LEU F 179 -15.94 -0.63 -65.16
N THR F 180 -17.12 -0.19 -64.73
CA THR F 180 -18.38 -0.61 -65.31
C THR F 180 -18.85 0.44 -66.32
N LEU F 181 -18.79 0.10 -67.60
CA LEU F 181 -19.40 0.84 -68.68
C LEU F 181 -20.54 0.01 -69.25
N SER F 182 -21.24 0.54 -70.25
CA SER F 182 -22.15 -0.32 -70.97
C SER F 182 -21.40 -1.00 -72.11
N LYS F 183 -22.01 -2.05 -72.65
CA LYS F 183 -21.57 -2.65 -73.90
C LYS F 183 -21.36 -1.60 -74.99
N ALA F 184 -22.39 -0.82 -75.27
CA ALA F 184 -22.30 0.18 -76.34
C ALA F 184 -21.18 1.18 -76.08
N ASP F 185 -21.02 1.60 -74.82
CA ASP F 185 -19.89 2.46 -74.46
C ASP F 185 -18.57 1.75 -74.73
N TYR F 186 -18.54 0.43 -74.49
CA TYR F 186 -17.29 -0.31 -74.62
C TYR F 186 -16.81 -0.37 -76.07
N GLU F 187 -17.72 -0.59 -77.01
CA GLU F 187 -17.32 -0.87 -78.39
C GLU F 187 -16.66 0.33 -79.06
N LYS F 188 -17.21 1.54 -78.87
CA LYS F 188 -16.78 2.66 -79.70
C LYS F 188 -15.36 3.11 -79.36
N HIS F 189 -15.03 3.23 -78.07
CA HIS F 189 -13.68 3.63 -77.71
C HIS F 189 -12.65 2.62 -78.24
N LYS F 190 -12.84 1.34 -77.91
CA LYS F 190 -11.99 0.24 -78.38
C LYS F 190 -10.59 0.35 -77.78
N VAL F 191 -10.40 1.17 -76.75
CA VAL F 191 -9.10 1.46 -76.14
C VAL F 191 -9.31 1.64 -74.64
N TYR F 192 -8.61 0.84 -73.83
CA TYR F 192 -8.83 0.86 -72.39
C TYR F 192 -7.53 0.63 -71.63
N ALA F 193 -7.32 1.43 -70.59
CA ALA F 193 -6.04 1.45 -69.88
C ALA F 193 -6.27 1.77 -68.41
N CYS F 194 -5.52 1.09 -67.54
CA CYS F 194 -5.48 1.38 -66.11
C CYS F 194 -4.09 1.88 -65.75
N GLU F 195 -4.02 3.10 -65.22
CA GLU F 195 -2.78 3.70 -64.72
C GLU F 195 -2.74 3.57 -63.20
N VAL F 196 -1.54 3.41 -62.65
CA VAL F 196 -1.38 3.13 -61.23
C VAL F 196 -0.48 4.18 -60.60
N THR F 197 -0.81 4.58 -59.37
CA THR F 197 -0.02 5.52 -58.59
C THR F 197 0.46 4.83 -57.32
N HIS F 198 1.76 4.63 -57.21
CA HIS F 198 2.36 3.95 -56.08
C HIS F 198 3.77 4.51 -55.89
N GLN F 199 4.47 4.03 -54.87
CA GLN F 199 5.87 4.41 -54.65
C GLN F 199 6.78 3.59 -55.57
N GLY F 200 6.57 3.78 -56.87
CA GLY F 200 7.37 3.13 -57.89
C GLY F 200 8.09 4.13 -58.77
N LEU F 201 7.56 5.35 -58.84
CA LEU F 201 8.19 6.48 -59.54
C LEU F 201 8.55 6.14 -60.98
N SER F 202 7.69 5.37 -61.64
CA SER F 202 7.79 5.17 -63.08
C SER F 202 6.50 5.52 -63.81
N SER F 203 5.42 5.80 -63.08
CA SER F 203 4.10 6.01 -63.67
C SER F 203 3.77 4.94 -64.69
N PRO F 204 3.83 3.66 -64.31
CA PRO F 204 3.65 2.59 -65.30
C PRO F 204 2.21 2.54 -65.76
N VAL F 205 2.03 2.30 -67.06
CA VAL F 205 0.70 2.30 -67.67
C VAL F 205 0.54 1.04 -68.51
N THR F 206 -0.52 0.29 -68.25
CA THR F 206 -0.86 -0.92 -69.00
C THR F 206 -2.06 -0.66 -69.89
N LYS F 207 -2.03 -1.23 -71.10
CA LYS F 207 -2.94 -0.91 -72.19
C LYS F 207 -3.77 -2.13 -72.56
N SER F 208 -4.81 -1.92 -73.38
CA SER F 208 -5.71 -2.99 -73.79
C SER F 208 -6.45 -2.56 -75.06
N PHE F 209 -6.56 -3.46 -76.02
CA PHE F 209 -6.90 -2.97 -77.35
C PHE F 209 -8.06 -3.85 -77.73
N ASN F 210 -9.24 -3.26 -77.91
CA ASN F 210 -10.42 -4.08 -78.09
C ASN F 210 -10.30 -5.02 -79.28
N ARG F 211 -10.57 -6.31 -79.05
CA ARG F 211 -10.39 -7.36 -80.05
C ARG F 211 -8.96 -7.40 -80.56
C1 NAG G . -20.20 -32.40 26.62
C2 NAG G . -21.71 -32.39 26.77
C3 NAG G . -22.10 -32.50 28.24
C4 NAG G . -21.38 -33.65 28.92
C5 NAG G . -19.89 -33.64 28.62
C6 NAG G . -19.17 -34.88 29.10
C7 NAG G . -22.88 -31.16 24.98
C8 NAG G . -23.40 -29.82 24.53
N2 NAG G . -22.28 -31.18 26.18
O3 NAG G . -23.51 -32.69 28.32
O4 NAG G . -21.53 -33.57 30.32
O5 NAG G . -19.68 -33.57 27.22
O6 NAG G . -19.61 -36.04 28.42
O7 NAG G . -23.01 -32.17 24.30
C1 NAG G . -22.34 -34.67 30.74
C2 NAG G . -22.22 -34.79 32.26
C3 NAG G . -23.18 -35.86 32.79
C4 NAG G . -24.60 -35.61 32.27
C5 NAG G . -24.56 -35.50 30.75
C6 NAG G . -25.91 -35.19 30.14
C7 NAG G . -20.02 -34.19 33.18
C8 NAG G . -18.65 -34.70 33.54
N2 NAG G . -20.86 -35.10 32.66
O3 NAG G . -23.13 -35.81 34.20
O4 NAG G . -25.47 -36.68 32.63
O5 NAG G . -23.68 -34.44 30.38
O6 NAG G . -26.29 -33.84 30.39
O7 NAG G . -20.35 -33.03 33.35
C1 BMA G . -25.99 -36.43 33.96
C2 BMA G . -27.40 -35.82 33.91
C3 BMA G . -27.83 -35.52 35.34
C4 BMA G . -27.70 -36.77 36.26
C5 BMA G . -26.29 -37.41 36.12
C6 BMA G . -26.16 -38.76 36.83
O2 BMA G . -28.35 -36.74 33.37
O3 BMA G . -29.15 -35.00 35.40
O4 BMA G . -27.92 -36.40 37.60
O5 BMA G . -26.01 -37.64 34.73
O6 BMA G . -25.78 -38.53 38.19
C1 FUC G . -18.87 -37.18 28.91
C2 FUC G . -19.83 -38.06 29.76
C3 FUC G . -19.11 -39.27 30.34
C4 FUC G . -18.23 -40.07 29.30
C5 FUC G . -17.90 -39.30 27.95
C6 FUC G . -16.42 -39.40 27.54
O2 FUC G . -21.03 -38.43 29.08
O3 FUC G . -18.28 -38.87 31.45
O4 FUC G . -17.02 -40.53 29.91
O5 FUC G . -18.30 -37.89 27.81
C1 NAG H . -29.42 0.11 -7.69
C2 NAG H . -29.78 1.29 -8.59
C3 NAG H . -30.92 2.08 -7.97
C4 NAG H . -32.09 1.16 -7.66
C5 NAG H . -31.64 -0.07 -6.87
C6 NAG H . -32.73 -1.12 -6.69
C7 NAG H . -28.19 2.48 -10.04
C8 NAG H . -26.98 3.36 -10.08
N2 NAG H . -28.62 2.14 -8.81
O3 NAG H . -31.31 3.10 -8.88
O4 NAG H . -33.05 1.88 -6.88
O5 NAG H . -30.56 -0.73 -7.54
O6 NAG H . -32.34 -2.40 -7.14
O7 NAG H . -28.75 2.08 -11.05
C1 NAG H . -34.33 1.70 -7.50
C2 NAG H . -35.41 1.74 -6.41
C3 NAG H . -36.80 1.61 -7.03
C4 NAG H . -36.98 2.64 -8.14
C5 NAG H . -35.84 2.52 -9.15
C6 NAG H . -35.91 3.56 -10.26
C7 NAG H . -34.53 0.89 -4.28
C8 NAG H . -34.41 -0.29 -3.38
N2 NAG H . -35.20 0.70 -5.42
O3 NAG H . -37.79 1.80 -6.03
O4 NAG H . -38.23 2.46 -8.79
O5 NAG H . -34.60 2.71 -8.48
O6 NAG H . -35.18 4.72 -9.91
O7 NAG H . -34.05 1.99 -3.99
C1 BMA H . -39.05 3.59 -8.45
C2 BMA H . -40.16 3.68 -9.52
C3 BMA H . -41.19 4.74 -9.14
C4 BMA H . -41.64 4.62 -7.67
C5 BMA H . -40.43 4.55 -6.72
C6 BMA H . -40.87 4.32 -5.27
O2 BMA H . -40.87 2.45 -9.61
O3 BMA H . -42.33 4.67 -9.99
O4 BMA H . -42.45 5.72 -7.32
O5 BMA H . -39.60 3.45 -7.12
O6 BMA H . -39.72 4.17 -4.46
C1 MAN H . -42.27 5.67 -11.02
C2 MAN H . -43.73 6.08 -11.28
C3 MAN H . -44.51 4.90 -11.88
C4 MAN H . -43.74 4.21 -13.04
C5 MAN H . -42.26 3.96 -12.69
C6 MAN H . -41.42 3.52 -13.88
O2 MAN H . -43.83 7.15 -12.22
O3 MAN H . -45.80 5.30 -12.31
O4 MAN H . -44.36 2.95 -13.33
O5 MAN H . -41.67 5.17 -12.18
O6 MAN H . -40.08 3.24 -13.45
C1 FUC H . -33.04 -2.71 -8.37
C2 FUC H . -33.19 -4.27 -8.53
C3 FUC H . -34.47 -4.63 -9.29
C4 FUC H . -34.77 -3.56 -10.37
C5 FUC H . -35.12 -2.25 -9.65
C6 FUC H . -34.97 -0.99 -10.50
O2 FUC H . -33.11 -4.99 -7.29
O3 FUC H . -34.35 -5.91 -9.91
O4 FUC H . -33.66 -3.36 -11.24
O5 FUC H . -34.32 -2.06 -8.42
C1 NAG I . -9.96 -32.38 -8.61
C2 NAG I . -9.36 -32.16 -9.99
C3 NAG I . -8.91 -33.48 -10.59
C4 NAG I . -7.99 -34.25 -9.64
C5 NAG I . -8.61 -34.34 -8.24
C6 NAG I . -7.64 -34.88 -7.21
C7 NAG I . -10.57 -30.18 -10.82
C8 NAG I . -11.56 -29.68 -11.83
N2 NAG I . -10.30 -31.49 -10.88
O3 NAG I . -8.23 -33.23 -11.82
O4 NAG I . -7.83 -35.58 -10.10
O5 NAG I . -9.02 -33.05 -7.78
O6 NAG I . -6.94 -36.03 -7.68
O7 NAG I . -10.04 -29.44 -10.01
C1 NAG I . -6.67 -35.78 -10.93
C2 NAG I . -7.12 -36.44 -12.25
C3 NAG I . -5.93 -36.60 -13.19
C4 NAG I . -5.36 -35.22 -13.47
C5 NAG I . -4.87 -34.62 -12.16
C6 NAG I . -4.33 -33.21 -12.33
C7 NAG I . -9.09 -37.88 -12.13
C8 NAG I . -9.62 -39.25 -11.87
N2 NAG I . -7.77 -37.72 -12.02
O3 NAG I . -6.33 -37.25 -14.39
O4 NAG I . -4.41 -35.20 -14.52
O5 NAG I . -5.95 -34.52 -11.23
O6 NAG I . -5.38 -32.26 -12.37
O7 NAG I . -9.84 -36.94 -12.42
C1 BMA I . -3.25 -36.03 -14.38
C2 BMA I . -3.23 -36.94 -15.65
C3 BMA I . -1.83 -37.50 -15.93
C4 BMA I . -0.79 -36.39 -15.85
C5 BMA I . -0.80 -35.81 -14.43
C6 BMA I . 0.27 -34.74 -14.25
O2 BMA I . -3.61 -36.23 -16.81
O3 BMA I . -1.78 -38.12 -17.22
O4 BMA I . 0.49 -36.91 -16.15
O5 BMA I . -2.10 -35.21 -14.21
O6 BMA I . 0.07 -34.10 -12.98
C1 NAG J . 38.09 9.03 -25.32
C2 NAG J . 37.68 10.28 -26.03
C3 NAG J . 37.41 9.87 -27.47
C4 NAG J . 38.73 9.43 -28.08
C5 NAG J . 39.35 8.29 -27.21
C6 NAG J . 40.80 7.95 -27.48
C7 NAG J . 36.71 12.08 -24.69
C8 NAG J . 35.47 12.71 -24.15
N2 NAG J . 36.56 10.97 -25.43
O3 NAG J . 36.56 10.72 -28.24
O4 NAG J . 38.56 9.09 -29.45
O5 NAG J . 39.33 8.62 -25.81
O6 NAG J . 40.97 6.57 -27.77
O7 NAG J . 37.83 12.54 -24.46
C1 NAG J . 39.88 9.34 -30.01
C2 NAG J . 40.04 8.93 -31.47
C3 NAG J . 41.51 9.07 -31.84
C4 NAG J . 42.05 10.45 -31.47
C5 NAG J . 41.59 10.95 -30.10
C6 NAG J . 41.85 12.43 -29.88
C7 NAG J . 38.53 7.27 -32.44
C8 NAG J . 38.19 5.80 -32.56
N2 NAG J . 39.59 7.56 -31.68
O3 NAG J . 41.67 8.83 -33.24
O4 NAG J . 43.48 10.37 -31.37
O5 NAG J . 40.18 10.75 -29.89
O6 NAG J . 41.45 13.18 -31.02
O7 NAG J . 37.86 8.13 -32.99
C1 BMA J . 44.24 10.76 -32.54
C2 BMA J . 43.37 11.49 -33.62
C3 BMA J . 44.28 11.70 -34.81
C4 BMA J . 45.50 12.56 -34.41
C5 BMA J . 46.25 11.90 -33.22
C6 BMA J . 47.36 12.79 -32.67
O2 BMA J . 42.95 12.78 -33.19
O3 BMA J . 43.58 12.28 -35.90
O4 BMA J . 46.37 12.68 -35.52
O5 BMA J . 45.32 11.64 -32.15
O6 BMA J . 48.20 12.00 -31.84
C1 FUC J . 35.32 9.95 -28.17
C2 FUC J . 34.09 10.89 -28.38
C3 FUC J . 33.99 11.32 -29.85
C4 FUC J . 33.88 10.08 -30.78
C5 FUC J . 35.08 9.15 -30.52
C6 FUC J . 34.96 7.81 -31.26
O2 FUC J . 34.10 12.01 -27.50
O3 FUC J . 32.83 12.13 -30.06
O4 FUC J . 32.64 9.40 -30.58
O5 FUC J . 35.26 8.84 -29.11
C1 FUC J . 42.11 6.46 -28.64
C2 FUC J . 43.25 5.76 -27.87
C3 FUC J . 42.91 4.28 -27.65
C4 FUC J . 42.66 3.61 -29.02
C5 FUC J . 41.50 4.34 -29.69
C6 FUC J . 41.16 3.80 -31.08
O2 FUC J . 43.55 6.40 -26.63
O3 FUC J . 43.99 3.60 -27.00
O4 FUC J . 43.82 3.70 -29.83
O5 FUC J . 41.76 5.76 -29.83
C1 NAG K . 8.52 28.03 6.87
C2 NAG K . 7.24 28.70 7.31
C3 NAG K . 7.15 30.09 6.70
C4 NAG K . 8.47 30.88 6.85
C5 NAG K . 9.73 30.01 6.74
C6 NAG K . 10.92 30.59 7.45
C7 NAG K . 5.70 27.61 5.70
C8 NAG K . 4.46 26.76 5.57
N2 NAG K . 6.08 27.89 6.95
O3 NAG K . 6.11 30.79 7.36
O4 NAG K . 8.51 31.87 5.82
O5 NAG K . 9.56 28.72 7.33
O6 NAG K . 12.09 30.59 6.65
O7 NAG K . 6.30 28.02 4.71
C1 NAG K . 9.17 33.08 6.29
C2 NAG K . 9.41 34.10 5.17
C3 NAG K . 10.03 35.37 5.74
C4 NAG K . 9.17 35.92 6.87
C5 NAG K . 8.95 34.83 7.92
C6 NAG K . 8.02 35.26 9.03
C7 NAG K . 9.80 33.15 2.93
C8 NAG K . 8.33 33.28 2.71
N2 NAG K . 10.26 33.55 4.13
O3 NAG K . 10.18 36.35 4.71
O4 NAG K . 9.80 37.03 7.48
O5 NAG K . 8.35 33.68 7.32
O6 NAG K . 6.67 35.20 8.62
O7 NAG K . 10.55 32.71 2.07
C1 BMA K . 9.14 38.24 7.04
C2 BMA K . 9.15 39.24 8.23
C3 BMA K . 8.70 40.65 7.78
C4 BMA K . 9.37 41.07 6.45
C5 BMA K . 9.23 39.97 5.37
C6 BMA K . 9.94 40.32 4.08
O2 BMA K . 10.44 39.37 8.77
O3 BMA K . 8.98 41.60 8.81
O4 BMA K . 8.80 42.28 5.97
O5 BMA K . 9.80 38.77 5.89
O6 BMA K . 9.72 39.29 3.12
C1 MAN K . 7.76 42.05 9.45
C2 MAN K . 8.00 43.52 9.88
C3 MAN K . 8.99 43.58 11.06
C4 MAN K . 8.61 42.60 12.20
C5 MAN K . 8.37 41.18 11.64
C6 MAN K . 7.83 40.22 12.70
O2 MAN K . 6.80 44.16 10.31
O3 MAN K . 9.13 44.91 11.57
O4 MAN K . 9.66 42.54 13.15
O5 MAN K . 7.41 41.23 10.57
O6 MAN K . 7.41 39.02 12.06
C1 FUC K . 12.69 31.85 7.05
C2 FUC K . 13.23 31.67 8.52
C3 FUC K . 14.15 32.84 8.91
C4 FUC K . 13.96 34.06 7.95
C5 FUC K . 14.24 33.61 6.47
C6 FUC K . 13.68 34.51 5.39
O2 FUC K . 13.86 30.41 8.77
O3 FUC K . 13.89 33.23 10.26
O4 FUC K . 12.66 34.67 8.09
O5 FUC K . 13.75 32.26 6.18
C1 NAG L . 33.89 -0.05 9.07
C2 NAG L . 33.24 -0.22 10.41
C3 NAG L . 34.20 -0.92 11.36
C4 NAG L . 34.66 -2.26 10.78
C5 NAG L . 35.00 -2.20 9.26
C6 NAG L . 34.88 -3.54 8.58
C7 NAG L . 31.60 1.58 10.73
C8 NAG L . 31.33 2.90 11.36
N2 NAG L . 32.82 1.06 10.96
O3 NAG L . 33.55 -1.14 12.60
O4 NAG L . 35.85 -2.66 11.46
O5 NAG L . 34.13 -1.31 8.52
O6 NAG L . 35.03 -4.63 9.47
O7 NAG L . 30.78 0.99 10.04
C1 NAG L . 35.69 -3.68 12.48
C2 NAG L . 36.78 -3.51 13.53
C3 NAG L . 36.65 -4.57 14.62
C4 NAG L . 35.23 -4.63 15.18
C5 NAG L . 34.19 -4.70 14.06
C6 NAG L . 32.77 -4.57 14.53
C7 NAG L . 38.88 -2.47 12.82
C8 NAG L . 40.22 -2.70 12.19
N2 NAG L . 38.10 -3.55 12.94
O3 NAG L . 37.56 -4.30 15.68
O4 NAG L . 35.11 -5.80 15.98
O5 NAG L . 34.40 -3.64 13.10
O6 NAG L . 31.84 -4.86 13.48
O7 NAG L . 38.52 -1.36 13.19
C1 BMA L . 35.01 -5.58 17.40
C2 BMA L . 34.99 -6.99 18.08
C3 BMA L . 35.00 -6.88 19.59
C4 BMA L . 36.14 -5.96 20.07
C5 BMA L . 35.92 -4.59 19.40
C6 BMA L . 36.87 -3.48 19.90
O2 BMA L . 36.17 -7.75 17.71
O3 BMA L . 35.09 -8.15 20.22
O4 BMA L . 36.12 -5.84 21.48
O5 BMA L . 36.04 -4.77 17.96
O6 BMA L . 38.18 -3.66 19.38
C1 NAG M . -43.29 -32.76 0.29
C2 NAG M . -42.68 -33.01 1.67
C3 NAG M . -42.94 -34.46 2.10
C4 NAG M . -44.43 -34.76 2.05
C5 NAG M . -44.97 -34.45 0.66
C6 NAG M . -46.47 -34.65 0.52
C7 NAG M . -40.73 -31.65 2.29
C8 NAG M . -39.24 -31.52 2.22
N2 NAG M . -41.25 -32.73 1.69
O3 NAG M . -42.41 -34.71 3.39
O4 NAG M . -44.67 -36.13 2.35
O5 NAG M . -44.70 -33.08 0.31
O6 NAG M . -47.14 -34.37 1.75
O7 NAG M . -41.43 -30.83 2.87
C1 NAG N . 44.39 31.02 0.11
C2 NAG N . 44.64 30.08 -1.05
C3 NAG N . 46.08 29.62 -1.00
C4 NAG N . 47.02 30.83 -1.01
C5 NAG N . 46.63 31.84 0.08
C6 NAG N . 47.40 33.14 -0.01
C7 NAG N . 43.13 28.50 -2.17
C8 NAG N . 42.22 27.33 -2.00
N2 NAG N . 43.73 28.95 -1.05
O3 NAG N . 46.38 28.74 -2.09
O4 NAG N . 48.35 30.40 -0.77
O5 NAG N . 45.23 32.18 -0.01
O6 NAG N . 46.84 34.01 -0.98
O7 NAG N . 43.32 29.04 -3.26
#